data_9JLF
#
_entry.id   9JLF
#
loop_
_entity.id
_entity.type
_entity.pdbx_description
1 polymer 'Terminator protein'
2 polymer 'Tail tube protein'
3 polymer 'Portal protein'
4 polymer 'Adaptor protein'
5 polymer 'Connector protein'
#
loop_
_entity_poly.entity_id
_entity_poly.type
_entity_poly.pdbx_seq_one_letter_code
_entity_poly.pdbx_strand_id
1 'polypeptide(L)'
;MHYELSAAARAAFLSKYRDFPHYMENRNFTPPKDGGMWLRFNYIEGDTLYLSIDRKCKSYIAIVQIGVVFPPGSGVDEAR
LKAKEIADFFKDGKMLNVGYIFEGAIVHQIVKHESGWMIPVRFTVRVDTKET
;
D
2 'polypeptide(L)'
;MHLPNGAQIFVETSRGEEIEATAVTNEKNPVATVASKGDLAKGDYVIVTQSTWAKMVSRVLIVTDAQETSITLAGIDTSD
TLVFPAGGTMSFAKITGWTEIPCVQEIGQDGGEQQYYTYQCLSDDKEQQIPTFKSAISLTYTFAHEFDNPIYQILRKLDS
SGQVTAVRMYVPKASEMRMWAGILSFNDIPSTQVNEMETVELAVSLKGDFTFISSTLASPGA
;
E,F
3 'polypeptide(L)'
;MRYNQGCQLTAFFIGGNMKIVKHDGYNDIFNGGADGSPKPFFMSDASYHVGSFYNDNATAKRIVDVIPEEMVTAGFKISG
VKDEKEFKSLWDSYKIDPSLVDALCWARLYGGAAIVAIINDNRMLTSPVKPGAKLEGVRVYDRFAITIEKRVTNARSPRY
GEPEIYKVSPGDNIQPYLIHHTRIFIADGERVTPQMRKQNQGWGASVLNKSLIDAICDYDYCESLATQILRRKQQAVWKV
KGLAEMCDDDDAQYAARLRLAQVDDNSGVGRAIGIDAETEEYDVLNSDISGVPEFLSSKMDRIVSLSGIHEIIIKNKNVG
GVSASQNTALETFYKLVDRKREEDYRPLLEFLLPFIVDEQEWSIEFEPLSVPSKKEESEITKNNVESVTKAITEQIIDLE
EARDTLRSIAPEFKLKDGNNINIREPEEPTEPEPGLGEKLEDEN
;
a,A
4 'polypeptide(L)'
;MGVIMNQETLIAAVEQMRKLVPALRKVPDETLYAWVEMAELFVCQKTFKDAYVKAIALYALHLAFLDGALKGEDEDLESY
SRRVTSFSLSGEFSQTFGEVTKNQSGNMMLSTPWGKMFEQLKARRRGRFALMTGLRGGCH
;
b,B
5 'polypeptide(L)'
;MNYSQIERMARKGVAFFTDPSRPMNLIKQGEYGYDENGFEIPPMEQVIPISGATRRPNAREIDGETIRASDILGIFNNDH
EINEGDYIEIDGIRHVVVDARPVQASLEPVAYRPVLRRVSVGG
;
C
#
# COMPACT_ATOMS: atom_id res chain seq x y z
N MET A 1 -23.02 -4.17 -68.42
CA MET A 1 -22.24 -2.94 -68.60
C MET A 1 -22.84 -1.80 -67.78
N HIS A 2 -22.73 -1.92 -66.45
CA HIS A 2 -23.25 -0.92 -65.54
C HIS A 2 -22.18 -0.28 -64.68
N TYR A 3 -21.08 -0.99 -64.41
CA TYR A 3 -19.96 -0.42 -63.68
C TYR A 3 -19.22 0.61 -64.52
N GLU A 4 -19.01 0.31 -65.80
CA GLU A 4 -18.30 1.22 -66.69
C GLU A 4 -19.08 2.51 -66.92
N LEU A 5 -20.42 2.45 -66.86
CA LEU A 5 -21.21 3.66 -67.02
C LEU A 5 -20.97 4.64 -65.88
N SER A 6 -21.00 4.14 -64.64
CA SER A 6 -20.68 4.99 -63.50
C SER A 6 -19.25 5.48 -63.57
N ALA A 7 -18.33 4.61 -64.02
CA ALA A 7 -16.94 5.04 -64.18
C ALA A 7 -16.82 6.20 -65.17
N ALA A 8 -17.55 6.12 -66.29
CA ALA A 8 -17.51 7.19 -67.29
C ALA A 8 -18.10 8.47 -66.75
N ALA A 9 -19.21 8.39 -66.01
CA ALA A 9 -19.81 9.59 -65.43
C ALA A 9 -18.84 10.24 -64.45
N ARG A 10 -18.18 9.43 -63.60
CA ARG A 10 -17.19 9.97 -62.68
C ARG A 10 -16.03 10.60 -63.44
N ALA A 11 -15.58 9.95 -64.52
CA ALA A 11 -14.46 10.48 -65.29
C ALA A 11 -14.79 11.86 -65.85
N ALA A 12 -15.99 12.01 -66.41
CA ALA A 12 -16.40 13.32 -66.92
C ALA A 12 -16.49 14.35 -65.81
N PHE A 13 -17.08 13.97 -64.67
CA PHE A 13 -17.28 14.93 -63.60
C PHE A 13 -15.94 15.43 -63.05
N LEU A 14 -14.99 14.52 -62.83
CA LEU A 14 -13.67 14.96 -62.40
C LEU A 14 -12.93 15.70 -63.51
N SER A 15 -13.21 15.39 -64.77
CA SER A 15 -12.60 16.14 -65.86
C SER A 15 -13.03 17.59 -65.83
N LYS A 16 -14.25 17.86 -65.37
CA LYS A 16 -14.72 19.24 -65.31
C LYS A 16 -14.44 19.92 -63.97
N TYR A 17 -14.62 19.21 -62.85
CA TYR A 17 -14.62 19.82 -61.52
C TYR A 17 -13.64 19.11 -60.59
N ARG A 18 -12.40 18.93 -61.05
CA ARG A 18 -11.40 18.27 -60.22
C ARG A 18 -11.09 19.05 -58.96
N ASP A 19 -10.99 20.37 -59.06
CA ASP A 19 -10.50 21.18 -57.95
C ASP A 19 -11.60 21.63 -56.99
N PHE A 20 -12.85 21.74 -57.44
CA PHE A 20 -13.92 22.17 -56.57
C PHE A 20 -14.18 21.12 -55.49
N PRO A 21 -14.50 21.55 -54.26
CA PRO A 21 -14.82 20.58 -53.21
C PRO A 21 -16.05 19.77 -53.58
N HIS A 22 -15.98 18.46 -53.38
CA HIS A 22 -17.05 17.57 -53.80
C HIS A 22 -17.07 16.35 -52.90
N TYR A 23 -18.21 15.66 -52.91
CA TYR A 23 -18.43 14.45 -52.12
C TYR A 23 -18.66 13.27 -53.05
N MET A 24 -18.14 12.12 -52.69
CA MET A 24 -18.28 10.91 -53.49
C MET A 24 -18.85 9.78 -52.65
N GLU A 25 -19.51 8.84 -53.32
CA GLU A 25 -20.28 7.81 -52.63
C GLU A 25 -19.40 6.97 -51.72
N ASN A 26 -19.88 6.78 -50.48
CA ASN A 26 -19.24 5.88 -49.52
C ASN A 26 -17.79 6.25 -49.25
N ARG A 27 -17.51 7.55 -49.16
CA ARG A 27 -16.18 8.04 -48.81
C ARG A 27 -16.32 9.12 -47.74
N ASN A 28 -15.45 9.04 -46.73
CA ASN A 28 -15.47 10.03 -45.65
C ASN A 28 -15.09 11.40 -46.19
N PHE A 29 -15.97 12.37 -45.99
CA PHE A 29 -15.77 13.72 -46.50
C PHE A 29 -16.35 14.72 -45.52
N THR A 30 -15.59 15.77 -45.22
CA THR A 30 -16.07 16.80 -44.31
C THR A 30 -16.33 18.10 -45.05
N PRO A 31 -17.41 18.82 -44.70
CA PRO A 31 -17.71 20.05 -45.40
C PRO A 31 -16.64 21.09 -45.15
N PRO A 32 -16.46 22.04 -46.07
CA PRO A 32 -15.43 23.07 -45.88
C PRO A 32 -15.65 23.88 -44.62
N LYS A 33 -14.55 24.23 -43.95
CA LYS A 33 -14.64 25.00 -42.72
C LYS A 33 -15.14 26.41 -42.96
N ASP A 34 -14.85 26.97 -44.15
CA ASP A 34 -15.22 28.34 -44.45
C ASP A 34 -16.71 28.50 -44.71
N GLY A 35 -17.48 27.42 -44.74
CA GLY A 35 -18.91 27.51 -44.95
C GLY A 35 -19.33 27.66 -46.40
N GLY A 36 -18.40 27.58 -47.34
CA GLY A 36 -18.72 27.74 -48.73
C GLY A 36 -19.47 26.53 -49.28
N MET A 37 -19.88 26.66 -50.55
CA MET A 37 -20.65 25.62 -51.20
C MET A 37 -19.76 24.48 -51.66
N TRP A 38 -20.33 23.27 -51.67
CA TRP A 38 -19.63 22.09 -52.16
C TRP A 38 -20.59 21.27 -53.00
N LEU A 39 -20.01 20.45 -53.88
CA LEU A 39 -20.79 19.63 -54.79
C LEU A 39 -21.11 18.28 -54.18
N ARG A 40 -22.17 17.66 -54.69
CA ARG A 40 -22.64 16.36 -54.22
C ARG A 40 -22.87 15.46 -55.43
N PHE A 41 -22.40 14.22 -55.34
CA PHE A 41 -22.47 13.28 -56.44
C PHE A 41 -23.18 12.01 -56.00
N ASN A 42 -24.17 11.58 -56.79
CA ASN A 42 -24.90 10.35 -56.51
C ASN A 42 -25.19 9.63 -57.81
N TYR A 43 -25.31 8.30 -57.71
CA TYR A 43 -25.61 7.45 -58.86
C TYR A 43 -26.83 6.62 -58.52
N ILE A 44 -27.88 6.76 -59.33
CA ILE A 44 -29.15 6.08 -59.11
C ILE A 44 -29.34 5.06 -60.22
N GLU A 45 -29.42 3.78 -59.84
CA GLU A 45 -29.66 2.73 -60.82
C GLU A 45 -31.08 2.82 -61.37
N GLY A 46 -31.22 2.51 -62.66
CA GLY A 46 -32.50 2.48 -63.32
C GLY A 46 -33.00 1.06 -63.52
N ASP A 47 -33.38 0.74 -64.74
CA ASP A 47 -33.82 -0.60 -65.10
C ASP A 47 -33.18 -1.02 -66.43
N THR A 48 -33.02 -2.33 -66.59
CA THR A 48 -32.47 -2.91 -67.80
C THR A 48 -33.60 -3.51 -68.63
N LEU A 49 -33.66 -3.13 -69.89
CA LEU A 49 -34.76 -3.53 -70.78
C LEU A 49 -34.28 -4.59 -71.75
N TYR A 50 -35.03 -5.69 -71.84
CA TYR A 50 -34.80 -6.71 -72.85
C TYR A 50 -35.60 -6.32 -74.08
N LEU A 51 -34.90 -5.95 -75.15
CA LEU A 51 -35.55 -5.32 -76.30
C LEU A 51 -36.04 -6.33 -77.32
N SER A 52 -35.27 -7.38 -77.59
CA SER A 52 -35.60 -8.32 -78.65
C SER A 52 -36.34 -9.54 -78.08
N ILE A 53 -36.54 -10.54 -78.95
CA ILE A 53 -37.23 -11.76 -78.54
C ILE A 53 -36.26 -12.89 -78.21
N ASP A 54 -35.01 -12.79 -78.63
CA ASP A 54 -34.00 -13.79 -78.27
C ASP A 54 -33.25 -13.43 -77.00
N ARG A 55 -33.62 -12.33 -76.34
CA ARG A 55 -33.03 -11.92 -75.05
C ARG A 55 -31.52 -11.75 -75.17
N LYS A 56 -31.06 -11.12 -76.25
CA LYS A 56 -29.65 -10.91 -76.50
C LYS A 56 -29.25 -9.43 -76.44
N CYS A 57 -29.90 -8.58 -77.24
CA CYS A 57 -29.58 -7.16 -77.22
C CYS A 57 -30.36 -6.47 -76.10
N LYS A 58 -29.64 -5.81 -75.21
CA LYS A 58 -30.20 -5.22 -74.00
C LYS A 58 -29.98 -3.71 -73.99
N SER A 59 -30.35 -3.09 -72.88
CA SER A 59 -30.19 -1.65 -72.69
C SER A 59 -30.11 -1.37 -71.20
N TYR A 60 -29.36 -0.33 -70.84
CA TYR A 60 -29.17 0.05 -69.45
C TYR A 60 -29.50 1.53 -69.27
N ILE A 61 -30.27 1.84 -68.22
CA ILE A 61 -30.68 3.19 -67.90
C ILE A 61 -30.17 3.52 -66.50
N ALA A 62 -29.69 4.74 -66.32
CA ALA A 62 -29.19 5.18 -65.03
C ALA A 62 -29.46 6.66 -64.86
N ILE A 63 -29.47 7.11 -63.60
CA ILE A 63 -29.74 8.49 -63.25
C ILE A 63 -28.59 9.02 -62.41
N VAL A 64 -28.06 10.18 -62.81
CA VAL A 64 -26.97 10.84 -62.10
C VAL A 64 -27.50 12.16 -61.56
N GLN A 65 -27.34 12.37 -60.26
CA GLN A 65 -27.83 13.57 -59.59
C GLN A 65 -26.66 14.34 -59.00
N ILE A 66 -26.59 15.63 -59.30
CA ILE A 66 -25.58 16.53 -58.75
C ILE A 66 -26.31 17.64 -58.01
N GLY A 67 -25.97 17.82 -56.75
CA GLY A 67 -26.62 18.82 -55.91
C GLY A 67 -25.61 19.84 -55.40
N VAL A 68 -26.06 21.10 -55.32
CA VAL A 68 -25.26 22.19 -54.78
C VAL A 68 -25.88 22.62 -53.46
N VAL A 69 -25.05 22.70 -52.42
CA VAL A 69 -25.49 23.08 -51.08
C VAL A 69 -24.80 24.37 -50.70
N PHE A 70 -25.57 25.33 -50.19
CA PHE A 70 -25.08 26.65 -49.87
C PHE A 70 -25.61 27.12 -48.53
N PRO A 71 -24.84 27.94 -47.81
CA PRO A 71 -25.20 28.25 -46.43
C PRO A 71 -26.47 29.07 -46.35
N PRO A 72 -27.22 28.98 -45.26
CA PRO A 72 -28.43 29.78 -45.12
C PRO A 72 -28.10 31.26 -44.93
N GLY A 73 -29.03 32.11 -45.36
CA GLY A 73 -28.84 33.54 -45.24
C GLY A 73 -27.86 34.14 -46.21
N SER A 74 -27.58 33.47 -47.33
CA SER A 74 -26.59 33.94 -48.29
C SER A 74 -27.18 34.09 -49.69
N GLY A 75 -28.50 34.15 -49.82
CA GLY A 75 -29.13 34.35 -51.10
C GLY A 75 -29.21 33.07 -51.93
N VAL A 76 -29.80 33.22 -53.11
CA VAL A 76 -29.99 32.09 -54.01
C VAL A 76 -29.51 32.46 -55.41
N ASP A 77 -28.72 33.52 -55.52
CA ASP A 77 -28.28 33.99 -56.82
C ASP A 77 -27.11 33.16 -57.35
N GLU A 78 -26.01 33.13 -56.59
CA GLU A 78 -24.83 32.39 -57.03
C GLU A 78 -25.11 30.90 -57.14
N ALA A 79 -25.98 30.37 -56.29
CA ALA A 79 -26.36 28.96 -56.41
C ALA A 79 -27.06 28.69 -57.73
N ARG A 80 -27.97 29.57 -58.13
CA ARG A 80 -28.65 29.40 -59.41
C ARG A 80 -27.68 29.57 -60.57
N LEU A 81 -26.72 30.49 -60.45
CA LEU A 81 -25.71 30.63 -61.50
C LEU A 81 -24.88 29.35 -61.65
N LYS A 82 -24.48 28.76 -60.53
CA LYS A 82 -23.73 27.52 -60.56
C LYS A 82 -24.56 26.39 -61.15
N ALA A 83 -25.85 26.33 -60.80
CA ALA A 83 -26.73 25.31 -61.38
C ALA A 83 -26.88 25.51 -62.88
N LYS A 84 -26.96 26.75 -63.33
CA LYS A 84 -27.03 27.02 -64.77
C LYS A 84 -25.77 26.55 -65.47
N GLU A 85 -24.60 26.81 -64.88
CA GLU A 85 -23.35 26.32 -65.48
C GLU A 85 -23.32 24.80 -65.51
N ILE A 86 -23.78 24.15 -64.44
CA ILE A 86 -23.83 22.69 -64.42
C ILE A 86 -24.72 22.16 -65.54
N ALA A 87 -25.89 22.77 -65.71
CA ALA A 87 -26.81 22.32 -66.75
C ALA A 87 -26.23 22.55 -68.14
N ASP A 88 -25.55 23.69 -68.34
CA ASP A 88 -24.97 23.97 -69.65
C ASP A 88 -23.85 23.00 -69.99
N PHE A 89 -23.04 22.61 -68.99
CA PHE A 89 -21.95 21.68 -69.28
C PHE A 89 -22.46 20.33 -69.75
N PHE A 90 -23.49 19.80 -69.09
CA PHE A 90 -24.02 18.47 -69.42
C PHE A 90 -25.14 18.60 -70.45
N LYS A 91 -24.76 19.00 -71.65
CA LYS A 91 -25.72 19.19 -72.73
C LYS A 91 -26.31 17.87 -73.17
N ASP A 92 -27.54 17.93 -73.69
CA ASP A 92 -28.21 16.73 -74.17
C ASP A 92 -27.47 16.19 -75.39
N GLY A 93 -27.42 14.86 -75.49
CA GLY A 93 -26.76 14.20 -76.59
C GLY A 93 -25.25 14.11 -76.48
N LYS A 94 -24.68 14.56 -75.37
CA LYS A 94 -23.24 14.48 -75.18
C LYS A 94 -22.79 13.03 -75.19
N MET A 95 -21.71 12.75 -75.91
CA MET A 95 -21.20 11.39 -76.09
C MET A 95 -20.11 11.14 -75.06
N LEU A 96 -20.42 10.29 -74.08
CA LEU A 96 -19.40 9.84 -73.15
C LEU A 96 -18.52 8.79 -73.81
N ASN A 97 -17.50 8.34 -73.08
CA ASN A 97 -16.59 7.33 -73.61
C ASN A 97 -17.08 5.91 -73.42
N VAL A 98 -18.21 5.72 -72.74
CA VAL A 98 -18.80 4.38 -72.60
C VAL A 98 -20.24 4.41 -73.09
N GLY A 99 -20.88 5.57 -72.99
CA GLY A 99 -22.27 5.72 -73.38
C GLY A 99 -22.57 7.13 -73.83
N TYR A 100 -23.81 7.56 -73.64
CA TYR A 100 -24.23 8.90 -74.03
C TYR A 100 -25.34 9.36 -73.12
N ILE A 101 -25.60 10.67 -73.14
CA ILE A 101 -26.62 11.27 -72.28
C ILE A 101 -27.98 11.14 -72.95
N PHE A 102 -28.89 10.41 -72.30
CA PHE A 102 -30.24 10.25 -72.83
C PHE A 102 -31.09 11.49 -72.59
N GLU A 103 -30.88 12.18 -71.47
CA GLU A 103 -31.71 13.31 -71.08
C GLU A 103 -30.93 14.12 -70.07
N GLY A 104 -30.68 15.40 -70.37
CA GLY A 104 -29.79 16.21 -69.57
C GLY A 104 -30.36 17.57 -69.24
N ALA A 105 -29.67 18.26 -68.34
CA ALA A 105 -29.95 19.66 -67.99
C ALA A 105 -31.37 19.83 -67.46
N ILE A 106 -31.64 19.21 -66.31
CA ILE A 106 -32.90 19.36 -65.61
C ILE A 106 -32.62 19.89 -64.21
N VAL A 107 -33.30 20.97 -63.83
CA VAL A 107 -33.16 21.59 -62.52
C VAL A 107 -34.50 21.49 -61.80
N HIS A 108 -34.47 20.98 -60.57
CA HIS A 108 -35.68 20.76 -59.80
C HIS A 108 -35.78 21.79 -58.67
N GLN A 109 -36.85 21.68 -57.88
CA GLN A 109 -37.13 22.67 -56.87
C GLN A 109 -36.18 22.53 -55.68
N ILE A 110 -36.02 23.64 -54.96
CA ILE A 110 -35.07 23.72 -53.85
C ILE A 110 -35.66 23.04 -52.62
N VAL A 111 -34.82 22.28 -51.92
CA VAL A 111 -35.19 21.69 -50.64
C VAL A 111 -34.56 22.50 -49.53
N LYS A 112 -35.34 22.82 -48.51
CA LYS A 112 -34.95 23.78 -47.48
C LYS A 112 -34.66 23.05 -46.17
N HIS A 113 -33.66 23.56 -45.45
CA HIS A 113 -33.34 23.06 -44.12
C HIS A 113 -32.77 24.21 -43.31
N GLU A 114 -32.81 24.05 -41.98
CA GLU A 114 -32.36 25.11 -41.09
C GLU A 114 -30.84 25.19 -40.99
N SER A 115 -30.11 24.24 -41.56
CA SER A 115 -28.66 24.27 -41.58
C SER A 115 -28.07 24.53 -42.95
N GLY A 116 -28.72 24.07 -44.02
CA GLY A 116 -28.22 24.28 -45.36
C GLY A 116 -29.22 23.87 -46.44
N TRP A 117 -29.29 24.65 -47.50
CA TRP A 117 -30.21 24.37 -48.59
C TRP A 117 -29.54 23.51 -49.66
N MET A 118 -30.30 23.17 -50.70
CA MET A 118 -29.79 22.33 -51.77
C MET A 118 -30.63 22.52 -53.02
N ILE A 119 -29.95 22.67 -54.17
CA ILE A 119 -30.59 22.74 -55.48
C ILE A 119 -30.16 21.48 -56.24
N PRO A 120 -31.06 20.54 -56.51
CA PRO A 120 -30.64 19.30 -57.18
C PRO A 120 -30.68 19.41 -58.69
N VAL A 121 -29.58 19.05 -59.35
CA VAL A 121 -29.49 18.99 -60.80
C VAL A 121 -29.39 17.53 -61.19
N ARG A 122 -30.25 17.08 -62.11
CA ARG A 122 -30.40 15.67 -62.40
C ARG A 122 -30.44 15.45 -63.91
N PHE A 123 -29.82 14.35 -64.35
CA PHE A 123 -29.86 13.95 -65.74
C PHE A 123 -29.72 12.42 -65.81
N THR A 124 -29.84 11.88 -67.01
CA THR A 124 -29.83 10.43 -67.21
C THR A 124 -28.82 10.06 -68.30
N VAL A 125 -28.31 8.84 -68.21
CA VAL A 125 -27.38 8.28 -69.18
C VAL A 125 -27.90 6.92 -69.64
N ARG A 126 -27.48 6.52 -70.83
CA ARG A 126 -27.93 5.27 -71.43
C ARG A 126 -26.78 4.63 -72.19
N VAL A 127 -26.79 3.29 -72.22
CA VAL A 127 -25.82 2.51 -72.99
C VAL A 127 -26.54 1.32 -73.61
N ASP A 128 -26.07 0.91 -74.78
CA ASP A 128 -26.64 -0.23 -75.50
C ASP A 128 -25.57 -1.29 -75.71
N THR A 129 -25.91 -2.53 -75.39
CA THR A 129 -24.97 -3.64 -75.49
C THR A 129 -25.60 -4.78 -76.28
N LYS A 130 -24.81 -5.38 -77.16
CA LYS A 130 -25.22 -6.55 -77.93
C LYS A 130 -24.41 -7.74 -77.43
N GLU A 131 -25.09 -8.81 -77.03
CA GLU A 131 -24.45 -9.98 -76.46
C GLU A 131 -24.28 -11.04 -77.54
N THR A 132 -23.04 -11.52 -77.71
CA THR A 132 -22.74 -12.54 -78.71
C THR A 132 -21.96 -13.68 -78.09
N MET B 1 -46.83 -26.36 -73.75
CA MET B 1 -46.64 -25.75 -72.43
C MET B 1 -45.33 -24.98 -72.39
N HIS B 2 -44.65 -24.91 -73.52
CA HIS B 2 -43.37 -24.22 -73.60
C HIS B 2 -43.57 -22.72 -73.80
N LEU B 3 -42.45 -21.99 -73.82
CA LEU B 3 -42.44 -20.55 -73.95
C LEU B 3 -41.52 -20.15 -75.10
N PRO B 4 -41.97 -19.26 -75.99
CA PRO B 4 -41.18 -18.93 -77.18
C PRO B 4 -40.06 -17.94 -76.96
N ASN B 5 -39.67 -17.67 -75.72
CA ASN B 5 -38.55 -16.77 -75.46
C ASN B 5 -37.24 -17.39 -75.95
N GLY B 6 -36.35 -16.55 -76.45
CA GLY B 6 -35.06 -17.01 -76.93
C GLY B 6 -35.05 -17.56 -78.34
N ALA B 7 -36.11 -17.33 -79.12
CA ALA B 7 -36.17 -17.86 -80.47
C ALA B 7 -35.18 -17.14 -81.38
N GLN B 8 -34.73 -17.86 -82.42
CA GLN B 8 -33.80 -17.32 -83.40
C GLN B 8 -34.32 -17.60 -84.79
N ILE B 9 -33.98 -16.71 -85.73
CA ILE B 9 -34.44 -16.80 -87.11
C ILE B 9 -33.23 -16.79 -88.03
N PHE B 10 -33.18 -17.76 -88.93
CA PHE B 10 -32.12 -17.86 -89.93
C PHE B 10 -32.75 -17.88 -91.33
N VAL B 11 -32.01 -17.36 -92.30
CA VAL B 11 -32.47 -17.31 -93.69
C VAL B 11 -31.36 -17.83 -94.59
N GLU B 12 -31.75 -18.59 -95.61
CA GLU B 12 -30.78 -19.20 -96.52
C GLU B 12 -30.08 -18.13 -97.34
N THR B 13 -28.79 -18.35 -97.61
CA THR B 13 -27.98 -17.42 -98.38
C THR B 13 -27.49 -17.98 -99.72
N SER B 14 -27.29 -19.28 -99.83
CA SER B 14 -26.78 -19.87 -101.07
C SER B 14 -27.08 -21.36 -101.07
N ARG B 15 -27.69 -21.85 -102.15
CA ARG B 15 -27.97 -23.27 -102.30
C ARG B 15 -26.83 -23.94 -103.06
N GLY B 16 -27.02 -25.19 -103.45
CA GLY B 16 -25.98 -25.95 -104.13
C GLY B 16 -26.39 -26.51 -105.47
N GLU B 17 -25.69 -27.54 -105.92
CA GLU B 17 -25.96 -28.15 -107.21
C GLU B 17 -27.24 -28.98 -107.16
N GLU B 18 -27.96 -29.00 -108.27
CA GLU B 18 -29.20 -29.77 -108.35
C GLU B 18 -28.90 -31.27 -108.32
N ILE B 19 -29.73 -32.00 -107.57
CA ILE B 19 -29.60 -33.45 -107.42
C ILE B 19 -30.92 -34.09 -107.84
N GLU B 20 -30.83 -35.13 -108.65
CA GLU B 20 -31.99 -35.82 -109.19
C GLU B 20 -32.13 -37.20 -108.54
N ALA B 21 -33.36 -37.55 -108.17
CA ALA B 21 -33.66 -38.85 -107.57
C ALA B 21 -34.59 -39.60 -108.51
N THR B 22 -34.23 -40.86 -108.83
CA THR B 22 -35.02 -41.63 -109.79
C THR B 22 -36.40 -41.96 -109.23
N ALA B 23 -36.46 -42.51 -108.02
CA ALA B 23 -37.73 -42.90 -107.42
C ALA B 23 -37.58 -42.93 -105.91
N VAL B 24 -38.70 -42.82 -105.22
CA VAL B 24 -38.76 -42.83 -103.77
C VAL B 24 -39.95 -43.65 -103.32
N THR B 25 -39.75 -44.48 -102.31
CA THR B 25 -40.83 -45.28 -101.73
C THR B 25 -41.51 -44.51 -100.61
N ASN B 26 -42.74 -44.91 -100.30
CA ASN B 26 -43.61 -44.18 -99.38
C ASN B 26 -43.80 -44.95 -98.07
N GLU B 27 -43.26 -44.40 -96.99
CA GLU B 27 -43.39 -44.98 -95.66
C GLU B 27 -43.28 -43.85 -94.64
N LYS B 28 -43.05 -44.21 -93.37
CA LYS B 28 -42.87 -43.21 -92.32
C LYS B 28 -41.68 -42.30 -92.63
N ASN B 29 -40.53 -42.89 -92.93
CA ASN B 29 -39.33 -42.14 -93.31
C ASN B 29 -38.94 -42.52 -94.72
N PRO B 30 -39.29 -41.71 -95.72
CA PRO B 30 -39.01 -42.09 -97.11
C PRO B 30 -37.52 -42.19 -97.38
N VAL B 31 -37.16 -43.10 -98.27
CA VAL B 31 -35.78 -43.29 -98.72
C VAL B 31 -35.77 -43.16 -100.24
N ALA B 32 -34.80 -42.41 -100.76
CA ALA B 32 -34.71 -42.11 -102.18
C ALA B 32 -33.47 -42.76 -102.78
N THR B 33 -33.64 -43.39 -103.94
CA THR B 33 -32.53 -44.04 -104.64
C THR B 33 -31.84 -43.01 -105.52
N VAL B 34 -30.93 -42.27 -104.90
CA VAL B 34 -30.19 -41.22 -105.60
C VAL B 34 -29.10 -41.86 -106.45
N ALA B 35 -28.81 -41.22 -107.59
CA ALA B 35 -27.75 -41.72 -108.47
C ALA B 35 -26.39 -41.69 -107.78
N SER B 36 -26.09 -40.60 -107.08
CA SER B 36 -24.82 -40.47 -106.37
C SER B 36 -25.02 -39.60 -105.15
N LYS B 37 -24.27 -39.92 -104.09
CA LYS B 37 -24.38 -39.14 -102.85
C LYS B 37 -23.93 -37.71 -103.06
N GLY B 38 -22.83 -37.51 -103.78
CA GLY B 38 -22.34 -36.16 -103.99
C GLY B 38 -21.77 -35.58 -102.71
N ASP B 39 -22.18 -34.36 -102.39
CA ASP B 39 -21.69 -33.65 -101.22
C ASP B 39 -22.61 -33.79 -100.01
N LEU B 40 -23.62 -34.65 -100.09
CA LEU B 40 -24.53 -34.85 -98.97
C LEU B 40 -23.80 -35.46 -97.78
N ALA B 41 -24.29 -35.16 -96.58
CA ALA B 41 -23.66 -35.63 -95.35
C ALA B 41 -24.76 -35.81 -94.31
N LYS B 42 -24.36 -35.92 -93.05
CA LYS B 42 -25.29 -36.13 -91.95
C LYS B 42 -25.81 -34.79 -91.46
N GLY B 43 -27.12 -34.66 -91.34
CA GLY B 43 -27.73 -33.45 -90.82
C GLY B 43 -27.59 -32.22 -91.69
N ASP B 44 -27.80 -32.36 -92.99
CA ASP B 44 -27.76 -31.24 -93.92
C ASP B 44 -29.15 -31.01 -94.50
N TYR B 45 -29.58 -29.75 -94.48
CA TYR B 45 -30.92 -29.38 -94.92
C TYR B 45 -30.98 -29.34 -96.44
N VAL B 46 -32.10 -29.82 -96.99
CA VAL B 46 -32.34 -29.83 -98.43
C VAL B 46 -33.73 -29.29 -98.71
N ILE B 47 -33.90 -28.77 -99.92
CA ILE B 47 -35.17 -28.22 -100.38
C ILE B 47 -35.47 -28.76 -101.77
N VAL B 48 -36.70 -29.21 -101.97
CA VAL B 48 -37.14 -29.74 -103.25
C VAL B 48 -37.58 -28.61 -104.16
N THR B 49 -37.22 -28.69 -105.43
CA THR B 49 -37.56 -27.66 -106.40
C THR B 49 -38.72 -28.03 -107.32
N GLN B 50 -38.92 -29.32 -107.59
CA GLN B 50 -40.00 -29.77 -108.44
C GLN B 50 -40.14 -31.28 -108.32
N SER B 51 -41.39 -31.76 -108.33
CA SER B 51 -41.67 -33.18 -108.25
C SER B 51 -43.06 -33.44 -108.78
N THR B 52 -43.31 -34.70 -109.16
CA THR B 52 -44.64 -35.08 -109.61
C THR B 52 -45.66 -34.99 -108.47
N TRP B 53 -45.25 -35.37 -107.26
CA TRP B 53 -46.13 -35.28 -106.09
C TRP B 53 -46.43 -33.82 -105.80
N ALA B 54 -47.66 -33.39 -106.09
CA ALA B 54 -48.02 -31.98 -105.95
C ALA B 54 -47.93 -31.52 -104.51
N LYS B 55 -48.35 -32.36 -103.56
CA LYS B 55 -48.37 -31.96 -102.16
C LYS B 55 -46.96 -31.67 -101.65
N MET B 56 -45.99 -32.49 -102.02
CA MET B 56 -44.61 -32.34 -101.56
C MET B 56 -43.83 -31.56 -102.62
N VAL B 57 -44.01 -30.24 -102.59
CA VAL B 57 -43.29 -29.32 -103.47
C VAL B 57 -42.81 -28.14 -102.64
N SER B 58 -41.55 -27.75 -102.83
CA SER B 58 -40.95 -26.63 -102.11
C SER B 58 -41.06 -26.82 -100.59
N ARG B 59 -40.80 -28.03 -100.13
CA ARG B 59 -40.82 -28.37 -98.72
C ARG B 59 -39.39 -28.59 -98.24
N VAL B 60 -39.05 -27.95 -97.13
CA VAL B 60 -37.71 -28.06 -96.57
C VAL B 60 -37.65 -29.33 -95.72
N LEU B 61 -36.74 -30.24 -96.08
CA LEU B 61 -36.56 -31.51 -95.37
C LEU B 61 -35.14 -31.60 -94.83
N ILE B 62 -34.94 -32.57 -93.94
CA ILE B 62 -33.64 -32.80 -93.31
C ILE B 62 -33.23 -34.24 -93.55
N VAL B 63 -31.97 -34.43 -93.92
CA VAL B 63 -31.46 -35.77 -94.18
C VAL B 63 -31.22 -36.50 -92.87
N THR B 64 -31.42 -37.82 -92.89
CA THR B 64 -31.22 -38.66 -91.72
C THR B 64 -30.11 -39.67 -91.92
N ASP B 65 -30.14 -40.44 -93.00
CA ASP B 65 -29.11 -41.42 -93.31
C ASP B 65 -28.59 -41.17 -94.72
N ALA B 66 -27.26 -41.24 -94.87
CA ALA B 66 -26.60 -40.99 -96.14
C ALA B 66 -25.86 -42.23 -96.58
N GLN B 67 -26.10 -42.67 -97.82
CA GLN B 67 -25.40 -43.80 -98.42
C GLN B 67 -25.00 -43.42 -99.83
N GLU B 68 -24.27 -44.32 -100.49
CA GLU B 68 -23.79 -44.04 -101.84
C GLU B 68 -24.95 -43.88 -102.82
N THR B 69 -25.98 -44.73 -102.70
CA THR B 69 -27.10 -44.70 -103.62
C THR B 69 -28.44 -44.44 -102.95
N SER B 70 -28.53 -44.53 -101.63
CA SER B 70 -29.78 -44.35 -100.90
C SER B 70 -29.64 -43.17 -99.94
N ILE B 71 -30.65 -42.32 -99.90
CA ILE B 71 -30.68 -41.18 -98.99
C ILE B 71 -31.99 -41.21 -98.22
N THR B 72 -31.92 -40.84 -96.94
CA THR B 72 -33.05 -40.91 -96.03
C THR B 72 -33.42 -39.50 -95.57
N LEU B 73 -34.70 -39.17 -95.66
CA LEU B 73 -35.19 -37.86 -95.26
C LEU B 73 -36.28 -38.01 -94.20
N ALA B 74 -36.36 -37.03 -93.31
CA ALA B 74 -37.33 -37.03 -92.23
C ALA B 74 -38.04 -35.69 -92.18
N GLY B 75 -39.30 -35.71 -91.78
CA GLY B 75 -40.13 -34.53 -91.71
C GLY B 75 -41.41 -34.59 -92.50
N ILE B 76 -41.58 -35.56 -93.39
CA ILE B 76 -42.78 -35.71 -94.19
C ILE B 76 -43.26 -37.15 -94.08
N ASP B 77 -44.58 -37.32 -93.93
CA ASP B 77 -45.19 -38.63 -93.81
C ASP B 77 -45.76 -39.04 -95.15
N THR B 78 -45.45 -40.26 -95.59
CA THR B 78 -45.94 -40.82 -96.84
C THR B 78 -46.57 -42.18 -96.62
N SER B 79 -47.23 -42.34 -95.47
CA SER B 79 -47.89 -43.62 -95.18
C SER B 79 -49.03 -43.90 -96.16
N ASP B 80 -49.80 -42.88 -96.50
CA ASP B 80 -50.90 -43.05 -97.43
C ASP B 80 -50.37 -43.35 -98.83
N THR B 81 -51.17 -44.08 -99.61
CA THR B 81 -50.80 -44.49 -100.96
C THR B 81 -51.54 -43.74 -102.04
N LEU B 82 -52.83 -43.45 -101.85
CA LEU B 82 -53.61 -42.78 -102.88
C LEU B 82 -53.14 -41.35 -103.12
N VAL B 83 -52.76 -40.65 -102.05
CA VAL B 83 -52.28 -39.28 -102.20
C VAL B 83 -50.83 -39.25 -102.67
N PHE B 84 -50.08 -40.33 -102.48
CA PHE B 84 -48.68 -40.42 -102.87
C PHE B 84 -48.51 -41.66 -103.75
N PRO B 85 -48.91 -41.58 -105.01
CA PRO B 85 -48.79 -42.74 -105.90
C PRO B 85 -47.34 -43.16 -106.08
N ALA B 86 -47.12 -44.46 -106.16
CA ALA B 86 -45.78 -44.99 -106.31
C ALA B 86 -45.20 -44.66 -107.69
N GLY B 87 -43.89 -44.42 -107.72
CA GLY B 87 -43.20 -44.12 -108.96
C GLY B 87 -42.94 -42.65 -109.23
N GLY B 88 -43.34 -41.76 -108.32
CA GLY B 88 -43.11 -40.34 -108.54
C GLY B 88 -41.65 -39.99 -108.40
N THR B 89 -41.17 -39.18 -109.35
CA THR B 89 -39.79 -38.72 -109.31
C THR B 89 -39.63 -37.57 -108.33
N MET B 90 -38.38 -37.26 -108.00
CA MET B 90 -38.08 -36.28 -106.98
C MET B 90 -36.74 -35.61 -107.30
N SER B 91 -36.68 -34.30 -107.04
CA SER B 91 -35.47 -33.52 -107.28
C SER B 91 -35.32 -32.50 -106.16
N PHE B 92 -34.09 -32.30 -105.70
CA PHE B 92 -33.86 -31.38 -104.59
C PHE B 92 -32.44 -30.82 -104.69
N ALA B 93 -32.22 -29.73 -103.97
CA ALA B 93 -30.91 -29.10 -103.84
C ALA B 93 -30.53 -29.02 -102.37
N LYS B 94 -29.27 -28.68 -102.11
CA LYS B 94 -28.74 -28.63 -100.76
C LYS B 94 -28.40 -27.19 -100.40
N ILE B 95 -28.81 -26.77 -99.20
CA ILE B 95 -28.49 -25.44 -98.70
C ILE B 95 -27.07 -25.47 -98.16
N THR B 96 -26.24 -24.53 -98.63
CA THR B 96 -24.83 -24.50 -98.24
C THR B 96 -24.64 -23.86 -96.88
N GLY B 97 -25.05 -22.60 -96.73
CA GLY B 97 -24.86 -21.89 -95.49
C GLY B 97 -26.09 -21.12 -95.07
N TRP B 98 -26.07 -20.66 -93.84
CA TRP B 98 -27.15 -19.86 -93.27
C TRP B 98 -26.59 -18.55 -92.71
N THR B 99 -27.42 -17.51 -92.75
CA THR B 99 -27.10 -16.23 -92.15
C THR B 99 -28.20 -15.85 -91.18
N GLU B 100 -27.83 -15.14 -90.11
CA GLU B 100 -28.73 -14.86 -89.01
C GLU B 100 -29.11 -13.39 -89.00
N ILE B 101 -30.41 -13.13 -88.90
CA ILE B 101 -30.92 -11.76 -88.75
C ILE B 101 -30.48 -11.22 -87.40
N PRO B 102 -30.15 -9.92 -87.27
CA PRO B 102 -29.85 -9.35 -85.95
C PRO B 102 -31.05 -9.43 -85.02
N CYS B 103 -30.87 -9.00 -83.77
CA CYS B 103 -31.90 -9.21 -82.75
C CYS B 103 -33.24 -8.61 -83.18
N VAL B 104 -34.29 -9.41 -83.07
CA VAL B 104 -35.59 -9.12 -83.67
C VAL B 104 -36.55 -8.64 -82.59
N GLN B 105 -37.23 -7.52 -82.87
CA GLN B 105 -38.09 -6.91 -81.86
C GLN B 105 -39.42 -7.65 -81.74
N GLU B 106 -40.20 -7.70 -82.82
CA GLU B 106 -41.54 -8.27 -82.78
C GLU B 106 -41.72 -9.26 -83.93
N ILE B 107 -42.59 -10.23 -83.71
CA ILE B 107 -42.95 -11.24 -84.70
C ILE B 107 -44.47 -11.25 -84.82
N GLY B 108 -44.97 -11.29 -86.05
CA GLY B 108 -46.40 -11.28 -86.28
C GLY B 108 -46.77 -11.95 -87.59
N GLN B 109 -48.04 -12.31 -87.71
CA GLN B 109 -48.54 -12.97 -88.90
C GLN B 109 -50.02 -12.64 -89.06
N ASP B 110 -50.52 -12.82 -90.28
CA ASP B 110 -51.91 -12.58 -90.61
C ASP B 110 -52.37 -13.60 -91.62
N GLY B 111 -53.69 -13.80 -91.67
CA GLY B 111 -54.28 -14.78 -92.56
C GLY B 111 -54.30 -16.16 -91.95
N GLY B 112 -54.95 -17.09 -92.66
CA GLY B 112 -55.10 -18.45 -92.22
C GLY B 112 -56.46 -18.80 -91.65
N GLU B 113 -57.34 -17.82 -91.47
CA GLU B 113 -58.68 -18.10 -90.98
C GLU B 113 -59.43 -18.92 -92.02
N GLN B 114 -59.97 -20.06 -91.60
CA GLN B 114 -60.65 -20.94 -92.53
C GLN B 114 -61.96 -20.32 -93.00
N GLN B 115 -62.29 -20.55 -94.26
CA GLN B 115 -63.52 -20.04 -94.86
C GLN B 115 -64.59 -21.12 -94.87
N TYR B 116 -65.84 -20.68 -94.95
CA TYR B 116 -66.99 -21.57 -94.93
C TYR B 116 -67.94 -21.19 -96.06
N TYR B 117 -68.67 -22.19 -96.55
CA TYR B 117 -69.73 -21.98 -97.53
C TYR B 117 -71.06 -22.30 -96.86
N THR B 118 -71.97 -21.34 -96.87
CA THR B 118 -73.26 -21.47 -96.21
C THR B 118 -74.34 -21.68 -97.26
N TYR B 119 -75.08 -22.78 -97.12
CA TYR B 119 -76.17 -23.11 -98.03
C TYR B 119 -77.44 -23.33 -97.23
N GLN B 120 -78.55 -22.79 -97.74
CA GLN B 120 -79.86 -22.93 -97.12
C GLN B 120 -80.76 -23.73 -98.03
N CYS B 121 -81.33 -24.80 -97.50
CA CYS B 121 -82.25 -25.67 -98.24
C CYS B 121 -83.69 -25.36 -97.88
N LEU B 122 -84.57 -25.44 -98.88
CA LEU B 122 -85.99 -25.17 -98.65
C LEU B 122 -86.65 -26.29 -97.85
N SER B 123 -86.10 -27.50 -97.87
CA SER B 123 -86.73 -28.62 -97.19
C SER B 123 -86.67 -28.46 -95.67
N ASP B 124 -85.55 -28.01 -95.14
CA ASP B 124 -85.34 -27.89 -93.70
C ASP B 124 -85.44 -26.44 -93.28
N ASP B 125 -85.21 -26.20 -91.99
CA ASP B 125 -85.28 -24.86 -91.41
C ASP B 125 -83.93 -24.37 -90.90
N LYS B 126 -83.18 -25.20 -90.18
CA LYS B 126 -81.87 -24.80 -89.69
C LYS B 126 -80.89 -24.67 -90.84
N GLU B 127 -79.94 -23.76 -90.69
CA GLU B 127 -78.93 -23.48 -91.71
C GLU B 127 -77.59 -24.04 -91.26
N GLN B 128 -76.91 -24.75 -92.17
CA GLN B 128 -75.63 -25.38 -91.87
C GLN B 128 -74.62 -25.02 -92.96
N GLN B 129 -73.35 -25.11 -92.59
CA GLN B 129 -72.24 -24.77 -93.48
C GLN B 129 -71.22 -25.89 -93.49
N ILE B 130 -70.29 -25.81 -94.44
CA ILE B 130 -69.23 -26.79 -94.59
C ILE B 130 -67.89 -26.07 -94.70
N PRO B 131 -66.79 -26.68 -94.29
CA PRO B 131 -65.48 -26.03 -94.41
C PRO B 131 -65.05 -25.90 -95.86
N THR B 132 -64.18 -24.92 -96.10
CA THR B 132 -63.69 -24.61 -97.44
C THR B 132 -62.20 -24.30 -97.31
N PHE B 133 -61.62 -23.69 -98.35
CA PHE B 133 -60.21 -23.39 -98.38
C PHE B 133 -59.83 -22.42 -97.26
N LYS B 134 -58.52 -22.32 -97.02
CA LYS B 134 -57.96 -21.41 -96.03
C LYS B 134 -57.28 -20.24 -96.72
N SER B 135 -57.25 -19.10 -96.03
CA SER B 135 -56.63 -17.91 -96.60
C SER B 135 -55.11 -18.05 -96.61
N ALA B 136 -54.46 -17.13 -97.32
CA ALA B 136 -53.02 -17.15 -97.45
C ALA B 136 -52.35 -16.77 -96.14
N ILE B 137 -51.09 -17.17 -96.00
CA ILE B 137 -50.29 -16.93 -94.80
C ILE B 137 -49.18 -15.96 -95.15
N SER B 138 -49.03 -14.92 -94.34
CA SER B 138 -47.95 -13.96 -94.49
C SER B 138 -47.28 -13.73 -93.14
N LEU B 139 -45.96 -13.84 -93.11
CA LEU B 139 -45.18 -13.67 -91.89
C LEU B 139 -44.45 -12.33 -91.93
N THR B 140 -44.51 -11.59 -90.84
CA THR B 140 -43.91 -10.25 -90.76
C THR B 140 -42.88 -10.22 -89.64
N TYR B 141 -41.69 -9.72 -89.95
CA TYR B 141 -40.60 -9.60 -88.99
C TYR B 141 -40.18 -8.15 -88.88
N THR B 142 -39.85 -7.72 -87.66
CA THR B 142 -39.40 -6.36 -87.40
C THR B 142 -38.12 -6.43 -86.56
N PHE B 143 -37.07 -5.77 -87.04
CA PHE B 143 -35.78 -5.82 -86.36
C PHE B 143 -35.10 -4.46 -86.48
N ALA B 144 -34.04 -4.29 -85.69
CA ALA B 144 -33.35 -3.00 -85.62
C ALA B 144 -32.69 -2.67 -86.95
N HIS B 145 -32.57 -1.37 -87.22
CA HIS B 145 -32.05 -0.88 -88.49
C HIS B 145 -30.56 -0.57 -88.37
N GLU B 146 -29.77 -1.18 -89.25
CA GLU B 146 -28.33 -0.93 -89.32
C GLU B 146 -27.96 -0.70 -90.78
N PHE B 147 -27.24 0.37 -91.06
CA PHE B 147 -27.01 0.79 -92.44
C PHE B 147 -26.01 -0.11 -93.15
N ASP B 148 -24.96 -0.56 -92.46
CA ASP B 148 -23.86 -1.28 -93.08
C ASP B 148 -23.88 -2.78 -92.79
N ASN B 149 -25.00 -3.30 -92.28
CA ASN B 149 -25.07 -4.73 -91.98
C ASN B 149 -24.97 -5.52 -93.27
N PRO B 150 -24.16 -6.57 -93.34
CA PRO B 150 -23.90 -7.23 -94.62
C PRO B 150 -25.12 -7.89 -95.26
N ILE B 151 -26.16 -8.21 -94.48
CA ILE B 151 -27.30 -8.94 -95.04
C ILE B 151 -28.20 -8.08 -95.89
N TYR B 152 -28.00 -6.76 -95.90
CA TYR B 152 -28.89 -5.88 -96.64
C TYR B 152 -28.78 -6.11 -98.14
N GLN B 153 -27.56 -6.26 -98.66
CA GLN B 153 -27.40 -6.53 -100.08
C GLN B 153 -27.99 -7.89 -100.46
N ILE B 154 -27.81 -8.89 -99.59
CA ILE B 154 -28.39 -10.20 -99.85
C ILE B 154 -29.91 -10.11 -99.90
N LEU B 155 -30.51 -9.38 -98.96
CA LEU B 155 -31.96 -9.23 -98.96
C LEU B 155 -32.45 -8.48 -100.20
N ARG B 156 -31.71 -7.45 -100.62
CA ARG B 156 -32.08 -6.72 -101.82
C ARG B 156 -32.03 -7.62 -103.05
N LYS B 157 -30.97 -8.44 -103.16
CA LYS B 157 -30.86 -9.36 -104.29
C LYS B 157 -31.98 -10.39 -104.27
N LEU B 158 -32.31 -10.92 -103.09
CA LEU B 158 -33.38 -11.90 -103.01
C LEU B 158 -34.72 -11.29 -103.37
N ASP B 159 -34.95 -10.04 -102.96
CA ASP B 159 -36.19 -9.35 -103.32
C ASP B 159 -36.26 -9.13 -104.82
N SER B 160 -35.16 -8.66 -105.42
CA SER B 160 -35.17 -8.39 -106.86
C SER B 160 -35.34 -9.66 -107.69
N SER B 161 -34.66 -10.73 -107.30
CA SER B 161 -34.73 -11.97 -108.08
C SER B 161 -36.13 -12.58 -108.05
N GLY B 162 -36.77 -12.58 -106.88
CA GLY B 162 -38.08 -13.18 -106.75
C GLY B 162 -38.07 -14.68 -106.56
N GLN B 163 -36.92 -15.28 -106.33
CA GLN B 163 -36.84 -16.73 -106.16
C GLN B 163 -37.37 -17.15 -104.79
N VAL B 164 -37.47 -18.46 -104.59
CA VAL B 164 -37.96 -19.04 -103.35
C VAL B 164 -36.77 -19.33 -102.45
N THR B 165 -36.85 -18.90 -101.20
CA THR B 165 -35.78 -19.05 -100.23
C THR B 165 -36.32 -19.69 -98.96
N ALA B 166 -35.49 -20.54 -98.33
CA ALA B 166 -35.88 -21.25 -97.13
C ALA B 166 -35.56 -20.44 -95.88
N VAL B 167 -36.43 -20.55 -94.88
CA VAL B 167 -36.28 -19.85 -93.61
C VAL B 167 -36.32 -20.88 -92.49
N ARG B 168 -35.51 -20.67 -91.46
CA ARG B 168 -35.42 -21.58 -90.34
C ARG B 168 -35.65 -20.83 -89.03
N MET B 169 -36.25 -21.52 -88.07
CA MET B 169 -36.55 -20.96 -86.76
C MET B 169 -36.25 -22.00 -85.69
N TYR B 170 -35.64 -21.56 -84.59
CA TYR B 170 -35.21 -22.44 -83.51
C TYR B 170 -35.78 -21.96 -82.19
N VAL B 171 -36.44 -22.86 -81.47
CA VAL B 171 -37.07 -22.56 -80.19
C VAL B 171 -36.39 -23.40 -79.12
N PRO B 172 -35.49 -22.81 -78.33
CA PRO B 172 -34.75 -23.61 -77.34
C PRO B 172 -35.62 -24.29 -76.30
N LYS B 173 -36.70 -23.65 -75.86
CA LYS B 173 -37.53 -24.22 -74.81
C LYS B 173 -38.27 -25.47 -75.30
N ALA B 174 -38.80 -25.42 -76.52
CA ALA B 174 -39.50 -26.57 -77.08
C ALA B 174 -38.57 -27.57 -77.74
N SER B 175 -37.30 -27.22 -77.91
CA SER B 175 -36.32 -28.09 -78.58
C SER B 175 -36.80 -28.48 -79.97
N GLU B 176 -37.31 -27.51 -80.71
CA GLU B 176 -37.89 -27.74 -82.04
C GLU B 176 -37.13 -26.93 -83.08
N MET B 177 -37.53 -27.12 -84.34
CA MET B 177 -36.90 -26.44 -85.47
C MET B 177 -37.92 -26.36 -86.59
N ARG B 178 -38.48 -25.18 -86.81
CA ARG B 178 -39.48 -24.98 -87.85
C ARG B 178 -38.80 -24.65 -89.17
N MET B 179 -39.41 -25.12 -90.26
CA MET B 179 -38.85 -24.96 -91.59
C MET B 179 -39.96 -24.58 -92.56
N TRP B 180 -39.68 -23.63 -93.43
CA TRP B 180 -40.63 -23.23 -94.47
C TRP B 180 -39.87 -22.47 -95.55
N ALA B 181 -40.53 -22.29 -96.69
CA ALA B 181 -39.96 -21.57 -97.82
C ALA B 181 -41.00 -20.60 -98.37
N GLY B 182 -40.54 -19.46 -98.85
CA GLY B 182 -41.46 -18.47 -99.39
C GLY B 182 -40.71 -17.40 -100.16
N ILE B 183 -41.47 -16.40 -100.59
CA ILE B 183 -40.93 -15.29 -101.36
C ILE B 183 -40.66 -14.13 -100.41
N LEU B 184 -39.43 -13.63 -100.42
CA LEU B 184 -39.01 -12.59 -99.49
C LEU B 184 -39.43 -11.21 -99.98
N SER B 185 -39.76 -10.35 -99.03
CA SER B 185 -40.06 -8.95 -99.30
C SER B 185 -39.37 -8.09 -98.26
N PHE B 186 -38.62 -7.09 -98.71
CA PHE B 186 -37.79 -6.27 -97.83
C PHE B 186 -38.21 -4.82 -97.92
N ASN B 187 -38.39 -4.18 -96.77
CA ASN B 187 -38.69 -2.76 -96.68
C ASN B 187 -37.54 -2.07 -95.94
N ASP B 188 -37.00 -1.01 -96.53
CA ASP B 188 -35.84 -0.32 -95.99
C ASP B 188 -36.14 1.15 -95.72
N ILE B 189 -37.30 1.44 -95.17
CA ILE B 189 -37.66 2.79 -94.78
C ILE B 189 -37.76 2.83 -93.26
N PRO B 190 -36.78 3.42 -92.57
CA PRO B 190 -36.82 3.44 -91.10
C PRO B 190 -38.02 4.22 -90.58
N SER B 191 -38.56 3.77 -89.46
CA SER B 191 -39.71 4.40 -88.81
C SER B 191 -39.19 5.31 -87.71
N THR B 192 -38.93 6.57 -88.05
CA THR B 192 -38.38 7.50 -87.09
C THR B 192 -39.45 7.97 -86.11
N GLN B 193 -39.13 7.91 -84.82
CA GLN B 193 -40.02 8.41 -83.78
C GLN B 193 -39.14 9.05 -82.71
N VAL B 194 -39.69 9.30 -81.54
CA VAL B 194 -38.99 9.99 -80.45
C VAL B 194 -38.78 9.02 -79.30
N ASN B 195 -37.55 8.94 -78.81
CA ASN B 195 -37.20 8.17 -77.61
C ASN B 195 -37.43 6.67 -77.79
N GLU B 196 -37.36 6.19 -79.03
CA GLU B 196 -37.39 4.75 -79.27
C GLU B 196 -36.66 4.44 -80.56
N MET B 197 -36.02 3.26 -80.59
CA MET B 197 -35.17 2.89 -81.72
C MET B 197 -35.99 2.66 -82.98
N GLU B 198 -35.46 3.11 -84.11
CA GLU B 198 -36.11 2.92 -85.39
C GLU B 198 -35.80 1.55 -85.95
N THR B 199 -36.79 0.95 -86.60
CA THR B 199 -36.71 -0.42 -87.08
C THR B 199 -37.08 -0.47 -88.56
N VAL B 200 -36.85 -1.64 -89.15
CA VAL B 200 -37.23 -1.92 -90.54
C VAL B 200 -38.08 -3.18 -90.55
N GLU B 201 -38.82 -3.36 -91.65
CA GLU B 201 -39.82 -4.41 -91.76
C GLU B 201 -39.40 -5.41 -92.82
N LEU B 202 -39.51 -6.70 -92.48
CA LEU B 202 -39.25 -7.79 -93.41
C LEU B 202 -40.45 -8.72 -93.41
N ALA B 203 -40.93 -9.06 -94.60
CA ALA B 203 -42.10 -9.92 -94.75
C ALA B 203 -41.79 -11.06 -95.71
N VAL B 204 -42.26 -12.26 -95.38
CA VAL B 204 -42.09 -13.43 -96.21
C VAL B 204 -43.42 -14.17 -96.28
N SER B 205 -43.81 -14.57 -97.49
CA SER B 205 -45.05 -15.31 -97.71
C SER B 205 -44.75 -16.81 -97.55
N LEU B 206 -45.72 -17.65 -97.91
CA LEU B 206 -45.56 -19.09 -97.80
C LEU B 206 -45.90 -19.75 -99.13
N LYS B 207 -45.07 -20.73 -99.51
CA LYS B 207 -45.32 -21.55 -100.68
C LYS B 207 -45.66 -23.00 -100.35
N GLY B 208 -45.15 -23.51 -99.23
CA GLY B 208 -45.45 -24.87 -98.81
C GLY B 208 -46.09 -24.93 -97.45
N ASP B 209 -45.75 -25.95 -96.66
CA ASP B 209 -46.30 -26.14 -95.33
C ASP B 209 -45.17 -26.19 -94.30
N PHE B 210 -45.54 -25.94 -93.05
CA PHE B 210 -44.57 -26.00 -91.96
C PHE B 210 -44.16 -27.45 -91.69
N THR B 211 -42.90 -27.64 -91.33
CA THR B 211 -42.39 -28.93 -90.91
C THR B 211 -41.74 -28.79 -89.54
N PHE B 212 -42.10 -29.68 -88.62
CA PHE B 212 -41.59 -29.65 -87.26
C PHE B 212 -40.75 -30.90 -87.02
N ILE B 213 -39.51 -30.71 -86.60
CA ILE B 213 -38.60 -31.80 -86.27
C ILE B 213 -37.97 -31.52 -84.91
N SER B 214 -37.45 -32.59 -84.30
CA SER B 214 -36.77 -32.45 -83.02
C SER B 214 -35.39 -31.83 -83.21
N SER B 215 -34.97 -31.03 -82.23
CA SER B 215 -33.67 -30.37 -82.32
C SER B 215 -32.53 -31.37 -82.29
N THR B 216 -32.64 -32.40 -81.46
CA THR B 216 -31.58 -33.40 -81.36
C THR B 216 -31.41 -34.20 -82.65
N LEU B 217 -32.46 -34.29 -83.47
CA LEU B 217 -32.35 -35.01 -84.74
C LEU B 217 -31.43 -34.27 -85.72
N ALA B 218 -31.42 -32.93 -85.66
CA ALA B 218 -30.58 -32.17 -86.57
C ALA B 218 -29.10 -32.43 -86.30
N SER B 219 -28.71 -32.48 -85.03
CA SER B 219 -27.31 -32.73 -84.69
C SER B 219 -27.22 -33.48 -83.36
N ALA C 46 34.41 9.50 56.90
CA ALA C 46 34.59 10.39 55.76
C ALA C 46 35.94 11.09 55.81
N SER C 47 36.20 11.78 56.92
CA SER C 47 37.46 12.47 57.10
C SER C 47 38.61 11.47 57.18
N TYR C 48 39.71 11.78 56.49
CA TYR C 48 40.84 10.86 56.41
C TYR C 48 41.87 11.15 57.49
N HIS C 49 42.40 12.37 57.51
CA HIS C 49 43.45 12.71 58.46
C HIS C 49 42.82 13.28 59.73
N VAL C 50 43.14 12.67 60.88
CA VAL C 50 42.55 13.09 62.14
C VAL C 50 43.03 14.48 62.54
N GLY C 51 44.27 14.82 62.20
CA GLY C 51 44.79 16.14 62.54
C GLY C 51 44.08 17.25 61.80
N SER C 52 43.83 17.05 60.50
CA SER C 52 43.10 18.05 59.74
C SER C 52 41.68 18.22 60.26
N PHE C 53 41.02 17.12 60.60
CA PHE C 53 39.68 17.20 61.16
C PHE C 53 39.69 17.89 62.52
N TYR C 54 40.73 17.67 63.32
CA TYR C 54 40.83 18.30 64.62
C TYR C 54 41.02 19.81 64.49
N ASN C 55 41.97 20.25 63.69
CA ASN C 55 42.25 21.67 63.61
C ASN C 55 41.35 22.40 62.61
N ASP C 56 40.46 21.68 61.93
CA ASP C 56 39.48 22.31 61.05
C ASP C 56 38.16 22.52 61.78
N ASN C 57 37.55 21.45 62.29
CA ASN C 57 36.29 21.53 62.99
C ASN C 57 36.51 22.02 64.43
N ALA C 58 35.43 22.51 65.03
CA ALA C 58 35.46 22.99 66.41
C ALA C 58 34.88 22.00 67.40
N THR C 59 33.88 21.22 67.00
CA THR C 59 33.29 20.24 67.91
C THR C 59 34.31 19.18 68.32
N ALA C 60 35.10 18.70 67.36
CA ALA C 60 36.16 17.75 67.69
C ALA C 60 37.19 18.38 68.61
N LYS C 61 37.53 19.64 68.37
CA LYS C 61 38.46 20.35 69.25
C LYS C 61 37.94 20.37 70.68
N ARG C 62 36.66 20.73 70.86
CA ARG C 62 36.09 20.76 72.20
C ARG C 62 36.09 19.37 72.83
N ILE C 63 35.68 18.36 72.06
CA ILE C 63 35.62 17.00 72.60
C ILE C 63 36.99 16.55 73.08
N VAL C 64 38.04 16.88 72.32
CA VAL C 64 39.38 16.48 72.70
C VAL C 64 39.86 17.27 73.92
N ASP C 65 39.56 18.58 73.97
CA ASP C 65 40.25 19.47 74.91
C ASP C 65 39.54 19.67 76.24
N VAL C 66 38.23 19.46 76.34
CA VAL C 66 37.53 19.81 77.59
C VAL C 66 38.02 18.95 78.76
N ILE C 67 38.35 17.70 78.51
CA ILE C 67 38.70 16.78 79.60
C ILE C 67 40.10 17.06 80.17
N PRO C 68 41.18 17.07 79.36
CA PRO C 68 42.53 17.12 79.96
C PRO C 68 42.82 18.42 80.71
N GLU C 69 42.49 19.57 80.12
CA GLU C 69 42.83 20.82 80.77
C GLU C 69 41.98 21.07 82.01
N GLU C 70 40.68 20.73 81.96
CA GLU C 70 39.86 20.83 83.16
C GLU C 70 40.30 19.85 84.23
N MET C 71 40.86 18.71 83.80
CA MET C 71 41.46 17.77 84.74
C MET C 71 42.66 18.38 85.44
N VAL C 72 43.59 18.95 84.68
CA VAL C 72 44.86 19.40 85.24
C VAL C 72 44.68 20.67 86.07
N THR C 73 43.80 21.59 85.66
CA THR C 73 43.63 22.84 86.39
C THR C 73 43.01 22.64 87.76
N ALA C 74 42.49 21.45 88.05
CA ALA C 74 41.98 21.17 89.39
C ALA C 74 43.10 21.26 90.43
N GLY C 75 44.26 20.72 90.11
CA GLY C 75 45.37 20.70 91.04
C GLY C 75 45.37 19.45 91.89
N PHE C 76 46.34 19.40 92.81
CA PHE C 76 46.51 18.29 93.71
C PHE C 76 47.28 18.75 94.93
N LYS C 77 47.22 17.95 96.00
CA LYS C 77 47.97 18.23 97.21
C LYS C 77 48.74 16.99 97.63
N ILE C 78 49.97 17.21 98.08
CA ILE C 78 50.86 16.14 98.52
C ILE C 78 50.77 16.04 100.04
N SER C 79 50.83 14.81 100.55
CA SER C 79 50.72 14.55 101.97
C SER C 79 51.98 13.86 102.47
N GLY C 80 52.20 13.95 103.78
CA GLY C 80 53.37 13.36 104.39
C GLY C 80 54.63 14.21 104.32
N VAL C 81 54.52 15.47 103.90
CA VAL C 81 55.67 16.35 103.78
C VAL C 81 55.63 17.35 104.93
N LYS C 82 56.81 17.71 105.44
CA LYS C 82 56.89 18.57 106.61
C LYS C 82 56.27 19.94 106.35
N ASP C 83 56.54 20.53 105.19
CA ASP C 83 55.98 21.83 104.83
C ASP C 83 55.61 21.82 103.36
N GLU C 84 54.63 22.67 103.01
CA GLU C 84 54.08 22.68 101.66
C GLU C 84 54.47 23.89 100.83
N LYS C 85 55.00 24.94 101.46
CA LYS C 85 55.30 26.16 100.71
C LYS C 85 56.40 25.93 99.67
N GLU C 86 57.46 25.22 100.04
CA GLU C 86 58.53 24.94 99.09
C GLU C 86 58.06 24.03 97.96
N PHE C 87 57.10 23.15 98.23
CA PHE C 87 56.54 22.32 97.17
C PHE C 87 55.89 23.18 96.09
N LYS C 88 55.03 24.12 96.50
CA LYS C 88 54.42 25.03 95.54
C LYS C 88 55.45 25.92 94.86
N SER C 89 56.47 26.36 95.61
CA SER C 89 57.53 27.18 95.02
C SER C 89 58.23 26.43 93.90
N LEU C 90 58.60 25.17 94.14
CA LEU C 90 59.21 24.38 93.08
C LEU C 90 58.23 24.15 91.93
N TRP C 91 56.97 23.84 92.25
CA TRP C 91 55.99 23.49 91.23
C TRP C 91 55.76 24.64 90.26
N ASP C 92 55.63 25.87 90.77
CA ASP C 92 55.47 27.01 89.88
C ASP C 92 56.79 27.60 89.41
N SER C 93 57.92 27.15 89.97
CA SER C 93 59.20 27.52 89.40
C SER C 93 59.48 26.74 88.11
N TYR C 94 59.19 25.43 88.11
CA TYR C 94 59.35 24.67 86.88
C TYR C 94 58.31 25.07 85.83
N LYS C 95 57.09 25.39 86.26
CA LYS C 95 55.97 25.79 85.41
C LYS C 95 55.91 24.95 84.13
N ILE C 96 55.76 23.64 84.33
CA ILE C 96 55.78 22.67 83.24
C ILE C 96 54.39 22.12 82.94
N ASP C 97 53.34 22.76 83.45
CA ASP C 97 52.01 22.21 83.21
C ASP C 97 51.47 22.37 81.78
N PRO C 98 51.85 23.40 80.99
CA PRO C 98 51.34 23.42 79.61
C PRO C 98 51.82 22.23 78.79
N SER C 99 53.06 21.78 79.02
CA SER C 99 53.55 20.59 78.34
C SER C 99 52.74 19.36 78.75
N LEU C 100 52.38 19.27 80.03
CA LEU C 100 51.55 18.16 80.48
C LEU C 100 50.18 18.19 79.79
N VAL C 101 49.57 19.37 79.70
CA VAL C 101 48.29 19.49 79.02
C VAL C 101 48.41 19.07 77.56
N ASP C 102 49.46 19.53 76.89
CA ASP C 102 49.64 19.23 75.48
C ASP C 102 49.86 17.74 75.26
N ALA C 103 50.67 17.12 76.14
CA ALA C 103 50.91 15.68 76.04
C ALA C 103 49.63 14.89 76.25
N LEU C 104 48.80 15.31 77.22
CA LEU C 104 47.53 14.62 77.42
C LEU C 104 46.61 14.79 76.21
N CYS C 105 46.60 15.98 75.61
CA CYS C 105 45.76 16.20 74.43
C CYS C 105 46.20 15.34 73.26
N TRP C 106 47.51 15.23 73.02
CA TRP C 106 47.97 14.36 71.95
C TRP C 106 47.77 12.88 72.27
N ALA C 107 47.86 12.50 73.55
CA ALA C 107 47.54 11.12 73.91
C ALA C 107 46.07 10.81 73.61
N ARG C 108 45.18 11.76 73.89
CA ARG C 108 43.77 11.56 73.58
C ARG C 108 43.54 11.52 72.07
N LEU C 109 44.19 12.41 71.33
CA LEU C 109 43.88 12.55 69.90
C LEU C 109 44.53 11.46 69.06
N TYR C 110 45.87 11.40 69.08
CA TYR C 110 46.59 10.47 68.23
C TYR C 110 46.63 9.05 68.78
N GLY C 111 46.17 8.85 70.02
CA GLY C 111 46.21 7.54 70.63
C GLY C 111 47.49 7.21 71.37
N GLY C 112 48.48 8.09 71.35
CA GLY C 112 49.72 7.86 72.06
C GLY C 112 50.60 9.08 72.13
N ALA C 113 51.32 9.24 73.24
CA ALA C 113 52.24 10.34 73.42
C ALA C 113 53.34 9.92 74.38
N ALA C 114 54.49 10.59 74.29
CA ALA C 114 55.64 10.29 75.13
C ALA C 114 56.22 11.59 75.66
N ILE C 115 56.33 11.69 76.98
CA ILE C 115 56.95 12.84 77.63
C ILE C 115 58.38 12.46 78.01
N VAL C 116 59.32 13.35 77.72
CA VAL C 116 60.74 13.09 77.94
C VAL C 116 61.20 13.92 79.12
N ALA C 117 61.75 13.25 80.13
CA ALA C 117 62.26 13.92 81.33
C ALA C 117 63.78 13.94 81.27
N ILE C 118 64.36 15.12 81.47
CA ILE C 118 65.80 15.33 81.39
C ILE C 118 66.31 15.72 82.77
N ILE C 119 67.40 15.08 83.19
CA ILE C 119 67.92 15.23 84.54
C ILE C 119 69.30 15.87 84.47
N ASN C 120 69.76 16.36 85.62
CA ASN C 120 71.09 16.97 85.74
C ASN C 120 72.11 15.94 86.23
N ASP C 121 72.24 14.86 85.46
CA ASP C 121 73.18 13.80 85.77
C ASP C 121 74.57 14.18 85.27
N ASN C 122 75.51 13.22 85.29
CA ASN C 122 76.87 13.47 84.87
C ASN C 122 77.33 12.60 83.70
N ARG C 123 76.65 11.50 83.43
CA ARG C 123 77.04 10.56 82.38
C ARG C 123 76.08 10.65 81.20
N MET C 124 76.26 9.76 80.23
CA MET C 124 75.44 9.76 79.03
C MET C 124 73.99 9.45 79.35
N LEU C 125 73.09 9.99 78.53
CA LEU C 125 71.66 9.85 78.74
C LEU C 125 71.14 8.47 78.38
N THR C 126 71.94 7.62 77.72
CA THR C 126 71.50 6.26 77.44
C THR C 126 71.55 5.39 78.69
N SER C 127 72.47 5.67 79.61
CA SER C 127 72.62 4.87 80.82
C SER C 127 71.48 5.16 81.80
N PRO C 128 71.22 4.24 82.74
CA PRO C 128 70.20 4.49 83.76
C PRO C 128 70.55 5.65 84.68
N VAL C 129 69.67 5.95 85.63
CA VAL C 129 69.79 7.15 86.45
C VAL C 129 70.05 6.76 87.90
N LYS C 130 70.58 7.72 88.66
CA LYS C 130 70.79 7.60 90.09
C LYS C 130 70.20 8.82 90.78
N PRO C 131 69.80 8.70 92.04
CA PRO C 131 69.06 9.80 92.70
C PRO C 131 69.80 11.12 92.66
N GLY C 132 69.04 12.19 92.48
CA GLY C 132 69.61 13.52 92.42
C GLY C 132 68.50 14.55 92.30
N ALA C 133 68.91 15.80 92.03
CA ALA C 133 67.93 16.88 91.84
C ALA C 133 67.02 16.57 90.66
N LYS C 134 67.60 16.23 89.51
CA LYS C 134 66.95 15.59 88.37
C LYS C 134 65.98 16.49 87.61
N LEU C 135 65.71 17.71 88.06
CA LEU C 135 64.71 18.56 87.41
C LEU C 135 65.31 19.89 87.02
N GLU C 136 65.43 20.13 85.72
CA GLU C 136 65.62 21.48 85.19
C GLU C 136 64.81 21.74 83.93
N GLY C 137 64.21 20.74 83.31
CA GLY C 137 63.40 20.96 82.12
C GLY C 137 62.68 19.69 81.74
N VAL C 138 61.86 19.81 80.69
CA VAL C 138 61.04 18.70 80.22
C VAL C 138 60.55 19.03 78.82
N ARG C 139 60.31 18.00 78.01
CA ARG C 139 59.77 18.18 76.67
C ARG C 139 58.88 16.99 76.34
N VAL C 140 58.01 17.19 75.34
CA VAL C 140 57.02 16.19 74.96
C VAL C 140 57.12 15.92 73.47
N TYR C 141 56.61 14.76 73.06
CA TYR C 141 56.58 14.34 71.67
C TYR C 141 55.30 13.59 71.40
N ASP C 142 54.95 13.49 70.12
CA ASP C 142 53.73 12.79 69.71
C ASP C 142 54.04 11.32 69.47
N ARG C 143 53.04 10.58 68.99
CA ARG C 143 53.20 9.14 68.78
C ARG C 143 54.13 8.83 67.61
N PHE C 144 54.12 9.66 66.57
CA PHE C 144 54.85 9.36 65.35
C PHE C 144 56.35 9.49 65.49
N ALA C 145 56.85 10.03 66.61
CA ALA C 145 58.27 10.27 66.79
C ALA C 145 58.92 9.30 67.77
N ILE C 146 58.26 8.20 68.10
CA ILE C 146 58.79 7.22 69.05
C ILE C 146 58.84 5.86 68.36
N THR C 147 59.95 5.14 68.55
CA THR C 147 60.16 3.86 67.91
C THR C 147 60.93 2.94 68.84
N ILE C 148 60.59 1.65 68.80
CA ILE C 148 61.27 0.63 69.59
C ILE C 148 62.42 0.07 68.78
N GLU C 149 63.60 -0.06 69.40
CA GLU C 149 64.75 -0.57 68.67
C GLU C 149 65.45 -1.72 69.41
N LYS C 150 65.43 -1.71 70.74
CA LYS C 150 66.11 -2.74 71.53
C LYS C 150 65.13 -3.32 72.55
N ARG C 151 65.20 -4.64 72.71
CA ARG C 151 64.26 -5.37 73.56
C ARG C 151 65.00 -6.44 74.34
N VAL C 152 64.57 -6.69 75.58
CA VAL C 152 65.12 -7.75 76.41
C VAL C 152 63.99 -8.66 76.86
N THR C 153 64.33 -9.92 77.14
CA THR C 153 63.37 -10.94 77.53
C THR C 153 63.91 -11.78 78.68
N ASN C 154 64.59 -11.15 79.64
CA ASN C 154 65.12 -11.87 80.79
C ASN C 154 64.00 -12.46 81.63
N ALA C 155 63.91 -13.79 81.64
CA ALA C 155 62.81 -14.46 82.33
C ALA C 155 62.86 -14.24 83.83
N ARG C 156 64.06 -14.25 84.42
CA ARG C 156 64.19 -14.12 85.86
C ARG C 156 63.67 -12.78 86.35
N SER C 157 64.02 -11.70 85.65
CA SER C 157 63.59 -10.36 86.04
C SER C 157 62.20 -10.06 85.49
N PRO C 158 61.27 -9.64 86.34
CA PRO C 158 59.94 -9.21 85.87
C PRO C 158 59.96 -8.13 84.80
N ARG C 159 61.12 -7.56 84.48
CA ARG C 159 61.21 -6.46 83.52
C ARG C 159 61.06 -6.92 82.08
N TYR C 160 61.01 -8.22 81.81
CA TYR C 160 60.83 -8.71 80.46
C TYR C 160 59.40 -8.43 79.98
N GLY C 161 59.24 -8.45 78.66
CA GLY C 161 57.97 -8.16 78.04
C GLY C 161 57.76 -6.70 77.66
N GLU C 162 58.69 -5.82 78.03
CA GLU C 162 58.56 -4.40 77.73
C GLU C 162 59.90 -3.83 77.27
N PRO C 163 59.88 -2.88 76.33
CA PRO C 163 61.15 -2.34 75.82
C PRO C 163 61.91 -1.54 76.87
N GLU C 164 63.23 -1.52 76.71
CA GLU C 164 64.11 -0.85 77.67
C GLU C 164 64.80 0.38 77.10
N ILE C 165 65.01 0.45 75.79
CA ILE C 165 65.65 1.59 75.15
C ILE C 165 64.72 2.13 74.07
N TYR C 166 64.51 3.44 74.07
CA TYR C 166 63.60 4.09 73.15
C TYR C 166 64.38 4.96 72.17
N LYS C 167 63.91 5.03 70.93
CA LYS C 167 64.50 5.86 69.90
C LYS C 167 63.52 6.98 69.54
N VAL C 168 63.97 8.22 69.66
CA VAL C 168 63.17 9.39 69.33
C VAL C 168 63.78 10.08 68.12
N SER C 169 62.92 10.48 67.18
CA SER C 169 63.33 11.14 65.94
C SER C 169 62.50 12.39 65.76
N PRO C 170 62.81 13.46 66.49
CA PRO C 170 62.01 14.69 66.37
C PRO C 170 62.04 15.30 64.97
N GLY C 171 63.08 15.05 64.21
CA GLY C 171 63.21 15.61 62.87
C GLY C 171 64.03 16.89 62.89
N ASP C 172 63.52 17.93 62.23
CA ASP C 172 64.13 19.26 62.14
C ASP C 172 65.65 19.19 62.01
N ASN C 173 66.10 18.34 61.09
CA ASN C 173 67.50 18.16 60.72
C ASN C 173 68.42 18.09 61.94
N ILE C 174 68.07 17.22 62.89
CA ILE C 174 68.94 16.90 64.01
C ILE C 174 69.01 15.39 64.15
N GLN C 175 70.08 14.92 64.78
CA GLN C 175 70.33 13.49 64.88
C GLN C 175 69.41 12.86 65.91
N PRO C 176 68.71 11.78 65.58
CA PRO C 176 67.94 11.05 66.59
C PRO C 176 68.85 10.48 67.67
N TYR C 177 68.33 10.42 68.89
CA TYR C 177 69.10 9.96 70.04
C TYR C 177 68.29 8.94 70.82
N LEU C 178 69.00 8.01 71.45
CA LEU C 178 68.38 6.91 72.17
C LEU C 178 68.17 7.27 73.64
N ILE C 179 67.15 6.68 74.24
CA ILE C 179 66.74 7.00 75.61
C ILE C 179 66.54 5.70 76.38
N HIS C 180 67.00 5.69 77.63
CA HIS C 180 66.72 4.59 78.53
C HIS C 180 65.25 4.64 78.99
N HIS C 181 64.73 3.48 79.37
CA HIS C 181 63.32 3.39 79.76
C HIS C 181 63.02 4.23 80.98
N THR C 182 63.90 4.18 81.99
CA THR C 182 63.62 4.85 83.26
C THR C 182 63.56 6.38 83.13
N ARG C 183 64.14 6.94 82.07
CA ARG C 183 64.18 8.39 81.95
C ARG C 183 62.84 8.99 81.54
N ILE C 184 62.11 8.33 80.63
CA ILE C 184 60.91 8.90 80.05
C ILE C 184 59.70 8.04 80.41
N PHE C 185 58.53 8.54 80.05
CA PHE C 185 57.26 7.88 80.30
C PHE C 185 56.44 7.82 79.02
N ILE C 186 55.63 6.78 78.89
CA ILE C 186 54.78 6.58 77.72
C ILE C 186 53.34 6.80 78.13
N ALA C 187 52.65 7.71 77.46
CA ALA C 187 51.27 8.05 77.75
C ALA C 187 50.36 7.38 76.72
N ASP C 188 49.32 6.71 77.20
CA ASP C 188 48.42 5.95 76.35
C ASP C 188 46.99 6.48 76.54
N GLY C 189 46.14 6.21 75.54
CA GLY C 189 44.78 6.68 75.56
C GLY C 189 43.81 5.69 76.17
N GLU C 190 42.90 5.17 75.35
CA GLU C 190 41.88 4.24 75.81
C GLU C 190 42.21 2.82 75.37
N ARG C 191 41.67 1.85 76.12
CA ARG C 191 42.01 0.46 75.90
C ARG C 191 41.43 -0.05 74.58
N VAL C 192 42.15 -0.97 73.95
CA VAL C 192 41.70 -1.65 72.74
C VAL C 192 41.96 -3.14 72.92
N THR C 193 41.37 -3.93 72.02
CA THR C 193 41.53 -5.37 72.09
C THR C 193 43.01 -5.74 71.96
N PRO C 194 43.48 -6.77 72.68
CA PRO C 194 44.92 -7.09 72.65
C PRO C 194 45.43 -7.41 71.26
N GLN C 195 44.61 -8.03 70.42
CA GLN C 195 45.03 -8.29 69.03
C GLN C 195 45.31 -6.97 68.30
N MET C 196 44.39 -6.00 68.43
CA MET C 196 44.61 -4.71 67.83
C MET C 196 45.74 -3.95 68.53
N ARG C 197 45.92 -4.18 69.83
CA ARG C 197 47.02 -3.54 70.54
C ARG C 197 48.37 -3.99 70.01
N LYS C 198 48.53 -5.29 69.79
CA LYS C 198 49.78 -5.79 69.21
C LYS C 198 49.87 -5.50 67.73
N GLN C 199 48.73 -5.26 67.07
CA GLN C 199 48.77 -4.87 65.66
C GLN C 199 49.22 -3.42 65.49
N ASN C 200 48.91 -2.56 66.47
CA ASN C 200 49.25 -1.14 66.41
C ASN C 200 50.59 -0.82 67.07
N GLN C 201 51.46 -1.81 67.21
CA GLN C 201 52.79 -1.62 67.81
C GLN C 201 52.69 -1.04 69.22
N GLY C 202 51.73 -1.55 69.98
CA GLY C 202 51.55 -1.12 71.36
C GLY C 202 51.09 0.31 71.53
N TRP C 203 50.23 0.78 70.63
CA TRP C 203 49.65 2.12 70.72
C TRP C 203 48.14 2.02 70.79
N GLY C 204 47.53 2.93 71.54
CA GLY C 204 46.09 2.96 71.67
C GLY C 204 45.41 3.54 70.44
N ALA C 205 44.10 3.64 70.52
CA ALA C 205 43.28 4.15 69.43
C ALA C 205 42.90 5.60 69.69
N SER C 206 42.45 6.26 68.63
CA SER C 206 42.00 7.64 68.74
C SER C 206 40.62 7.70 69.38
N VAL C 207 40.37 8.82 70.08
CA VAL C 207 39.05 9.04 70.68
C VAL C 207 38.00 9.39 69.63
N LEU C 208 38.43 9.79 68.43
CA LEU C 208 37.51 10.06 67.33
C LEU C 208 37.34 8.78 66.51
N ASN C 209 36.42 7.93 66.96
CA ASN C 209 36.13 6.69 66.28
C ASN C 209 35.26 6.97 65.04
N LYS C 210 35.02 5.92 64.26
CA LYS C 210 34.28 6.08 63.00
C LYS C 210 32.87 6.57 63.24
N SER C 211 32.18 6.00 64.24
CA SER C 211 30.81 6.41 64.53
C SER C 211 30.75 7.88 64.93
N LEU C 212 31.66 8.31 65.80
CA LEU C 212 31.71 9.71 66.17
C LEU C 212 32.02 10.58 64.97
N ILE C 213 32.91 10.11 64.10
CA ILE C 213 33.31 10.90 62.93
C ILE C 213 32.11 11.14 62.02
N ASP C 214 31.38 10.08 61.67
CA ASP C 214 30.28 10.30 60.73
C ASP C 214 29.08 10.95 61.40
N ALA C 215 28.92 10.77 62.71
CA ALA C 215 27.89 11.51 63.43
C ALA C 215 28.17 13.01 63.41
N ILE C 216 29.44 13.40 63.54
CA ILE C 216 29.80 14.80 63.36
C ILE C 216 29.57 15.23 61.91
N CYS C 217 29.92 14.36 60.96
CA CYS C 217 29.92 14.74 59.55
C CYS C 217 28.51 15.02 59.04
N ASP C 218 27.55 14.16 59.38
CA ASP C 218 26.22 14.33 58.79
C ASP C 218 25.43 15.48 59.40
N TYR C 219 25.86 16.03 60.54
CA TYR C 219 25.20 17.20 61.10
C TYR C 219 25.32 18.40 60.16
N ASP C 220 26.50 18.61 59.58
CA ASP C 220 26.68 19.72 58.65
C ASP C 220 25.82 19.53 57.40
N TYR C 221 25.71 18.28 56.93
CA TYR C 221 24.82 18.00 55.81
C TYR C 221 23.37 18.34 56.16
N CYS C 222 22.95 18.00 57.38
CA CYS C 222 21.59 18.32 57.81
C CYS C 222 21.36 19.83 57.87
N GLU C 223 22.34 20.58 58.39
CA GLU C 223 22.20 22.04 58.43
C GLU C 223 22.15 22.65 57.04
N SER C 224 22.99 22.15 56.12
CA SER C 224 22.94 22.64 54.75
C SER C 224 21.59 22.35 54.12
N LEU C 225 21.05 21.16 54.36
CA LEU C 225 19.73 20.82 53.86
C LEU C 225 18.67 21.73 54.44
N ALA C 226 18.78 22.06 55.72
CA ALA C 226 17.81 22.97 56.34
C ALA C 226 17.86 24.35 55.70
N THR C 227 19.07 24.86 55.46
CA THR C 227 19.18 26.17 54.80
C THR C 227 18.60 26.13 53.40
N GLN C 228 18.89 25.05 52.66
CA GLN C 228 18.34 24.91 51.31
C GLN C 228 16.81 24.84 51.35
N ILE C 229 16.26 24.14 52.33
CA ILE C 229 14.81 24.03 52.46
C ILE C 229 14.20 25.40 52.74
N LEU C 230 14.84 26.18 53.61
CA LEU C 230 14.35 27.54 53.86
C LEU C 230 14.39 28.38 52.59
N ARG C 231 15.46 28.25 51.81
CA ARG C 231 15.61 29.10 50.62
C ARG C 231 14.51 28.85 49.60
N ARG C 232 14.00 27.61 49.52
CA ARG C 232 13.00 27.25 48.52
C ARG C 232 11.59 27.23 49.09
N LYS C 233 11.24 28.15 50.00
CA LYS C 233 9.92 28.13 50.61
C LYS C 233 8.83 28.38 49.58
N GLN C 234 9.04 29.33 48.67
CA GLN C 234 8.06 29.62 47.64
C GLN C 234 8.78 29.95 46.34
N GLN C 235 8.08 29.71 45.23
CA GLN C 235 8.62 29.93 43.90
C GLN C 235 7.55 30.51 42.99
N ALA C 236 7.93 31.50 42.20
CA ALA C 236 7.02 32.15 41.26
C ALA C 236 7.34 31.67 39.84
N VAL C 237 6.31 31.24 39.12
CA VAL C 237 6.46 30.68 37.79
C VAL C 237 5.78 31.60 36.80
N TRP C 238 6.50 31.97 35.74
CA TRP C 238 6.00 32.86 34.70
C TRP C 238 5.88 32.08 33.40
N LYS C 239 4.68 32.06 32.82
CA LYS C 239 4.41 31.31 31.60
C LYS C 239 4.08 32.28 30.48
N VAL C 240 4.75 32.11 29.33
CA VAL C 240 4.56 32.97 28.17
C VAL C 240 4.34 32.10 26.94
N LYS C 241 3.37 32.48 26.13
CA LYS C 241 3.12 31.78 24.86
C LYS C 241 4.24 32.08 23.88
N GLY C 242 4.79 31.03 23.26
CA GLY C 242 5.82 31.22 22.26
C GLY C 242 7.10 31.82 22.78
N LEU C 243 7.57 31.37 23.94
CA LEU C 243 8.82 31.86 24.51
C LEU C 243 10.03 31.03 24.08
N ALA C 244 9.82 29.91 23.38
CA ALA C 244 10.89 29.02 22.99
C ALA C 244 11.47 29.34 21.62
N GLU C 245 10.97 30.37 20.94
CA GLU C 245 11.43 30.70 19.60
C GLU C 245 12.60 31.68 19.59
N MET C 246 12.96 32.24 20.74
CA MET C 246 14.09 33.15 20.80
C MET C 246 15.40 32.38 20.70
N CYS C 247 16.33 32.88 19.89
CA CYS C 247 17.65 32.28 19.81
C CYS C 247 18.40 32.48 21.13
N ASP C 248 19.14 31.46 21.54
CA ASP C 248 19.92 31.55 22.77
C ASP C 248 21.03 32.59 22.62
N ASP C 249 21.27 33.34 23.70
CA ASP C 249 22.30 34.38 23.73
C ASP C 249 22.05 35.43 22.64
N ASP C 250 20.84 35.97 22.63
CA ASP C 250 20.44 37.00 21.68
C ASP C 250 19.97 38.23 22.45
N ASP C 251 19.77 39.32 21.71
CA ASP C 251 19.33 40.57 22.33
C ASP C 251 17.94 40.43 22.93
N ALA C 252 17.04 39.73 22.25
CA ALA C 252 15.68 39.58 22.74
C ALA C 252 15.64 38.82 24.06
N GLN C 253 16.40 37.73 24.16
CA GLN C 253 16.42 36.96 25.39
C GLN C 253 17.01 37.76 26.54
N TYR C 254 18.09 38.51 26.28
CA TYR C 254 18.69 39.34 27.32
C TYR C 254 17.72 40.40 27.80
N ALA C 255 17.01 41.05 26.87
CA ALA C 255 16.03 42.05 27.27
C ALA C 255 14.90 41.42 28.07
N ALA C 256 14.46 40.23 27.67
CA ALA C 256 13.36 39.57 28.38
C ALA C 256 13.77 39.22 29.81
N ARG C 257 14.98 38.67 29.99
CA ARG C 257 15.38 38.31 31.34
C ARG C 257 15.69 39.53 32.19
N LEU C 258 16.21 40.60 31.58
CA LEU C 258 16.38 41.84 32.33
C LEU C 258 15.04 42.40 32.79
N ARG C 259 14.03 42.36 31.91
CA ARG C 259 12.69 42.81 32.30
C ARG C 259 12.12 41.96 33.42
N LEU C 260 12.31 40.63 33.33
CA LEU C 260 11.81 39.75 34.38
C LEU C 260 12.48 40.07 35.71
N ALA C 261 13.80 40.27 35.71
CA ALA C 261 14.49 40.61 36.94
C ALA C 261 14.00 41.95 37.50
N GLN C 262 13.86 42.95 36.64
CA GLN C 262 13.43 44.27 37.10
C GLN C 262 12.04 44.22 37.71
N VAL C 263 11.12 43.47 37.10
CA VAL C 263 9.81 43.29 37.69
C VAL C 263 9.91 42.54 39.00
N ASP C 264 10.85 41.59 39.09
CA ASP C 264 11.01 40.82 40.31
C ASP C 264 11.43 41.71 41.48
N ASP C 265 12.37 42.63 41.25
CA ASP C 265 12.85 43.45 42.36
C ASP C 265 11.85 44.49 42.81
N ASN C 266 10.80 44.76 42.03
CA ASN C 266 9.85 45.82 42.33
C ASN C 266 8.45 45.28 42.65
N SER C 267 8.37 44.17 43.38
CA SER C 267 7.10 43.63 43.83
C SER C 267 7.05 43.59 45.35
N GLY C 268 5.88 43.26 45.88
CA GLY C 268 5.71 43.21 47.32
C GLY C 268 4.24 43.33 47.67
N VAL C 269 4.00 43.64 48.95
CA VAL C 269 2.63 43.75 49.45
C VAL C 269 1.93 44.97 48.84
N GLY C 270 2.62 46.10 48.83
CA GLY C 270 2.01 47.35 48.40
C GLY C 270 2.22 47.67 46.94
N ARG C 271 2.67 46.70 46.15
CA ARG C 271 2.88 46.88 44.72
C ARG C 271 2.25 45.73 43.96
N ALA C 272 1.77 46.03 42.75
CA ALA C 272 1.09 45.06 41.91
C ALA C 272 1.74 45.04 40.53
N ILE C 273 1.45 43.97 39.79
CA ILE C 273 2.01 43.78 38.46
C ILE C 273 0.86 43.56 37.48
N GLY C 274 1.12 43.86 36.21
CA GLY C 274 0.14 43.68 35.15
C GLY C 274 0.65 42.74 34.08
N ILE C 275 -0.23 41.84 33.62
CA ILE C 275 0.12 40.84 32.62
C ILE C 275 -0.98 40.82 31.56
N ASP C 276 -0.67 40.19 30.44
CA ASP C 276 -1.63 40.02 29.36
C ASP C 276 -2.49 38.80 29.65
N ALA C 277 -3.81 38.98 29.62
CA ALA C 277 -4.72 37.90 29.97
C ALA C 277 -4.82 36.83 28.89
N GLU C 278 -4.59 37.21 27.63
CA GLU C 278 -4.79 36.27 26.53
C GLU C 278 -3.68 35.22 26.48
N THR C 279 -2.44 35.62 26.73
CA THR C 279 -1.28 34.77 26.48
C THR C 279 -0.60 34.30 27.76
N GLU C 280 -0.17 35.22 28.62
CA GLU C 280 0.70 34.88 29.73
C GLU C 280 -0.07 34.72 31.03
N GLU C 281 0.54 33.98 31.96
CA GLU C 281 -0.03 33.74 33.28
C GLU C 281 1.05 33.91 34.33
N TYR C 282 0.63 34.21 35.55
CA TYR C 282 1.53 34.34 36.69
C TYR C 282 0.99 33.49 37.84
N ASP C 283 1.82 32.60 38.35
CA ASP C 283 1.43 31.72 39.45
C ASP C 283 2.59 31.60 40.43
N VAL C 284 2.25 31.30 41.68
CA VAL C 284 3.23 31.13 42.74
C VAL C 284 2.97 29.80 43.44
N LEU C 285 4.04 29.04 43.67
CA LEU C 285 3.98 27.76 44.36
C LEU C 285 4.71 27.89 45.69
N ASN C 286 4.02 27.54 46.78
CA ASN C 286 4.56 27.73 48.13
C ASN C 286 4.51 26.42 48.89
N SER C 287 5.48 26.25 49.79
CA SER C 287 5.57 25.08 50.65
C SER C 287 5.63 25.54 52.10
N ASP C 288 5.82 24.59 53.00
CA ASP C 288 5.87 24.86 54.43
C ASP C 288 7.14 24.29 55.05
N ILE C 289 7.47 24.81 56.24
CA ILE C 289 8.61 24.34 57.01
C ILE C 289 8.14 24.10 58.44
N SER C 290 8.35 22.88 58.94
CA SER C 290 7.92 22.52 60.28
C SER C 290 8.60 21.23 60.68
N GLY C 291 9.09 21.19 61.93
CA GLY C 291 9.77 20.02 62.46
C GLY C 291 11.26 19.98 62.22
N VAL C 292 11.81 20.92 61.45
CA VAL C 292 13.25 20.94 61.21
C VAL C 292 14.03 21.21 62.50
N PRO C 293 13.69 22.19 63.33
CA PRO C 293 14.45 22.38 64.58
C PRO C 293 14.47 21.15 65.47
N GLU C 294 13.35 20.42 65.54
CA GLU C 294 13.33 19.19 66.33
C GLU C 294 14.28 18.14 65.75
N PHE C 295 14.34 18.04 64.42
CA PHE C 295 15.24 17.10 63.78
C PHE C 295 16.70 17.45 64.08
N LEU C 296 17.04 18.74 63.99
CA LEU C 296 18.39 19.16 64.30
C LEU C 296 18.73 18.92 65.77
N SER C 297 17.77 19.16 66.67
CA SER C 297 17.99 18.88 68.08
C SER C 297 18.21 17.40 68.32
N SER C 298 17.48 16.54 67.60
CA SER C 298 17.70 15.10 67.72
C SER C 298 19.09 14.71 67.24
N LYS C 299 19.55 15.31 66.14
CA LYS C 299 20.91 15.04 65.68
C LYS C 299 21.94 15.45 66.72
N MET C 300 21.76 16.62 67.32
CA MET C 300 22.66 17.03 68.40
C MET C 300 22.59 16.08 69.59
N ASP C 301 21.40 15.59 69.91
CA ASP C 301 21.27 14.63 71.01
C ASP C 301 22.03 13.35 70.71
N ARG C 302 21.97 12.88 69.47
CA ARG C 302 22.76 11.71 69.09
C ARG C 302 24.25 11.98 69.24
N ILE C 303 24.70 13.17 68.82
CA ILE C 303 26.10 13.53 68.96
C ILE C 303 26.51 13.52 70.44
N VAL C 304 25.66 14.09 71.29
CA VAL C 304 25.96 14.13 72.73
C VAL C 304 26.03 12.73 73.29
N SER C 305 25.09 11.86 72.90
CA SER C 305 25.09 10.49 73.41
C SER C 305 26.35 9.74 72.99
N LEU C 306 26.78 9.91 71.73
CA LEU C 306 27.97 9.22 71.28
C LEU C 306 29.25 9.78 71.90
N SER C 307 29.31 11.10 72.11
CA SER C 307 30.55 11.71 72.59
C SER C 307 30.87 11.28 74.02
N GLY C 308 29.90 11.36 74.91
CA GLY C 308 30.11 11.05 76.30
C GLY C 308 30.26 12.25 77.22
N ILE C 309 30.09 13.46 76.71
CA ILE C 309 30.16 14.67 77.52
C ILE C 309 28.78 15.34 77.52
N HIS C 310 28.37 15.81 78.69
CA HIS C 310 26.99 16.19 78.91
C HIS C 310 26.71 17.56 78.27
N GLU C 311 25.42 17.87 78.12
CA GLU C 311 25.01 18.93 77.21
C GLU C 311 25.51 20.31 77.63
N ILE C 312 25.47 20.63 78.93
CA ILE C 312 25.91 21.97 79.35
C ILE C 312 27.36 22.22 78.93
N ILE C 313 28.16 21.16 78.83
CA ILE C 313 29.54 21.31 78.38
C ILE C 313 29.66 21.32 76.85
N ILE C 314 28.73 20.69 76.14
CA ILE C 314 28.87 20.54 74.69
C ILE C 314 27.90 21.45 73.94
N LYS C 315 26.79 21.82 74.59
CA LYS C 315 25.82 22.71 73.97
C LYS C 315 25.83 24.11 74.54
N ASN C 316 26.35 24.30 75.76
CA ASN C 316 26.41 25.61 76.41
C ASN C 316 25.02 26.24 76.50
N LYS C 317 24.00 25.39 76.71
CA LYS C 317 22.62 25.81 76.71
C LYS C 317 21.95 25.30 77.99
N ASN C 318 21.64 26.21 78.91
CA ASN C 318 20.91 25.83 80.11
C ASN C 318 19.47 25.51 79.76
N VAL C 319 18.91 24.52 80.47
CA VAL C 319 17.54 24.09 80.18
C VAL C 319 16.54 25.21 80.47
N GLY C 320 16.70 25.90 81.60
CA GLY C 320 15.88 27.03 81.94
C GLY C 320 14.54 26.70 82.57
N GLY C 321 14.10 25.45 82.51
CA GLY C 321 12.83 25.05 83.07
C GLY C 321 12.89 24.51 84.48
N VAL C 322 14.05 24.59 85.14
CA VAL C 322 14.24 24.03 86.48
C VAL C 322 15.17 24.94 87.25
N SER C 323 15.08 24.85 88.58
CA SER C 323 15.87 25.74 89.44
C SER C 323 17.29 25.23 89.63
N ALA C 324 17.46 24.07 90.25
CA ALA C 324 18.78 23.58 90.64
C ALA C 324 18.93 22.10 90.30
N SER C 325 18.48 21.70 89.11
CA SER C 325 18.71 20.35 88.65
C SER C 325 20.05 20.18 87.93
N GLN C 326 20.68 21.29 87.54
CA GLN C 326 21.99 21.23 86.89
C GLN C 326 23.10 20.83 87.86
N ASN C 327 22.83 20.82 89.16
CA ASN C 327 23.80 20.31 90.12
C ASN C 327 24.10 18.83 89.86
N THR C 328 23.05 18.05 89.58
CA THR C 328 23.26 16.64 89.26
C THR C 328 24.02 16.47 87.95
N ALA C 329 23.72 17.31 86.96
CA ALA C 329 24.45 17.26 85.70
C ALA C 329 25.93 17.53 85.92
N LEU C 330 26.24 18.60 86.65
CA LEU C 330 27.64 18.91 86.90
C LEU C 330 28.31 17.77 87.65
N GLU C 331 27.67 17.25 88.72
CA GLU C 331 28.32 16.23 89.51
C GLU C 331 28.53 14.93 88.73
N THR C 332 27.63 14.60 87.81
CA THR C 332 27.86 13.47 86.91
C THR C 332 29.08 13.74 86.03
N PHE C 333 29.19 14.96 85.49
CA PHE C 333 30.38 15.31 84.73
C PHE C 333 31.65 15.18 85.58
N TYR C 334 31.56 15.58 86.85
CA TYR C 334 32.75 15.52 87.69
C TYR C 334 33.09 14.09 88.05
N LYS C 335 32.09 13.21 88.16
CA LYS C 335 32.35 11.79 88.32
C LYS C 335 33.09 11.23 87.11
N LEU C 336 32.65 11.61 85.91
CA LEU C 336 33.33 11.14 84.70
C LEU C 336 34.78 11.62 84.66
N VAL C 337 35.00 12.91 84.93
CA VAL C 337 36.35 13.44 84.85
C VAL C 337 37.21 12.90 85.98
N ASP C 338 36.60 12.55 87.13
CA ASP C 338 37.35 11.92 88.21
C ASP C 338 37.80 10.53 87.83
N ARG C 339 36.93 9.76 87.17
CA ARG C 339 37.34 8.46 86.65
C ARG C 339 38.50 8.61 85.68
N LYS C 340 38.38 9.57 84.75
CA LYS C 340 39.45 9.78 83.78
C LYS C 340 40.75 10.19 84.47
N ARG C 341 40.66 11.04 85.49
CA ARG C 341 41.86 11.46 86.22
C ARG C 341 42.50 10.28 86.91
N GLU C 342 41.72 9.52 87.68
CA GLU C 342 42.27 8.40 88.42
C GLU C 342 42.88 7.35 87.49
N GLU C 343 42.39 7.26 86.25
CA GLU C 343 42.94 6.25 85.35
C GLU C 343 44.07 6.76 84.48
N ASP C 344 44.23 8.08 84.31
CA ASP C 344 45.25 8.58 83.38
C ASP C 344 46.23 9.56 83.97
N TYR C 345 45.79 10.48 84.83
CA TYR C 345 46.67 11.54 85.30
C TYR C 345 47.68 11.05 86.31
N ARG C 346 47.29 10.11 87.17
CA ARG C 346 48.18 9.66 88.25
C ARG C 346 49.52 9.13 87.76
N PRO C 347 49.59 8.26 86.74
CA PRO C 347 50.90 7.73 86.34
C PRO C 347 51.96 8.79 86.12
N LEU C 348 51.59 9.94 85.54
CA LEU C 348 52.52 11.06 85.49
C LEU C 348 52.88 11.53 86.90
N LEU C 349 51.93 11.49 87.82
CA LEU C 349 52.20 11.97 89.18
C LEU C 349 53.25 11.12 89.87
N GLU C 350 53.09 9.79 89.85
CA GLU C 350 54.17 9.01 90.48
C GLU C 350 55.35 8.79 89.55
N PHE C 351 55.30 9.26 88.31
CA PHE C 351 56.50 9.28 87.48
C PHE C 351 57.35 10.51 87.76
N LEU C 352 56.73 11.62 88.17
CA LEU C 352 57.45 12.88 88.35
C LEU C 352 57.75 13.19 89.82
N LEU C 353 56.79 12.98 90.72
CA LEU C 353 56.99 13.35 92.12
C LEU C 353 58.20 12.71 92.78
N PRO C 354 58.52 11.42 92.59
CA PRO C 354 59.74 10.89 93.22
C PRO C 354 61.00 11.61 92.78
N PHE C 355 60.99 12.18 91.58
CA PHE C 355 62.12 12.99 91.12
C PHE C 355 62.10 14.40 91.66
N ILE C 356 60.96 14.87 92.20
CA ILE C 356 60.82 16.23 92.68
C ILE C 356 61.36 16.35 94.10
N VAL C 357 60.76 15.61 95.02
CA VAL C 357 61.09 15.69 96.44
C VAL C 357 62.04 14.56 96.81
N ASP C 358 62.79 14.76 97.88
CA ASP C 358 63.73 13.78 98.38
C ASP C 358 63.20 12.99 99.58
N GLU C 359 61.94 13.18 99.93
CA GLU C 359 61.36 12.46 101.06
C GLU C 359 61.20 10.98 100.73
N GLN C 360 61.39 10.14 101.74
CA GLN C 360 61.33 8.70 101.56
C GLN C 360 59.92 8.23 101.20
N GLU C 361 58.92 8.75 101.90
CA GLU C 361 57.54 8.28 101.73
C GLU C 361 56.60 9.47 101.58
N TRP C 362 55.66 9.33 100.66
CA TRP C 362 54.63 10.35 100.45
C TRP C 362 53.43 9.69 99.77
N SER C 363 52.29 10.36 99.82
CA SER C 363 51.06 9.90 99.20
C SER C 363 50.39 11.05 98.48
N ILE C 364 49.63 10.71 97.43
CA ILE C 364 48.93 11.67 96.60
C ILE C 364 47.44 11.35 96.61
N GLU C 365 46.62 12.36 96.92
CA GLU C 365 45.18 12.22 96.86
C GLU C 365 44.59 13.45 96.21
N PHE C 366 43.45 13.27 95.53
CA PHE C 366 42.81 14.33 94.77
C PHE C 366 41.65 14.91 95.56
N GLU C 367 41.60 16.23 95.66
CA GLU C 367 40.51 16.88 96.36
C GLU C 367 39.24 16.78 95.53
N PRO C 368 38.07 16.87 96.16
CA PRO C 368 36.85 17.09 95.38
C PRO C 368 36.97 18.36 94.57
N LEU C 369 36.74 18.22 93.26
CA LEU C 369 37.03 19.31 92.34
C LEU C 369 36.00 20.42 92.48
N SER C 370 34.77 20.07 92.85
CA SER C 370 33.67 21.01 92.96
C SER C 370 34.02 22.14 93.92
N VAL C 371 34.18 23.34 93.40
CA VAL C 371 34.67 24.49 94.17
C VAL C 371 33.51 25.14 94.90
N PRO C 372 33.63 25.35 96.26
CA PRO C 372 32.53 26.12 96.87
C PRO C 372 32.79 27.63 96.75
N SER C 373 31.77 28.43 96.93
CA SER C 373 31.90 29.89 96.86
C SER C 373 32.04 30.49 98.24
N LYS C 374 32.39 31.77 98.32
CA LYS C 374 32.64 32.45 99.61
C LYS C 374 31.71 32.23 100.80
N LYS C 375 30.43 31.96 100.58
CA LYS C 375 29.52 31.84 101.72
C LYS C 375 29.59 30.46 102.36
N GLU C 376 29.27 29.42 101.60
CA GLU C 376 29.17 28.10 102.20
C GLU C 376 30.53 27.58 102.67
N GLU C 377 31.62 28.03 102.06
CA GLU C 377 32.93 27.66 102.59
C GLU C 377 33.16 28.32 103.95
N SER C 378 32.64 29.53 104.14
CA SER C 378 32.69 30.15 105.45
C SER C 378 31.86 29.37 106.47
N GLU C 379 30.69 28.87 106.04
CA GLU C 379 29.90 28.03 106.93
C GLU C 379 30.64 26.75 107.29
N ILE C 380 31.32 26.15 106.31
CA ILE C 380 32.14 24.96 106.56
C ILE C 380 33.25 25.28 107.56
N THR C 381 33.90 26.44 107.39
CA THR C 381 34.95 26.84 108.32
C THR C 381 34.40 27.01 109.73
N LYS C 382 33.22 27.62 109.86
CA LYS C 382 32.61 27.74 111.19
C LYS C 382 32.35 26.37 111.80
N ASN C 383 31.75 25.46 111.04
CA ASN C 383 31.46 24.13 111.56
C ASN C 383 32.74 23.42 111.98
N ASN C 384 33.78 23.51 111.16
CA ASN C 384 35.04 22.84 111.46
C ASN C 384 35.69 23.42 112.71
N VAL C 385 35.71 24.75 112.84
CA VAL C 385 36.39 25.36 113.98
C VAL C 385 35.63 25.09 115.27
N GLU C 386 34.29 25.06 115.22
CA GLU C 386 33.54 24.74 116.43
C GLU C 386 33.60 23.25 116.77
N SER C 387 33.73 22.38 115.76
CA SER C 387 33.81 20.95 116.05
C SER C 387 35.18 20.55 116.59
N VAL C 388 36.25 21.17 116.08
CA VAL C 388 37.58 20.80 116.54
C VAL C 388 37.80 21.23 117.99
N THR C 389 37.24 22.37 118.40
CA THR C 389 37.38 22.83 119.77
C THR C 389 36.49 22.07 120.74
N LYS C 390 35.46 21.38 120.25
CA LYS C 390 34.56 20.65 121.13
C LYS C 390 35.24 19.42 121.73
N ALA C 391 36.08 18.74 120.96
CA ALA C 391 36.68 17.49 121.39
C ALA C 391 38.05 17.65 122.04
N ILE C 392 38.53 18.88 122.20
CA ILE C 392 39.85 19.12 122.78
C ILE C 392 39.77 19.73 124.17
N THR C 393 38.57 19.92 124.70
CA THR C 393 38.39 20.54 126.02
C THR C 393 38.11 19.53 127.12
N GLU C 394 38.04 18.24 126.76
CA GLU C 394 37.78 17.20 127.74
C GLU C 394 39.08 16.47 127.93
N GLN C 395 40.18 17.19 127.71
CA GLN C 395 41.52 16.60 127.87
C GLN C 395 41.68 15.31 127.08
N ILE C 396 41.12 15.27 125.87
CA ILE C 396 41.28 14.10 125.04
C ILE C 396 42.48 14.37 124.17
N ILE C 397 42.46 15.52 123.50
CA ILE C 397 43.56 15.88 122.62
C ILE C 397 44.10 17.27 122.97
N ASP C 398 45.39 17.51 122.75
CA ASP C 398 45.99 18.80 123.14
C ASP C 398 46.18 19.76 121.96
N LEU C 399 46.99 20.81 122.10
CA LEU C 399 47.06 21.77 121.01
C LEU C 399 48.06 21.39 119.92
N GLU C 400 49.07 20.56 120.24
CA GLU C 400 50.14 20.35 119.28
C GLU C 400 49.66 19.64 118.01
N GLU C 401 48.68 18.74 118.14
CA GLU C 401 48.07 18.10 116.99
C GLU C 401 46.84 18.83 116.48
N ALA C 402 46.15 19.57 117.36
CA ALA C 402 45.05 20.41 116.91
C ALA C 402 45.52 21.48 115.94
N ARG C 403 46.75 21.96 116.11
CA ARG C 403 47.32 22.91 115.16
C ARG C 403 47.30 22.35 113.75
N ASP C 404 47.86 21.15 113.56
CA ASP C 404 47.89 20.56 112.24
C ASP C 404 46.51 20.15 111.76
N THR C 405 45.65 19.69 112.68
CA THR C 405 44.29 19.30 112.29
C THR C 405 43.52 20.48 111.73
N LEU C 406 43.65 21.65 112.37
CA LEU C 406 43.00 22.84 111.87
C LEU C 406 43.69 23.40 110.63
N ARG C 407 45.02 23.26 110.54
CA ARG C 407 45.74 23.77 109.37
C ARG C 407 45.38 22.99 108.11
N SER C 408 45.16 21.68 108.24
CA SER C 408 44.86 20.86 107.07
C SER C 408 43.51 21.25 106.46
N ILE C 409 42.53 21.58 107.30
CA ILE C 409 41.18 21.80 106.82
C ILE C 409 40.83 23.27 106.64
N ALA C 410 41.55 24.17 107.31
CA ALA C 410 41.25 25.60 107.27
C ALA C 410 42.50 26.37 106.89
N PRO C 411 42.86 26.38 105.61
CA PRO C 411 43.99 27.22 105.17
C PRO C 411 43.74 28.71 105.32
N GLU C 412 42.48 29.13 105.46
CA GLU C 412 42.19 30.54 105.65
C GLU C 412 42.80 31.08 106.94
N PHE C 413 42.79 30.28 108.01
CA PHE C 413 43.42 30.67 109.26
C PHE C 413 44.93 30.72 109.07
N LYS C 414 45.48 31.93 109.05
CA LYS C 414 46.91 32.14 108.87
C LYS C 414 47.64 31.71 110.15
N LEU C 415 48.30 30.56 110.09
CA LEU C 415 49.08 30.04 111.21
C LEU C 415 50.55 29.95 110.83
N LYS C 416 51.41 30.44 111.72
CA LYS C 416 52.83 30.19 111.63
C LYS C 416 53.14 28.86 112.30
N ASP C 417 54.41 28.47 112.33
CA ASP C 417 54.81 27.22 112.95
C ASP C 417 55.44 27.48 114.31
N GLY C 418 55.14 26.60 115.26
CA GLY C 418 55.63 26.76 116.62
C GLY C 418 55.12 25.69 117.56
N ASN C 419 54.63 26.11 118.73
CA ASN C 419 54.13 25.19 119.74
C ASN C 419 52.95 24.37 119.22
N ALA D 46 28.25 -6.65 60.90
CA ALA D 46 27.82 -7.60 61.92
C ALA D 46 28.84 -7.69 63.05
N SER D 47 28.64 -8.64 63.96
CA SER D 47 29.53 -8.81 65.10
C SER D 47 30.87 -9.40 64.71
N TYR D 48 30.87 -10.44 63.87
CA TYR D 48 32.09 -11.16 63.47
C TYR D 48 32.81 -11.62 64.73
N HIS D 49 34.04 -11.17 64.95
CA HIS D 49 34.82 -11.62 66.11
C HIS D 49 34.42 -10.86 67.37
N VAL D 50 33.34 -10.07 67.29
CA VAL D 50 32.91 -9.21 68.42
C VAL D 50 34.09 -8.46 69.04
N GLY D 51 35.03 -8.05 68.20
CA GLY D 51 36.16 -7.26 68.67
C GLY D 51 36.00 -6.04 67.80
N SER D 52 35.84 -6.24 66.50
CA SER D 52 35.58 -5.15 65.58
C SER D 52 34.36 -4.34 66.02
N PHE D 53 33.31 -5.02 66.46
CA PHE D 53 32.13 -4.32 66.96
C PHE D 53 32.46 -3.50 68.19
N TYR D 54 33.36 -3.99 69.04
CA TYR D 54 33.75 -3.26 70.23
C TYR D 54 34.56 -2.02 69.89
N ASN D 55 35.55 -2.16 69.02
CA ASN D 55 36.47 -1.06 68.74
C ASN D 55 36.01 -0.17 67.60
N ASP D 56 34.85 -0.44 67.00
CA ASP D 56 34.27 0.44 66.00
C ASP D 56 33.08 1.24 66.51
N ASN D 57 32.10 0.58 67.11
CA ASN D 57 30.94 1.26 67.64
C ASN D 57 31.21 1.77 69.05
N ALA D 58 30.65 2.94 69.36
CA ALA D 58 30.88 3.57 70.66
C ALA D 58 29.85 3.15 71.71
N THR D 59 28.64 2.80 71.30
CA THR D 59 27.64 2.36 72.25
C THR D 59 28.07 1.08 72.96
N ALA D 60 28.61 0.13 72.20
CA ALA D 60 29.14 -1.09 72.81
C ALA D 60 30.31 -0.77 73.72
N LYS D 61 31.18 0.15 73.29
CA LYS D 61 32.29 0.60 74.12
C LYS D 61 31.78 1.06 75.49
N ARG D 62 30.80 1.95 75.50
CA ARG D 62 30.28 2.47 76.76
C ARG D 62 29.60 1.36 77.57
N ILE D 63 28.78 0.53 76.92
CA ILE D 63 28.05 -0.50 77.65
C ILE D 63 29.00 -1.45 78.35
N VAL D 64 30.12 -1.79 77.69
CA VAL D 64 31.06 -2.73 78.29
C VAL D 64 32.05 -2.06 79.24
N ASP D 65 32.23 -0.74 79.15
CA ASP D 65 33.26 -0.08 79.96
C ASP D 65 32.74 0.65 81.18
N VAL D 66 31.48 1.13 81.20
CA VAL D 66 31.06 1.98 82.31
C VAL D 66 31.12 1.25 83.64
N ILE D 67 31.00 -0.08 83.65
CA ILE D 67 30.93 -0.82 84.89
C ILE D 67 32.31 -1.02 85.53
N PRO D 68 33.35 -1.48 84.80
CA PRO D 68 34.63 -1.79 85.47
C PRO D 68 35.31 -0.64 86.21
N GLU D 69 35.59 0.49 85.54
CA GLU D 69 36.34 1.55 86.22
C GLU D 69 35.49 2.23 87.29
N GLU D 70 34.19 2.42 87.04
CA GLU D 70 33.31 2.92 88.09
C GLU D 70 33.32 2.00 89.28
N MET D 71 33.48 0.70 89.05
CA MET D 71 33.52 -0.27 90.14
C MET D 71 34.83 -0.19 90.90
N VAL D 72 35.94 0.01 90.18
CA VAL D 72 37.26 -0.14 90.79
C VAL D 72 37.74 1.16 91.43
N THR D 73 37.32 2.31 90.92
CA THR D 73 37.79 3.58 91.46
C THR D 73 37.14 3.94 92.78
N ALA D 74 36.12 3.20 93.22
CA ALA D 74 35.50 3.47 94.51
C ALA D 74 36.49 3.25 95.65
N GLY D 75 37.29 2.20 95.56
CA GLY D 75 38.26 1.90 96.59
C GLY D 75 37.70 1.02 97.70
N PHE D 76 38.59 0.59 98.58
CA PHE D 76 38.22 -0.27 99.69
C PHE D 76 39.17 -0.05 100.85
N LYS D 77 38.73 -0.43 102.05
CA LYS D 77 39.56 -0.36 103.23
C LYS D 77 39.61 -1.74 103.90
N ILE D 78 40.71 -2.00 104.59
CA ILE D 78 40.93 -3.26 105.27
C ILE D 78 40.60 -3.07 106.75
N SER D 79 40.24 -4.18 107.41
CA SER D 79 39.92 -4.16 108.83
C SER D 79 40.63 -5.33 109.50
N GLY D 80 40.92 -5.16 110.80
CA GLY D 80 41.66 -6.14 111.54
C GLY D 80 43.16 -6.07 111.37
N VAL D 81 43.66 -5.09 110.61
CA VAL D 81 45.09 -4.91 110.38
C VAL D 81 45.58 -3.80 111.28
N LYS D 82 46.84 -3.89 111.72
CA LYS D 82 47.41 -2.93 112.65
C LYS D 82 47.28 -1.49 112.14
N ASP D 83 47.58 -1.26 110.86
CA ASP D 83 47.45 0.04 110.24
C ASP D 83 47.37 -0.14 108.72
N GLU D 84 46.75 0.82 108.04
CA GLU D 84 46.50 0.68 106.61
C GLU D 84 47.31 1.65 105.75
N LYS D 85 47.99 2.63 106.34
CA LYS D 85 48.80 3.54 105.53
C LYS D 85 49.98 2.84 104.87
N GLU D 86 50.65 1.91 105.57
CA GLU D 86 51.67 1.11 104.89
C GLU D 86 51.05 0.26 103.79
N PHE D 87 49.85 -0.27 104.05
CA PHE D 87 49.11 -0.99 103.01
C PHE D 87 48.80 -0.08 101.83
N LYS D 88 48.38 1.16 102.11
CA LYS D 88 48.06 2.10 101.03
C LYS D 88 49.30 2.41 100.19
N SER D 89 50.43 2.64 100.86
CA SER D 89 51.67 2.94 100.17
C SER D 89 52.14 1.76 99.33
N LEU D 90 52.05 0.55 99.87
CA LEU D 90 52.43 -0.62 99.10
C LEU D 90 51.49 -0.82 97.91
N TRP D 91 50.20 -0.54 98.11
CA TRP D 91 49.22 -0.71 97.04
C TRP D 91 49.52 0.24 95.88
N ASP D 92 49.73 1.53 96.16
CA ASP D 92 50.03 2.43 95.05
C ASP D 92 51.48 2.34 94.59
N SER D 93 52.35 1.63 95.33
CA SER D 93 53.66 1.30 94.79
C SER D 93 53.56 0.18 93.77
N TYR D 94 52.64 -0.77 93.98
CA TYR D 94 52.41 -1.80 92.97
C TYR D 94 51.86 -1.20 91.68
N LYS D 95 50.94 -0.25 91.79
CA LYS D 95 50.25 0.40 90.66
C LYS D 95 49.86 -0.63 89.59
N ILE D 96 49.03 -1.59 90.01
CA ILE D 96 48.65 -2.71 89.16
C ILE D 96 47.19 -2.66 88.74
N ASP D 97 46.43 -1.68 89.19
CA ASP D 97 44.99 -1.68 88.89
C ASP D 97 44.60 -1.47 87.41
N PRO D 98 45.39 -0.82 86.54
CA PRO D 98 44.96 -0.80 85.13
C PRO D 98 44.85 -2.20 84.53
N SER D 99 45.75 -3.10 84.93
CA SER D 99 45.64 -4.49 84.49
C SER D 99 44.38 -5.14 85.02
N LEU D 100 43.98 -4.81 86.25
CA LEU D 100 42.73 -5.32 86.80
C LEU D 100 41.55 -4.83 85.98
N VAL D 101 41.55 -3.54 85.61
CA VAL D 101 40.46 -3.00 84.80
C VAL D 101 40.42 -3.69 83.44
N ASP D 102 41.58 -3.90 82.83
CA ASP D 102 41.63 -4.58 81.54
C ASP D 102 41.12 -6.01 81.66
N ALA D 103 41.50 -6.71 82.73
CA ALA D 103 41.02 -8.08 82.94
C ALA D 103 39.52 -8.13 83.10
N LEU D 104 38.96 -7.20 83.88
CA LEU D 104 37.50 -7.16 84.04
C LEU D 104 36.81 -6.86 82.72
N CYS D 105 37.37 -5.93 81.93
CA CYS D 105 36.78 -5.61 80.64
C CYS D 105 36.80 -6.82 79.69
N TRP D 106 37.92 -7.54 79.66
CA TRP D 106 38.00 -8.73 78.81
C TRP D 106 37.05 -9.82 79.29
N ALA D 107 36.90 -9.96 80.61
CA ALA D 107 35.96 -10.93 81.14
C ALA D 107 34.53 -10.59 80.74
N ARG D 108 34.18 -9.30 80.79
CA ARG D 108 32.84 -8.90 80.39
C ARG D 108 32.62 -9.04 78.88
N LEU D 109 33.67 -8.82 78.09
CA LEU D 109 33.51 -8.85 76.63
C LEU D 109 33.53 -10.27 76.08
N TYR D 110 34.65 -10.98 76.26
CA TYR D 110 34.83 -12.30 75.69
C TYR D 110 34.19 -13.41 76.52
N GLY D 111 33.81 -13.13 77.76
CA GLY D 111 33.23 -14.12 78.64
C GLY D 111 34.21 -14.75 79.61
N GLY D 112 35.51 -14.48 79.47
CA GLY D 112 36.49 -15.04 80.37
C GLY D 112 37.86 -14.39 80.24
N ALA D 113 38.58 -14.28 81.35
CA ALA D 113 39.92 -13.72 81.34
C ALA D 113 40.68 -14.31 82.52
N ALA D 114 42.01 -14.29 82.40
CA ALA D 114 42.89 -14.84 83.42
C ALA D 114 44.04 -13.88 83.69
N ILE D 115 44.47 -13.83 84.95
CA ILE D 115 45.62 -13.04 85.36
C ILE D 115 46.62 -13.96 86.04
N VAL D 116 47.90 -13.74 85.75
CA VAL D 116 48.98 -14.57 86.27
C VAL D 116 49.75 -13.78 87.31
N ALA D 117 50.12 -14.45 88.39
CA ALA D 117 50.86 -13.83 89.48
C ALA D 117 52.31 -14.28 89.44
N ILE D 118 53.24 -13.33 89.50
CA ILE D 118 54.67 -13.60 89.49
C ILE D 118 55.17 -13.50 90.92
N ILE D 119 55.80 -14.56 91.40
CA ILE D 119 56.26 -14.67 92.78
C ILE D 119 57.78 -14.79 92.79
N ASN D 120 58.41 -14.09 93.73
CA ASN D 120 59.87 -14.09 93.88
C ASN D 120 60.42 -15.40 94.44
N ASP D 121 59.59 -16.43 94.63
CA ASP D 121 60.08 -17.69 95.15
C ASP D 121 61.05 -18.34 94.18
N ASN D 122 62.16 -18.85 94.71
CA ASN D 122 63.17 -19.49 93.87
C ASN D 122 62.69 -20.79 93.26
N ARG D 123 61.64 -21.39 93.81
CA ARG D 123 61.15 -22.67 93.31
C ARG D 123 60.49 -22.50 91.94
N MET D 124 60.31 -23.63 91.25
CA MET D 124 59.71 -23.62 89.93
C MET D 124 58.25 -23.17 90.01
N LEU D 125 57.82 -22.39 89.02
CA LEU D 125 56.46 -21.88 89.00
C LEU D 125 55.42 -22.98 88.85
N THR D 126 55.80 -24.13 88.30
CA THR D 126 54.86 -25.25 88.20
C THR D 126 54.51 -25.82 89.57
N SER D 127 55.47 -25.79 90.50
CA SER D 127 55.20 -26.27 91.85
C SER D 127 54.36 -25.26 92.62
N PRO D 128 53.54 -25.73 93.56
CA PRO D 128 52.66 -24.81 94.30
C PRO D 128 53.43 -23.87 95.21
N VAL D 129 52.77 -22.76 95.55
CA VAL D 129 53.34 -21.72 96.39
C VAL D 129 53.48 -22.21 97.83
N LYS D 130 54.20 -21.44 98.65
CA LYS D 130 54.34 -21.66 100.07
C LYS D 130 53.83 -20.45 100.85
N PRO D 131 53.34 -20.64 102.07
CA PRO D 131 52.90 -19.48 102.87
C PRO D 131 54.06 -18.54 103.15
N GLY D 132 53.74 -17.24 103.22
CA GLY D 132 54.72 -16.22 103.50
C GLY D 132 55.34 -15.59 102.27
N ALA D 133 55.06 -16.11 101.08
CA ALA D 133 55.62 -15.54 99.86
C ALA D 133 55.00 -14.19 99.56
N LYS D 134 55.74 -13.36 98.85
CA LYS D 134 55.32 -12.02 98.48
C LYS D 134 55.05 -11.94 96.97
N LEU D 135 54.62 -10.76 96.53
CA LEU D 135 54.26 -10.53 95.14
C LEU D 135 54.97 -9.27 94.64
N GLU D 136 55.37 -9.31 93.37
CA GLU D 136 56.03 -8.17 92.74
C GLU D 136 55.40 -7.71 91.44
N GLY D 137 54.59 -8.54 90.79
CA GLY D 137 53.95 -8.13 89.55
C GLY D 137 52.83 -9.05 89.10
N VAL D 138 51.95 -8.54 88.24
CA VAL D 138 50.82 -9.30 87.73
C VAL D 138 50.67 -8.99 86.24
N ARG D 139 50.34 -10.02 85.46
CA ARG D 139 50.16 -9.89 84.02
C ARG D 139 48.84 -10.54 83.62
N VAL D 140 48.20 -9.97 82.61
CA VAL D 140 46.83 -10.29 82.24
C VAL D 140 46.81 -10.98 80.88
N TYR D 141 45.92 -11.95 80.72
CA TYR D 141 45.69 -12.62 79.45
C TYR D 141 44.19 -12.63 79.16
N ASP D 142 43.86 -12.91 77.91
CA ASP D 142 42.47 -12.97 77.48
C ASP D 142 41.99 -14.43 77.49
N ARG D 143 40.79 -14.66 76.95
CA ARG D 143 40.19 -16.00 76.99
C ARG D 143 40.93 -16.97 76.08
N PHE D 144 41.43 -16.49 74.94
CA PHE D 144 42.00 -17.37 73.93
C PHE D 144 43.43 -17.78 74.24
N ALA D 145 44.05 -17.22 75.28
CA ALA D 145 45.42 -17.54 75.64
C ALA D 145 45.51 -18.59 76.75
N ILE D 146 44.38 -19.12 77.19
CA ILE D 146 44.34 -20.09 78.28
C ILE D 146 43.69 -21.37 77.78
N THR D 147 44.34 -22.50 78.04
CA THR D 147 43.80 -23.81 77.67
C THR D 147 44.09 -24.80 78.79
N ILE D 148 43.33 -25.89 78.79
CA ILE D 148 43.36 -26.86 79.88
C ILE D 148 44.38 -27.95 79.57
N GLU D 149 45.17 -28.33 80.57
CA GLU D 149 46.26 -29.28 80.35
C GLU D 149 46.09 -30.58 81.13
N LYS D 150 45.86 -30.51 82.44
CA LYS D 150 45.72 -31.72 83.25
C LYS D 150 44.51 -31.61 84.16
N ARG D 151 43.95 -32.76 84.51
CA ARG D 151 42.75 -32.86 85.32
C ARG D 151 42.96 -33.91 86.40
N VAL D 152 42.45 -33.64 87.59
CA VAL D 152 42.58 -34.54 88.74
C VAL D 152 41.18 -34.85 89.28
N THR D 153 40.95 -36.12 89.60
CA THR D 153 39.64 -36.58 90.06
C THR D 153 39.79 -37.52 91.26
N ASN D 154 40.71 -37.19 92.17
CA ASN D 154 40.89 -38.01 93.36
C ASN D 154 39.64 -38.00 94.22
N ALA D 155 39.21 -39.18 94.67
CA ALA D 155 37.96 -39.28 95.40
C ALA D 155 38.07 -38.67 96.79
N ARG D 156 39.14 -39.00 97.53
CA ARG D 156 39.28 -38.52 98.90
C ARG D 156 39.51 -37.01 98.94
N SER D 157 40.43 -36.52 98.10
CA SER D 157 40.70 -35.09 98.06
C SER D 157 39.52 -34.38 97.40
N PRO D 158 38.91 -33.39 98.07
CA PRO D 158 37.76 -32.69 97.50
C PRO D 158 38.10 -31.62 96.49
N ARG D 159 39.35 -31.54 96.06
CA ARG D 159 39.80 -30.55 95.09
C ARG D 159 39.39 -30.90 93.66
N TYR D 160 38.86 -32.10 93.43
CA TYR D 160 38.47 -32.50 92.08
C TYR D 160 37.32 -31.63 91.58
N GLY D 161 37.27 -31.43 90.27
CA GLY D 161 36.33 -30.53 89.66
C GLY D 161 36.94 -29.30 89.04
N GLU D 162 38.27 -29.20 89.01
CA GLU D 162 38.97 -28.08 88.40
C GLU D 162 40.31 -28.58 87.88
N PRO D 163 40.76 -28.07 86.74
CA PRO D 163 42.03 -28.56 86.16
C PRO D 163 43.22 -28.21 87.04
N GLU D 164 44.06 -29.22 87.28
CA GLU D 164 45.20 -29.05 88.19
C GLU D 164 46.24 -28.11 87.59
N ILE D 165 46.59 -28.30 86.33
CA ILE D 165 47.66 -27.55 85.68
C ILE D 165 47.07 -26.81 84.48
N TYR D 166 47.34 -25.51 84.41
CA TYR D 166 46.87 -24.66 83.33
C TYR D 166 47.98 -24.47 82.31
N LYS D 167 47.63 -24.53 81.03
CA LYS D 167 48.57 -24.30 79.94
C LYS D 167 48.26 -22.96 79.29
N VAL D 168 49.24 -22.08 79.23
CA VAL D 168 49.07 -20.74 78.68
C VAL D 168 49.90 -20.63 77.41
N SER D 169 49.33 -19.94 76.42
CA SER D 169 49.98 -19.71 75.12
C SER D 169 49.97 -18.21 74.84
N PRO D 170 50.88 -17.46 75.44
CA PRO D 170 50.87 -16.00 75.27
C PRO D 170 51.09 -15.53 73.84
N GLY D 171 51.66 -16.38 72.99
CA GLY D 171 51.96 -15.95 71.62
C GLY D 171 53.25 -15.16 71.56
N ASP D 172 53.24 -14.07 70.77
CA ASP D 172 54.39 -13.19 70.57
C ASP D 172 55.70 -13.95 70.46
N ASN D 173 55.68 -15.03 69.67
CA ASN D 173 56.84 -15.89 69.41
C ASN D 173 57.68 -16.16 70.66
N ILE D 174 57.01 -16.63 71.72
CA ILE D 174 57.67 -17.15 72.91
C ILE D 174 57.04 -18.48 73.26
N GLN D 175 57.80 -19.28 74.01
CA GLN D 175 57.41 -20.66 74.27
C GLN D 175 56.26 -20.72 75.28
N PRO D 176 55.19 -21.44 74.98
CA PRO D 176 54.14 -21.65 75.98
C PRO D 176 54.66 -22.44 77.17
N TYR D 177 54.06 -22.19 78.34
CA TYR D 177 54.51 -22.83 79.56
C TYR D 177 53.30 -23.23 80.40
N LEU D 178 53.52 -24.17 81.31
CA LEU D 178 52.49 -24.73 82.16
C LEU D 178 52.48 -24.02 83.51
N ILE D 179 51.29 -23.87 84.09
CA ILE D 179 51.11 -23.14 85.34
C ILE D 179 50.26 -23.97 86.29
N HIS D 180 50.63 -23.94 87.57
CA HIS D 180 49.82 -24.57 88.61
C HIS D 180 48.54 -23.78 88.84
N HIS D 181 47.52 -24.46 89.36
CA HIS D 181 46.23 -23.81 89.55
C HIS D 181 46.26 -22.80 90.68
N THR D 182 47.15 -22.97 91.66
CA THR D 182 47.25 -22.02 92.75
C THR D 182 47.95 -20.73 92.36
N ARG D 183 48.67 -20.71 91.24
CA ARG D 183 49.39 -19.51 90.85
C ARG D 183 48.46 -18.44 90.30
N ILE D 184 47.47 -18.84 89.50
CA ILE D 184 46.69 -17.87 88.73
C ILE D 184 45.24 -17.83 89.19
N PHE D 185 44.47 -16.91 88.61
CA PHE D 185 43.05 -16.76 88.89
C PHE D 185 42.29 -16.65 87.57
N ILE D 186 41.06 -17.14 87.58
CA ILE D 186 40.20 -17.14 86.40
C ILE D 186 39.03 -16.20 86.65
N ALA D 187 38.83 -15.26 85.74
CA ALA D 187 37.73 -14.30 85.81
C ALA D 187 36.67 -14.68 84.79
N ASP D 188 35.42 -14.75 85.25
CA ASP D 188 34.31 -15.18 84.42
C ASP D 188 33.27 -14.07 84.31
N GLY D 189 32.46 -14.14 83.26
CA GLY D 189 31.44 -13.14 83.03
C GLY D 189 30.13 -13.45 83.72
N GLU D 190 29.04 -13.54 82.96
CA GLU D 190 27.73 -13.82 83.50
C GLU D 190 27.41 -15.31 83.39
N ARG D 191 26.46 -15.74 84.22
CA ARG D 191 26.10 -17.15 84.29
C ARG D 191 25.37 -17.60 83.02
N VAL D 192 25.59 -18.86 82.66
CA VAL D 192 24.96 -19.48 81.50
C VAL D 192 24.52 -20.88 81.91
N THR D 193 23.66 -21.48 81.09
CA THR D 193 23.14 -22.81 81.40
C THR D 193 24.28 -23.82 81.46
N PRO D 194 24.18 -24.81 82.36
CA PRO D 194 25.28 -25.78 82.51
C PRO D 194 25.58 -26.54 81.23
N GLN D 195 24.56 -26.84 80.42
CA GLN D 195 24.82 -27.48 79.13
C GLN D 195 25.67 -26.58 78.24
N MET D 196 25.30 -25.31 78.13
CA MET D 196 26.11 -24.36 77.38
C MET D 196 27.44 -24.08 78.08
N ARG D 197 27.46 -24.16 79.42
CA ARG D 197 28.70 -23.94 80.15
C ARG D 197 29.74 -25.00 79.81
N LYS D 198 29.33 -26.27 79.79
CA LYS D 198 30.24 -27.34 79.40
C LYS D 198 30.44 -27.40 77.90
N GLN D 199 29.53 -26.79 77.12
CA GLN D 199 29.74 -26.72 75.68
C GLN D 199 30.82 -25.71 75.33
N ASN D 200 31.02 -24.69 76.16
CA ASN D 200 32.05 -23.69 75.96
C ASN D 200 33.28 -23.93 76.82
N GLN D 201 33.55 -25.19 77.18
CA GLN D 201 34.71 -25.56 77.99
C GLN D 201 34.83 -24.72 79.25
N GLY D 202 33.70 -24.52 79.92
CA GLY D 202 33.71 -23.84 81.20
C GLY D 202 33.80 -22.33 81.13
N TRP D 203 33.66 -21.75 79.95
CA TRP D 203 33.72 -20.30 79.78
C TRP D 203 32.31 -19.72 79.78
N GLY D 204 32.20 -18.46 80.21
CA GLY D 204 30.92 -17.80 80.32
C GLY D 204 30.36 -17.35 78.99
N ALA D 205 29.61 -16.24 79.00
CA ALA D 205 28.97 -15.71 77.81
C ALA D 205 29.29 -14.24 77.66
N SER D 206 29.28 -13.78 76.42
CA SER D 206 29.55 -12.37 76.13
C SER D 206 28.38 -11.51 76.57
N VAL D 207 28.69 -10.28 77.00
CA VAL D 207 27.65 -9.34 77.39
C VAL D 207 26.84 -8.86 76.18
N LEU D 208 27.40 -8.98 74.98
CA LEU D 208 26.73 -8.52 73.76
C LEU D 208 26.05 -9.71 73.10
N ASN D 209 24.91 -10.11 73.65
CA ASN D 209 24.11 -11.14 73.02
C ASN D 209 23.44 -10.59 71.76
N LYS D 210 22.91 -11.51 70.94
CA LYS D 210 22.42 -11.12 69.62
C LYS D 210 21.24 -10.17 69.70
N SER D 211 20.43 -10.26 70.75
CA SER D 211 19.32 -9.33 70.90
C SER D 211 19.83 -7.90 71.07
N LEU D 212 20.80 -7.71 71.97
CA LEU D 212 21.41 -6.39 72.12
C LEU D 212 22.15 -5.97 70.86
N ILE D 213 22.78 -6.93 70.19
CA ILE D 213 23.53 -6.60 68.97
C ILE D 213 22.60 -6.02 67.91
N ASP D 214 21.47 -6.68 67.67
CA ASP D 214 20.55 -6.18 66.66
C ASP D 214 19.78 -4.95 67.12
N ALA D 215 19.52 -4.82 68.43
CA ALA D 215 18.91 -3.59 68.94
C ALA D 215 19.82 -2.39 68.74
N ILE D 216 21.14 -2.59 68.90
CA ILE D 216 22.09 -1.53 68.60
C ILE D 216 22.14 -1.28 67.10
N CYS D 217 22.09 -2.35 66.30
CA CYS D 217 22.29 -2.22 64.86
C CYS D 217 21.14 -1.47 64.19
N ASP D 218 19.89 -1.77 64.56
CA ASP D 218 18.77 -1.19 63.83
C ASP D 218 18.63 0.32 64.07
N TYR D 219 19.20 0.84 65.16
CA TYR D 219 19.16 2.28 65.41
C TYR D 219 19.89 3.05 64.32
N ASP D 220 21.03 2.53 63.87
CA ASP D 220 21.77 3.19 62.79
C ASP D 220 20.96 3.19 61.50
N TYR D 221 20.28 2.08 61.20
CA TYR D 221 19.42 2.02 60.03
C TYR D 221 18.29 3.05 60.13
N CYS D 222 17.70 3.18 61.31
CA CYS D 222 16.64 4.17 61.51
C CYS D 222 17.19 5.59 61.32
N GLU D 223 18.39 5.86 61.82
CA GLU D 223 18.99 7.18 61.65
C GLU D 223 19.23 7.48 60.18
N SER D 224 19.75 6.51 59.42
CA SER D 224 19.98 6.71 57.99
C SER D 224 18.66 6.94 57.27
N LEU D 225 17.62 6.20 57.63
CA LEU D 225 16.31 6.41 57.01
C LEU D 225 15.77 7.80 57.32
N ALA D 226 15.98 8.29 58.55
CA ALA D 226 15.55 9.64 58.89
C ALA D 226 16.29 10.68 58.07
N THR D 227 17.60 10.49 57.88
CA THR D 227 18.36 11.42 57.06
C THR D 227 17.85 11.43 55.63
N GLN D 228 17.58 10.24 55.07
CA GLN D 228 17.04 10.17 53.72
C GLN D 228 15.67 10.83 53.63
N ILE D 229 14.83 10.64 54.66
CA ILE D 229 13.51 11.25 54.66
C ILE D 229 13.61 12.77 54.66
N LEU D 230 14.54 13.31 55.45
CA LEU D 230 14.77 14.76 55.41
C LEU D 230 15.25 15.20 54.05
N ARG D 231 16.16 14.43 53.44
CA ARG D 231 16.69 14.81 52.13
C ARG D 231 15.61 14.83 51.05
N ARG D 232 14.65 13.90 51.13
CA ARG D 232 13.59 13.81 50.13
C ARG D 232 12.34 14.59 50.51
N LYS D 233 12.48 15.71 51.23
CA LYS D 233 11.30 16.47 51.67
C LYS D 233 10.57 17.12 50.50
N GLN D 234 11.28 17.50 49.45
CA GLN D 234 10.67 18.25 48.35
C GLN D 234 11.34 17.88 47.04
N GLN D 235 10.52 17.67 46.01
CA GLN D 235 11.00 17.33 44.68
C GLN D 235 10.31 18.20 43.64
N ALA D 236 11.09 18.68 42.67
CA ALA D 236 10.59 19.49 41.57
C ALA D 236 10.74 18.71 40.28
N VAL D 237 9.69 18.70 39.47
CA VAL D 237 9.64 17.93 38.22
C VAL D 237 9.48 18.88 37.06
N TRP D 238 10.32 18.73 36.04
CA TRP D 238 10.30 19.54 34.83
C TRP D 238 9.77 18.68 33.69
N LYS D 239 8.62 19.06 33.15
CA LYS D 239 7.98 18.31 32.08
C LYS D 239 8.17 19.05 30.76
N VAL D 240 8.75 18.37 29.78
CA VAL D 240 9.02 18.95 28.46
C VAL D 240 8.41 18.03 27.40
N LYS D 241 7.68 18.62 26.46
CA LYS D 241 7.11 17.86 25.37
C LYS D 241 8.20 17.48 24.36
N GLY D 242 8.22 16.21 23.98
CA GLY D 242 9.22 15.74 23.03
C GLY D 242 10.64 15.75 23.53
N LEU D 243 10.86 15.36 24.79
CA LEU D 243 12.21 15.27 25.32
C LEU D 243 12.88 13.94 25.00
N ALA D 244 12.11 12.94 24.56
CA ALA D 244 12.65 11.63 24.26
C ALA D 244 13.35 11.56 22.90
N GLU D 245 13.16 12.56 22.04
CA GLU D 245 13.79 12.55 20.74
C GLU D 245 15.28 12.87 20.81
N MET D 246 15.73 13.48 21.90
CA MET D 246 17.14 13.85 22.02
C MET D 246 18.02 12.61 22.07
N CYS D 247 19.14 12.67 21.34
CA CYS D 247 20.10 11.58 21.36
C CYS D 247 20.74 11.45 22.73
N ASP D 248 21.02 10.21 23.13
CA ASP D 248 21.71 9.97 24.39
C ASP D 248 23.14 10.47 24.31
N ASP D 249 23.67 10.88 25.47
CA ASP D 249 25.05 11.34 25.69
C ASP D 249 25.64 12.06 24.47
N ASP D 250 24.89 13.05 23.99
CA ASP D 250 25.36 13.96 22.96
C ASP D 250 25.36 15.38 23.50
N ASP D 251 25.98 16.28 22.73
CA ASP D 251 26.16 17.65 23.19
C ASP D 251 24.83 18.35 23.48
N ALA D 252 23.77 18.01 22.75
CA ALA D 252 22.47 18.60 23.01
C ALA D 252 21.97 18.23 24.40
N GLN D 253 22.07 16.96 24.77
CA GLN D 253 21.63 16.52 26.09
C GLN D 253 22.47 17.15 27.19
N TYR D 254 23.79 17.22 26.99
CA TYR D 254 24.65 17.85 27.98
C TYR D 254 24.28 19.31 28.17
N ALA D 255 24.03 20.03 27.06
CA ALA D 255 23.63 21.43 27.17
C ALA D 255 22.29 21.56 27.89
N ALA D 256 21.35 20.67 27.60
CA ALA D 256 20.04 20.74 28.25
C ALA D 256 20.17 20.55 29.76
N ARG D 257 20.92 19.53 30.19
CA ARG D 257 21.04 19.30 31.62
C ARG D 257 21.89 20.35 32.31
N LEU D 258 22.89 20.91 31.60
CA LEU D 258 23.64 22.02 32.16
C LEU D 258 22.75 23.24 32.38
N ARG D 259 21.88 23.53 31.41
CA ARG D 259 20.94 24.63 31.58
C ARG D 259 19.98 24.36 32.74
N LEU D 260 19.50 23.12 32.85
CA LEU D 260 18.62 22.77 33.96
C LEU D 260 19.29 23.01 35.30
N ALA D 261 20.54 22.55 35.44
CA ALA D 261 21.27 22.75 36.69
C ALA D 261 21.50 24.24 36.96
N GLN D 262 21.89 25.00 35.92
CA GLN D 262 22.17 26.42 36.10
C GLN D 262 20.93 27.18 36.54
N VAL D 263 19.77 26.86 35.96
CA VAL D 263 18.53 27.46 36.42
C VAL D 263 18.22 27.01 37.85
N ASP D 264 18.56 25.77 38.18
CA ASP D 264 18.29 25.26 39.52
C ASP D 264 19.08 26.02 40.58
N ASP D 265 20.33 26.39 40.28
CA ASP D 265 21.13 27.10 41.27
C ASP D 265 20.57 28.49 41.58
N ASN D 266 20.02 29.18 40.58
CA ASN D 266 19.63 30.57 40.72
C ASN D 266 18.18 30.76 41.16
N SER D 267 17.46 29.67 41.45
CA SER D 267 16.09 29.80 41.93
C SER D 267 16.08 30.12 43.42
N GLY D 268 14.92 30.54 43.91
CA GLY D 268 14.78 30.86 45.31
C GLY D 268 13.47 31.56 45.59
N VAL D 269 13.34 32.03 46.84
CA VAL D 269 12.11 32.70 47.26
C VAL D 269 11.98 34.07 46.59
N GLY D 270 13.08 34.81 46.50
CA GLY D 270 13.09 36.12 45.89
C GLY D 270 13.36 36.11 44.41
N ARG D 271 13.38 34.95 43.76
CA ARG D 271 13.74 34.83 42.37
C ARG D 271 12.68 34.01 41.63
N ALA D 272 12.40 34.40 40.39
CA ALA D 272 11.39 33.76 39.58
C ALA D 272 12.02 33.21 38.31
N ILE D 273 11.30 32.28 37.66
CA ILE D 273 11.75 31.66 36.42
C ILE D 273 10.63 31.76 35.40
N GLY D 274 11.01 31.69 34.13
CA GLY D 274 10.07 31.77 33.02
C GLY D 274 10.08 30.49 32.21
N ILE D 275 8.90 30.01 31.84
CA ILE D 275 8.75 28.79 31.07
C ILE D 275 7.75 29.02 29.94
N ASP D 276 7.84 28.16 28.93
CA ASP D 276 6.88 28.20 27.84
C ASP D 276 5.52 27.71 28.31
N ALA D 277 4.46 28.17 27.63
CA ALA D 277 3.10 27.83 28.01
C ALA D 277 2.48 26.73 27.15
N GLU D 278 3.14 26.33 26.07
CA GLU D 278 2.60 25.32 25.18
C GLU D 278 3.31 23.97 25.26
N THR D 279 4.54 23.94 25.78
CA THR D 279 5.33 22.71 25.80
C THR D 279 5.99 22.41 27.14
N GLU D 280 5.92 23.31 28.11
CA GLU D 280 6.60 23.12 29.39
C GLU D 280 5.61 23.17 30.54
N GLU D 281 5.92 22.41 31.59
CA GLU D 281 5.18 22.44 32.84
C GLU D 281 6.18 22.33 33.98
N TYR D 282 5.93 23.08 35.06
CA TYR D 282 6.78 23.07 36.23
C TYR D 282 5.90 22.90 37.47
N ASP D 283 6.09 21.80 38.19
CA ASP D 283 5.30 21.50 39.37
C ASP D 283 6.23 21.00 40.47
N VAL D 284 5.79 21.17 41.72
CA VAL D 284 6.55 20.78 42.89
C VAL D 284 5.69 19.84 43.72
N LEU D 285 6.26 18.68 44.07
CA LEU D 285 5.62 17.72 44.97
C LEU D 285 6.37 17.74 46.30
N ASN D 286 5.65 17.99 47.38
CA ASN D 286 6.25 18.13 48.70
C ASN D 286 5.60 17.17 49.69
N SER D 287 6.41 16.69 50.63
CA SER D 287 5.95 15.79 51.68
C SER D 287 6.45 16.30 53.02
N ASP D 288 5.66 16.07 54.06
CA ASP D 288 5.99 16.58 55.39
C ASP D 288 6.82 15.56 56.18
N ILE D 289 7.50 16.06 57.21
CA ILE D 289 8.26 15.24 58.14
C ILE D 289 7.76 15.54 59.54
N SER D 290 7.39 14.48 60.28
CA SER D 290 6.86 14.64 61.62
C SER D 290 6.78 13.28 62.29
N GLY D 291 7.06 13.25 63.58
CA GLY D 291 6.97 12.03 64.35
C GLY D 291 8.22 11.18 64.40
N VAL D 292 9.27 11.55 63.67
CA VAL D 292 10.51 10.79 63.69
C VAL D 292 11.34 11.01 64.95
N PRO D 293 11.38 12.20 65.58
CA PRO D 293 12.18 12.30 66.83
C PRO D 293 11.69 11.38 67.92
N GLU D 294 10.38 11.26 68.10
CA GLU D 294 9.84 10.32 69.08
C GLU D 294 10.11 8.87 68.69
N PHE D 295 10.12 8.56 67.38
CA PHE D 295 10.46 7.20 66.96
C PHE D 295 11.90 6.86 67.33
N LEU D 296 12.84 7.78 67.08
CA LEU D 296 14.22 7.55 67.47
C LEU D 296 14.36 7.50 68.99
N SER D 297 13.60 8.31 69.72
CA SER D 297 13.61 8.24 71.18
C SER D 297 13.14 6.88 71.67
N SER D 298 12.09 6.33 71.04
CA SER D 298 11.62 5.00 71.41
C SER D 298 12.67 3.94 71.12
N LYS D 299 13.39 4.07 70.00
CA LYS D 299 14.47 3.14 69.71
C LYS D 299 15.56 3.21 70.77
N MET D 300 15.94 4.43 71.17
CA MET D 300 16.94 4.59 72.22
C MET D 300 16.47 4.01 73.55
N ASP D 301 15.19 4.20 73.86
CA ASP D 301 14.64 3.61 75.09
C ASP D 301 14.67 2.10 75.05
N ARG D 302 14.40 1.51 73.88
CA ARG D 302 14.52 0.06 73.76
C ARG D 302 15.96 -0.39 73.99
N ILE D 303 16.93 0.35 73.43
CA ILE D 303 18.33 0.02 73.66
C ILE D 303 18.66 0.10 75.14
N VAL D 304 18.15 1.14 75.81
CA VAL D 304 18.38 1.30 77.24
C VAL D 304 17.81 0.12 78.02
N SER D 305 16.58 -0.27 77.69
CA SER D 305 15.91 -1.34 78.42
C SER D 305 16.64 -2.67 78.25
N LEU D 306 17.08 -2.98 77.02
CA LEU D 306 17.80 -4.22 76.81
C LEU D 306 19.20 -4.19 77.39
N SER D 307 19.85 -3.03 77.41
CA SER D 307 21.22 -2.95 77.91
C SER D 307 21.30 -3.27 79.40
N GLY D 308 20.36 -2.76 80.19
CA GLY D 308 20.37 -2.95 81.62
C GLY D 308 21.03 -1.84 82.41
N ILE D 309 21.29 -0.69 81.80
CA ILE D 309 21.91 0.45 82.47
C ILE D 309 20.98 1.65 82.31
N HIS D 310 21.02 2.53 83.30
CA HIS D 310 20.11 3.66 83.33
C HIS D 310 20.40 4.62 82.17
N GLU D 311 19.37 5.39 81.79
CA GLU D 311 19.48 6.26 80.63
C GLU D 311 20.40 7.44 80.90
N ILE D 312 20.55 7.86 82.16
CA ILE D 312 21.41 8.99 82.47
C ILE D 312 22.86 8.67 82.12
N ILE D 313 23.28 7.43 82.35
CA ILE D 313 24.65 7.05 82.05
C ILE D 313 24.87 6.75 80.57
N ILE D 314 23.85 6.21 79.88
CA ILE D 314 24.04 5.81 78.49
C ILE D 314 23.59 6.89 77.50
N LYS D 315 22.48 7.57 77.75
CA LYS D 315 22.08 8.69 76.91
C LYS D 315 22.73 10.00 77.30
N ASN D 316 23.32 10.06 78.50
CA ASN D 316 24.01 11.25 78.99
C ASN D 316 23.10 12.47 78.88
N LYS D 317 21.91 12.35 79.45
CA LYS D 317 20.85 13.33 79.32
C LYS D 317 20.32 13.72 80.69
N ASN D 318 19.92 14.98 80.83
CA ASN D 318 19.19 15.44 82.00
C ASN D 318 17.75 15.73 81.61
N VAL D 319 16.81 15.23 82.42
CA VAL D 319 15.39 15.42 82.10
C VAL D 319 15.03 16.90 82.13
N GLY D 320 15.49 17.63 83.14
CA GLY D 320 15.26 19.05 83.24
C GLY D 320 13.91 19.46 83.80
N GLY D 321 13.00 18.51 83.96
CA GLY D 321 11.69 18.80 84.51
C GLY D 321 11.56 18.63 86.01
N VAL D 322 12.63 18.23 86.69
CA VAL D 322 12.59 18.00 88.14
C VAL D 322 13.97 18.33 88.70
N SER D 323 13.99 18.85 89.93
CA SER D 323 15.23 19.37 90.50
C SER D 323 16.15 18.24 90.96
N ALA D 324 15.71 17.44 91.92
CA ALA D 324 16.58 16.46 92.57
C ALA D 324 15.90 15.10 92.65
N SER D 325 15.33 14.64 91.53
CA SER D 325 14.80 13.30 91.45
C SER D 325 15.79 12.31 90.86
N GLN D 326 16.73 12.78 90.03
CA GLN D 326 17.73 11.92 89.44
C GLN D 326 18.78 11.46 90.44
N ASN D 327 18.78 12.00 91.65
CA ASN D 327 19.61 11.42 92.71
C ASN D 327 19.17 10.00 93.01
N THR D 328 17.86 9.75 93.01
CA THR D 328 17.37 8.38 93.14
C THR D 328 17.83 7.53 91.96
N ALA D 329 17.86 8.11 90.76
CA ALA D 329 18.33 7.36 89.59
C ALA D 329 19.79 6.96 89.75
N LEU D 330 20.64 7.90 90.16
CA LEU D 330 22.06 7.58 90.32
C LEU D 330 22.30 6.63 91.48
N GLU D 331 21.47 6.70 92.54
CA GLU D 331 21.65 5.73 93.62
C GLU D 331 21.14 4.35 93.21
N THR D 332 20.14 4.28 92.33
CA THR D 332 19.76 3.00 91.76
C THR D 332 20.87 2.41 90.91
N PHE D 333 21.52 3.25 90.11
CA PHE D 333 22.69 2.79 89.34
C PHE D 333 23.80 2.34 90.28
N TYR D 334 24.00 3.06 91.38
CA TYR D 334 24.98 2.66 92.37
C TYR D 334 24.62 1.31 93.00
N LYS D 335 23.33 1.09 93.25
CA LYS D 335 22.89 -0.18 93.79
C LYS D 335 23.20 -1.32 92.82
N LEU D 336 22.93 -1.12 91.53
CA LEU D 336 23.19 -2.19 90.58
C LEU D 336 24.67 -2.42 90.38
N VAL D 337 25.49 -1.36 90.42
CA VAL D 337 26.92 -1.56 90.25
C VAL D 337 27.52 -2.24 91.47
N ASP D 338 27.04 -1.91 92.68
CA ASP D 338 27.48 -2.66 93.87
C ASP D 338 27.03 -4.11 93.80
N ARG D 339 25.82 -4.34 93.29
CA ARG D 339 25.33 -5.70 93.11
C ARG D 339 26.23 -6.50 92.17
N LYS D 340 26.65 -5.88 91.08
CA LYS D 340 27.60 -6.53 90.17
C LYS D 340 28.97 -6.70 90.81
N ARG D 341 29.38 -5.73 91.64
CA ARG D 341 30.68 -5.80 92.28
C ARG D 341 30.79 -6.97 93.23
N GLU D 342 29.74 -7.20 94.02
CA GLU D 342 29.79 -8.20 95.09
C GLU D 342 30.10 -9.60 94.58
N GLU D 343 29.85 -9.86 93.29
CA GLU D 343 30.06 -11.19 92.73
C GLU D 343 31.29 -11.30 91.86
N ASP D 344 31.91 -10.19 91.45
CA ASP D 344 33.04 -10.24 90.54
C ASP D 344 34.30 -9.60 91.10
N TYR D 345 34.20 -8.46 91.78
CA TYR D 345 35.40 -7.78 92.27
C TYR D 345 35.99 -8.49 93.47
N ARG D 346 35.14 -8.99 94.37
CA ARG D 346 35.63 -9.59 95.61
C ARG D 346 36.57 -10.77 95.39
N PRO D 347 36.27 -11.75 94.51
CA PRO D 347 37.20 -12.88 94.35
C PRO D 347 38.63 -12.46 94.05
N LEU D 348 38.82 -11.40 93.25
CA LEU D 348 40.17 -10.87 93.07
C LEU D 348 40.73 -10.34 94.38
N LEU D 349 39.88 -9.80 95.24
CA LEU D 349 40.35 -9.29 96.53
C LEU D 349 40.88 -10.42 97.41
N GLU D 350 40.09 -11.49 97.58
CA GLU D 350 40.64 -12.59 98.37
C GLU D 350 41.69 -13.40 97.62
N PHE D 351 41.89 -13.17 96.32
CA PHE D 351 43.01 -13.81 95.64
C PHE D 351 44.30 -13.02 95.76
N LEU D 352 44.21 -11.69 95.91
CA LEU D 352 45.40 -10.85 95.94
C LEU D 352 45.84 -10.48 97.36
N LEU D 353 44.91 -10.19 98.27
CA LEU D 353 45.31 -9.82 99.63
C LEU D 353 46.18 -10.84 100.36
N PRO D 354 45.91 -12.14 100.31
CA PRO D 354 46.77 -13.08 101.06
C PRO D 354 48.22 -13.05 100.62
N PHE D 355 48.52 -12.58 99.41
CA PHE D 355 49.88 -12.49 98.91
C PHE D 355 50.55 -11.15 99.21
N ILE D 356 49.86 -10.24 99.88
CA ILE D 356 50.36 -8.87 100.03
C ILE D 356 50.55 -8.52 101.49
N VAL D 357 49.75 -9.12 102.37
CA VAL D 357 49.78 -8.82 103.80
C VAL D 357 50.04 -10.10 104.58
N ASP D 358 50.90 -10.00 105.59
CA ASP D 358 51.21 -11.12 106.46
C ASP D 358 50.31 -11.19 107.68
N GLU D 359 49.35 -10.27 107.81
CA GLU D 359 48.42 -10.31 108.93
C GLU D 359 47.53 -11.53 108.84
N GLN D 360 47.11 -12.04 110.00
CA GLN D 360 46.47 -13.35 110.06
C GLN D 360 45.05 -13.31 109.49
N GLU D 361 44.15 -12.58 110.15
CA GLU D 361 42.74 -12.57 109.81
C GLU D 361 42.30 -11.17 109.43
N TRP D 362 41.69 -11.04 108.26
CA TRP D 362 41.28 -9.75 107.74
C TRP D 362 39.92 -9.87 107.05
N SER D 363 39.24 -8.74 106.93
CA SER D 363 37.94 -8.68 106.29
C SER D 363 37.92 -7.51 105.31
N ILE D 364 37.03 -7.61 104.31
CA ILE D 364 36.93 -6.63 103.24
C ILE D 364 35.61 -5.89 103.36
N GLU D 365 35.68 -4.56 103.33
CA GLU D 365 34.50 -3.71 103.40
C GLU D 365 34.47 -2.78 102.21
N PHE D 366 33.31 -2.71 101.56
CA PHE D 366 33.13 -1.87 100.38
C PHE D 366 32.58 -0.52 100.78
N GLU D 367 33.33 0.54 100.49
CA GLU D 367 32.92 1.88 100.87
C GLU D 367 31.75 2.33 100.00
N PRO D 368 30.74 2.98 100.58
CA PRO D 368 29.59 3.44 99.78
C PRO D 368 30.03 4.48 98.76
N LEU D 369 29.89 4.13 97.48
CA LEU D 369 30.45 4.93 96.39
C LEU D 369 29.76 6.28 96.21
N SER D 370 28.63 6.52 96.87
CA SER D 370 27.98 7.82 96.83
C SER D 370 28.77 8.78 97.72
N VAL D 371 29.74 9.48 97.16
CA VAL D 371 30.58 10.37 97.97
C VAL D 371 29.90 11.69 98.29
N PRO D 372 29.84 12.11 99.61
CA PRO D 372 29.10 13.37 99.82
C PRO D 372 29.86 14.66 99.48
N SER D 373 29.14 15.78 99.47
CA SER D 373 29.76 17.07 99.14
C SER D 373 30.40 17.70 100.35
N LYS D 374 31.38 18.58 100.13
CA LYS D 374 32.11 19.23 101.23
C LYS D 374 31.26 19.84 102.35
N LYS D 375 30.16 20.50 102.00
CA LYS D 375 29.29 21.09 103.00
C LYS D 375 28.74 20.02 103.93
N GLU D 376 28.13 18.99 103.35
CA GLU D 376 27.59 17.91 104.15
C GLU D 376 28.68 17.17 104.89
N GLU D 377 29.84 17.00 104.25
CA GLU D 377 30.96 16.29 104.88
C GLU D 377 31.31 16.92 106.21
N SER D 378 31.47 18.25 106.24
CA SER D 378 31.79 18.94 107.47
C SER D 378 30.65 18.79 108.49
N GLU D 379 29.41 18.83 108.04
CA GLU D 379 28.28 18.71 108.96
C GLU D 379 28.22 17.31 109.57
N ILE D 380 28.53 16.28 108.78
CA ILE D 380 28.55 14.92 109.30
C ILE D 380 29.71 14.74 110.28
N THR D 381 30.87 15.34 109.99
CA THR D 381 31.96 15.32 110.97
C THR D 381 31.55 15.99 112.27
N LYS D 382 30.87 17.13 112.17
CA LYS D 382 30.31 17.79 113.35
C LYS D 382 29.38 16.85 114.11
N ASN D 383 28.49 16.17 113.40
CA ASN D 383 27.52 15.30 114.05
C ASN D 383 28.23 14.15 114.77
N ASN D 384 29.22 13.54 114.11
CA ASN D 384 29.94 12.43 114.72
C ASN D 384 30.73 12.89 115.95
N VAL D 385 31.43 14.03 115.84
CA VAL D 385 32.24 14.46 116.97
C VAL D 385 31.35 14.87 118.15
N GLU D 386 30.15 15.37 117.88
CA GLU D 386 29.23 15.69 118.96
C GLU D 386 28.64 14.41 119.56
N SER D 387 28.37 13.41 118.73
CA SER D 387 27.75 12.18 119.21
C SER D 387 28.71 11.32 120.02
N VAL D 388 29.98 11.24 119.62
CA VAL D 388 30.93 10.39 120.32
C VAL D 388 31.15 10.88 121.75
N THR D 389 31.00 12.18 121.99
CA THR D 389 31.15 12.76 123.32
C THR D 389 29.96 13.67 123.63
N LYS D 390 28.89 13.05 124.14
CA LYS D 390 27.73 13.80 124.60
C LYS D 390 27.35 13.35 126.00
N ALA D 391 27.60 12.08 126.31
CA ALA D 391 27.38 11.53 127.64
C ALA D 391 28.51 10.63 128.12
N ILE D 392 29.55 10.42 127.29
CA ILE D 392 30.65 9.54 127.66
C ILE D 392 31.55 10.14 128.73
N THR D 393 31.30 11.39 129.14
CA THR D 393 32.08 11.99 130.20
C THR D 393 31.98 11.19 131.51
N GLU D 394 30.86 10.52 131.74
CA GLU D 394 30.70 9.64 132.90
C GLU D 394 30.29 8.24 132.49
N GLN D 395 30.50 7.86 131.23
CA GLN D 395 29.99 6.62 130.66
C GLN D 395 31.16 5.73 130.21
N ILE D 396 30.79 4.68 129.47
CA ILE D 396 31.74 3.62 129.11
C ILE D 396 32.93 4.18 128.34
N ILE D 397 32.68 5.06 127.37
CA ILE D 397 33.71 5.50 126.43
C ILE D 397 34.57 6.56 127.14
N ASP D 398 35.73 6.16 127.66
CA ASP D 398 36.52 7.14 128.40
C ASP D 398 37.61 7.81 127.57
N LEU D 399 38.67 7.08 127.20
CA LEU D 399 39.70 7.69 126.36
C LEU D 399 40.09 6.85 125.15
N GLU D 400 40.48 5.60 125.40
CA GLU D 400 41.20 4.82 124.38
C GLU D 400 40.28 4.30 123.30
N GLU D 401 39.07 3.87 123.65
CA GLU D 401 38.09 3.55 122.62
C GLU D 401 37.50 4.80 122.00
N ALA D 402 37.46 5.93 122.73
CA ALA D 402 36.96 7.17 122.17
C ALA D 402 37.84 7.63 121.00
N ARG D 403 39.16 7.61 121.20
CA ARG D 403 40.05 8.04 120.12
C ARG D 403 39.94 7.11 118.91
N ASP D 404 39.84 5.80 119.17
CA ASP D 404 39.72 4.85 118.07
C ASP D 404 38.41 5.05 117.31
N THR D 405 37.31 5.34 118.03
CA THR D 405 36.05 5.62 117.36
C THR D 405 36.14 6.88 116.51
N LEU D 406 36.72 7.95 117.05
CA LEU D 406 36.78 9.19 116.28
C LEU D 406 37.76 9.09 115.12
N ARG D 407 38.73 8.17 115.20
CA ARG D 407 39.66 7.99 114.09
C ARG D 407 38.96 7.42 112.87
N SER D 408 38.04 6.47 113.07
CA SER D 408 37.43 5.77 111.95
C SER D 408 36.34 6.63 111.29
N ILE D 409 35.30 6.98 112.06
CA ILE D 409 34.15 7.70 111.49
C ILE D 409 34.47 9.14 111.15
N ALA D 410 35.61 9.67 111.59
CA ALA D 410 36.02 11.04 111.28
C ALA D 410 37.45 11.01 110.78
N PRO D 411 37.67 10.56 109.53
CA PRO D 411 39.03 10.57 108.97
C PRO D 411 39.59 11.96 108.77
N GLU D 412 38.74 12.99 108.77
CA GLU D 412 39.22 14.35 108.61
C GLU D 412 40.16 14.75 109.75
N PHE D 413 39.80 14.39 110.99
CA PHE D 413 40.60 14.74 112.16
C PHE D 413 41.87 13.90 112.18
N LYS D 414 42.96 14.43 111.63
CA LYS D 414 44.24 13.75 111.72
C LYS D 414 44.77 13.80 113.15
N LEU D 415 45.37 12.69 113.57
CA LEU D 415 45.82 12.55 114.96
C LEU D 415 46.95 11.55 115.02
N LYS D 416 48.00 11.88 115.76
CA LYS D 416 49.10 10.96 115.95
C LYS D 416 48.70 9.84 116.90
N ASP D 417 49.38 8.70 116.77
CA ASP D 417 49.10 7.55 117.61
C ASP D 417 49.49 7.83 119.05
N GLY D 418 48.59 7.49 119.97
CA GLY D 418 48.81 7.72 121.39
C GLY D 418 48.33 6.56 122.24
N ASN D 419 47.49 6.85 123.23
CA ASN D 419 46.94 5.83 124.11
C ASN D 419 46.11 4.81 123.31
N MET E 1 -74.23 -33.87 -102.61
CA MET E 1 -73.61 -32.98 -101.65
C MET E 1 -72.09 -33.15 -101.68
N HIS E 2 -71.45 -32.51 -102.65
CA HIS E 2 -70.01 -32.60 -102.83
C HIS E 2 -69.47 -31.31 -103.41
N LEU E 3 -68.35 -30.85 -102.85
CA LEU E 3 -67.71 -29.63 -103.32
C LEU E 3 -66.76 -29.95 -104.48
N PRO E 4 -66.87 -29.24 -105.61
CA PRO E 4 -66.05 -29.57 -106.78
C PRO E 4 -64.58 -29.18 -106.66
N ASN E 5 -64.12 -28.76 -105.49
CA ASN E 5 -62.72 -28.39 -105.33
C ASN E 5 -61.82 -29.62 -105.43
N GLY E 6 -60.63 -29.40 -105.99
CA GLY E 6 -59.65 -30.46 -106.10
C GLY E 6 -59.72 -31.29 -107.37
N ALA E 7 -60.66 -31.01 -108.26
CA ALA E 7 -60.79 -31.79 -109.48
C ALA E 7 -59.65 -31.48 -110.45
N GLN E 8 -59.40 -32.44 -111.34
CA GLN E 8 -58.35 -32.34 -112.34
C GLN E 8 -58.93 -32.64 -113.71
N ILE E 9 -58.36 -32.01 -114.74
CA ILE E 9 -58.84 -32.14 -116.10
C ILE E 9 -57.73 -32.74 -116.96
N PHE E 10 -58.08 -33.77 -117.73
CA PHE E 10 -57.12 -34.49 -118.56
C PHE E 10 -57.61 -34.53 -120.00
N VAL E 11 -56.67 -34.57 -120.94
CA VAL E 11 -56.97 -34.68 -122.36
C VAL E 11 -55.97 -35.65 -122.99
N GLU E 12 -56.46 -36.49 -123.88
CA GLU E 12 -55.60 -37.47 -124.53
C GLU E 12 -54.76 -36.83 -125.63
N THR E 13 -53.65 -37.50 -125.96
CA THR E 13 -52.75 -37.02 -126.99
C THR E 13 -52.56 -38.00 -128.15
N SER E 14 -52.93 -39.27 -127.98
CA SER E 14 -52.75 -40.26 -129.03
C SER E 14 -53.76 -41.38 -128.85
N ARG E 15 -54.16 -41.98 -129.97
CA ARG E 15 -55.08 -43.11 -129.96
C ARG E 15 -54.43 -44.29 -130.65
N GLY E 16 -54.83 -45.49 -130.24
CA GLY E 16 -54.30 -46.72 -130.77
C GLY E 16 -55.00 -47.17 -132.04
N GLU E 17 -54.75 -48.42 -132.42
CA GLU E 17 -55.34 -48.96 -133.63
C GLU E 17 -56.83 -49.21 -133.44
N GLU E 18 -57.56 -49.22 -134.56
CA GLU E 18 -58.99 -49.45 -134.52
C GLU E 18 -59.28 -50.93 -134.28
N ILE E 19 -60.32 -51.19 -133.49
CA ILE E 19 -60.77 -52.54 -133.21
C ILE E 19 -62.25 -52.64 -133.59
N GLU E 20 -62.60 -53.69 -134.33
CA GLU E 20 -63.95 -53.88 -134.83
C GLU E 20 -64.61 -55.04 -134.09
N ALA E 21 -65.83 -54.81 -133.62
CA ALA E 21 -66.61 -55.82 -132.91
C ALA E 21 -67.69 -56.37 -133.83
N THR E 22 -67.78 -57.70 -133.91
CA THR E 22 -68.71 -58.33 -134.82
C THR E 22 -70.16 -58.04 -134.42
N ALA E 23 -70.50 -58.27 -133.16
CA ALA E 23 -71.87 -58.08 -132.70
C ALA E 23 -71.86 -57.76 -131.22
N VAL E 24 -72.94 -57.15 -130.76
CA VAL E 24 -73.12 -56.78 -129.36
C VAL E 24 -74.60 -56.85 -129.02
N THR E 25 -74.90 -57.36 -127.82
CA THR E 25 -76.27 -57.45 -127.36
C THR E 25 -76.61 -56.26 -126.48
N ASN E 26 -77.91 -56.08 -126.24
CA ASN E 26 -78.42 -54.93 -125.49
C ASN E 26 -78.97 -55.40 -124.14
N GLU E 27 -78.41 -54.85 -123.06
CA GLU E 27 -78.85 -55.15 -121.70
C GLU E 27 -78.30 -54.07 -120.78
N LYS E 28 -78.40 -54.29 -119.47
CA LYS E 28 -77.87 -53.34 -118.50
C LYS E 28 -76.37 -53.16 -118.67
N ASN E 29 -75.63 -54.25 -118.85
CA ASN E 29 -74.18 -54.21 -119.06
C ASN E 29 -73.90 -54.87 -120.40
N PRO E 30 -73.82 -54.09 -121.49
CA PRO E 30 -73.64 -54.69 -122.82
C PRO E 30 -72.31 -55.45 -122.93
N VAL E 31 -72.36 -56.57 -123.65
CA VAL E 31 -71.18 -57.37 -123.93
C VAL E 31 -71.09 -57.55 -125.44
N ALA E 32 -69.90 -57.37 -126.00
CA ALA E 32 -69.68 -57.41 -127.43
C ALA E 32 -68.75 -58.55 -127.80
N THR E 33 -68.94 -59.07 -129.01
CA THR E 33 -68.09 -60.13 -129.54
C THR E 33 -67.01 -59.50 -130.43
N VAL E 34 -65.75 -59.76 -130.10
CA VAL E 34 -64.62 -59.19 -130.81
C VAL E 34 -63.81 -60.32 -131.44
N ALA E 35 -63.23 -60.04 -132.61
CA ALA E 35 -62.46 -61.05 -133.31
C ALA E 35 -61.22 -61.47 -132.51
N SER E 36 -60.52 -60.49 -131.93
CA SER E 36 -59.30 -60.77 -131.19
C SER E 36 -59.30 -59.99 -129.88
N LYS E 37 -58.58 -60.52 -128.89
CA LYS E 37 -58.49 -59.83 -127.60
C LYS E 37 -57.79 -58.48 -127.75
N GLY E 38 -56.72 -58.44 -128.54
CA GLY E 38 -56.01 -57.19 -128.73
C GLY E 38 -55.20 -56.79 -127.51
N ASP E 39 -54.89 -55.50 -127.45
CA ASP E 39 -54.12 -54.92 -126.36
C ASP E 39 -55.00 -54.42 -125.22
N LEU E 40 -56.29 -54.66 -125.27
CA LEU E 40 -57.20 -54.19 -124.23
C LEU E 40 -56.88 -54.87 -122.90
N ALA E 41 -57.00 -54.09 -121.83
CA ALA E 41 -56.75 -54.57 -120.48
C ALA E 41 -57.80 -54.00 -119.55
N LYS E 42 -57.72 -54.40 -118.28
CA LYS E 42 -58.69 -53.94 -117.29
C LYS E 42 -58.53 -52.45 -117.03
N GLY E 43 -59.67 -51.78 -116.83
CA GLY E 43 -59.67 -50.36 -116.50
C GLY E 43 -59.11 -49.46 -117.57
N ASP E 44 -59.55 -49.68 -118.81
CA ASP E 44 -59.11 -48.87 -119.95
C ASP E 44 -60.29 -48.10 -120.52
N TYR E 45 -60.05 -46.85 -120.88
CA TYR E 45 -61.06 -46.01 -121.51
C TYR E 45 -61.16 -46.33 -122.99
N VAL E 46 -62.38 -46.31 -123.51
CA VAL E 46 -62.67 -46.68 -124.89
C VAL E 46 -63.53 -45.62 -125.54
N ILE E 47 -63.18 -45.24 -126.76
CA ILE E 47 -63.96 -44.30 -127.56
C ILE E 47 -64.34 -44.98 -128.86
N VAL E 48 -65.60 -44.83 -129.26
CA VAL E 48 -66.09 -45.37 -130.51
C VAL E 48 -66.01 -44.31 -131.59
N THR E 49 -65.91 -44.74 -132.85
CA THR E 49 -65.83 -43.83 -133.98
C THR E 49 -67.05 -43.86 -134.89
N GLN E 50 -67.64 -45.03 -135.11
CA GLN E 50 -68.83 -45.15 -135.93
C GLN E 50 -69.47 -46.51 -135.67
N SER E 51 -70.80 -46.53 -135.72
CA SER E 51 -71.56 -47.75 -135.48
C SER E 51 -72.95 -47.60 -136.08
N THR E 52 -73.64 -48.73 -136.23
CA THR E 52 -75.00 -48.69 -136.74
C THR E 52 -75.93 -47.93 -135.81
N TRP E 53 -75.74 -48.09 -134.51
CA TRP E 53 -76.57 -47.40 -133.52
C TRP E 53 -76.16 -45.94 -133.46
N ALA E 54 -77.13 -45.04 -133.70
CA ALA E 54 -76.84 -43.62 -133.74
C ALA E 54 -76.67 -43.01 -132.37
N LYS E 55 -77.34 -43.56 -131.35
CA LYS E 55 -77.32 -42.94 -130.03
C LYS E 55 -75.94 -43.05 -129.38
N MET E 56 -75.28 -44.19 -129.50
CA MET E 56 -73.96 -44.38 -128.90
C MET E 56 -72.81 -44.13 -129.86
N VAL E 57 -72.98 -43.21 -130.81
CA VAL E 57 -71.84 -42.79 -131.63
C VAL E 57 -71.06 -41.71 -130.88
N SER E 58 -69.73 -41.76 -131.00
CA SER E 58 -68.83 -40.83 -130.32
C SER E 58 -69.09 -40.82 -128.81
N ARG E 59 -68.99 -42.01 -128.22
CA ARG E 59 -69.28 -42.21 -126.80
C ARG E 59 -68.08 -42.86 -126.13
N VAL E 60 -67.76 -42.39 -124.92
CA VAL E 60 -66.63 -42.88 -124.16
C VAL E 60 -67.09 -44.00 -123.23
N LEU E 61 -66.36 -45.11 -123.22
CA LEU E 61 -66.72 -46.29 -122.44
C LEU E 61 -65.57 -46.73 -121.56
N ILE E 62 -65.93 -47.50 -120.53
CA ILE E 62 -64.97 -48.19 -119.66
C ILE E 62 -65.16 -49.69 -119.82
N VAL E 63 -64.06 -50.43 -119.88
CA VAL E 63 -64.15 -51.88 -119.93
C VAL E 63 -64.42 -52.41 -118.52
N THR E 64 -65.10 -53.55 -118.47
CA THR E 64 -65.42 -54.20 -117.20
C THR E 64 -64.79 -55.59 -117.10
N ASP E 65 -64.87 -56.39 -118.16
CA ASP E 65 -64.27 -57.72 -118.19
C ASP E 65 -63.48 -57.88 -119.48
N ALA E 66 -62.38 -58.61 -119.40
CA ALA E 66 -61.49 -58.83 -120.54
C ALA E 66 -61.50 -60.31 -120.90
N GLN E 67 -61.65 -60.61 -122.18
CA GLN E 67 -61.67 -61.97 -122.67
C GLN E 67 -61.21 -61.97 -124.12
N GLU E 68 -60.84 -63.15 -124.62
CA GLU E 68 -60.28 -63.27 -125.96
C GLU E 68 -61.27 -62.80 -127.02
N THR E 69 -62.53 -63.21 -126.88
CA THR E 69 -63.54 -62.89 -127.88
C THR E 69 -64.68 -62.01 -127.37
N SER E 70 -64.80 -61.82 -126.06
CA SER E 70 -65.88 -61.04 -125.48
C SER E 70 -65.32 -59.91 -124.64
N ILE E 71 -65.92 -58.73 -124.77
CA ILE E 71 -65.54 -57.56 -123.99
C ILE E 71 -66.79 -57.01 -123.31
N THR E 72 -66.61 -56.51 -122.09
CA THR E 72 -67.70 -55.95 -121.30
C THR E 72 -67.45 -54.48 -121.07
N LEU E 73 -68.48 -53.66 -121.33
CA LEU E 73 -68.38 -52.21 -121.20
C LEU E 73 -69.45 -51.69 -120.28
N ALA E 74 -69.14 -50.57 -119.60
CA ALA E 74 -70.08 -49.93 -118.69
C ALA E 74 -70.13 -48.44 -118.99
N GLY E 75 -71.29 -47.84 -118.77
CA GLY E 75 -71.46 -46.42 -118.97
C GLY E 75 -72.71 -46.07 -119.76
N ILE E 76 -73.23 -47.02 -120.52
CA ILE E 76 -74.42 -46.82 -121.34
C ILE E 76 -75.40 -47.95 -121.04
N ASP E 77 -76.66 -47.60 -120.84
CA ASP E 77 -77.71 -48.57 -120.56
C ASP E 77 -78.42 -48.94 -121.85
N THR E 78 -78.49 -50.24 -122.14
CA THR E 78 -79.15 -50.75 -123.34
C THR E 78 -80.32 -51.66 -122.99
N SER E 79 -81.01 -51.37 -121.88
CA SER E 79 -82.17 -52.17 -121.50
C SER E 79 -83.29 -52.06 -122.52
N ASP E 80 -83.53 -50.86 -123.04
CA ASP E 80 -84.57 -50.66 -124.04
C ASP E 80 -84.19 -51.34 -125.35
N THR E 81 -85.18 -51.89 -126.04
CA THR E 81 -84.96 -52.61 -127.28
C THR E 81 -85.61 -51.96 -128.50
N LEU E 82 -86.64 -51.15 -128.32
CA LEU E 82 -87.29 -50.51 -129.47
C LEU E 82 -86.38 -49.45 -130.08
N VAL E 83 -85.64 -48.72 -129.25
CA VAL E 83 -84.71 -47.71 -129.76
C VAL E 83 -83.35 -48.31 -130.09
N PHE E 84 -83.07 -49.54 -129.63
CA PHE E 84 -81.78 -50.21 -129.83
C PHE E 84 -82.05 -51.51 -130.57
N PRO E 85 -82.23 -51.46 -131.89
CA PRO E 85 -82.46 -52.70 -132.66
C PRO E 85 -81.26 -53.61 -132.60
N ALA E 86 -81.52 -54.91 -132.62
CA ALA E 86 -80.45 -55.90 -132.55
C ALA E 86 -79.70 -55.97 -133.88
N GLY E 87 -78.70 -56.85 -133.94
CA GLY E 87 -77.91 -57.01 -135.14
C GLY E 87 -77.07 -55.81 -135.50
N GLY E 88 -76.41 -55.20 -134.52
CA GLY E 88 -75.55 -54.04 -134.74
C GLY E 88 -74.10 -54.40 -134.52
N THR E 89 -73.21 -53.68 -135.20
CA THR E 89 -71.78 -53.89 -135.11
C THR E 89 -71.12 -52.64 -134.53
N MET E 90 -70.04 -52.85 -133.78
CA MET E 90 -69.34 -51.78 -133.11
C MET E 90 -67.95 -51.59 -133.71
N SER E 91 -67.50 -50.33 -133.75
CA SER E 91 -66.16 -49.98 -134.21
C SER E 91 -65.61 -48.93 -133.25
N PHE E 92 -64.64 -49.31 -132.44
CA PHE E 92 -64.11 -48.44 -131.40
C PHE E 92 -62.59 -48.36 -131.50
N ALA E 93 -62.05 -47.29 -130.93
CA ALA E 93 -60.61 -47.04 -130.93
C ALA E 93 -60.02 -47.37 -129.56
N LYS E 94 -58.73 -47.08 -129.41
CA LYS E 94 -57.99 -47.39 -128.20
C LYS E 94 -57.22 -46.15 -127.76
N ILE E 95 -57.52 -45.66 -126.55
CA ILE E 95 -56.80 -44.53 -125.99
C ILE E 95 -55.48 -45.01 -125.40
N THR E 96 -54.39 -44.37 -125.81
CA THR E 96 -53.05 -44.77 -125.39
C THR E 96 -52.38 -43.77 -124.45
N GLY E 97 -52.66 -42.47 -124.60
CA GLY E 97 -51.99 -41.47 -123.80
C GLY E 97 -52.97 -40.55 -123.11
N TRP E 98 -52.51 -39.94 -122.02
CA TRP E 98 -53.28 -38.99 -121.24
C TRP E 98 -52.38 -37.83 -120.86
N THR E 99 -52.89 -36.61 -121.02
CA THR E 99 -52.15 -35.40 -120.68
C THR E 99 -53.01 -34.52 -119.78
N GLU E 100 -52.36 -33.75 -118.90
CA GLU E 100 -53.04 -32.95 -117.90
C GLU E 100 -53.01 -31.47 -118.30
N ILE E 101 -54.17 -30.82 -118.21
CA ILE E 101 -54.24 -29.38 -118.46
C ILE E 101 -53.62 -28.65 -117.28
N PRO E 102 -52.83 -27.58 -117.52
CA PRO E 102 -52.14 -26.90 -116.41
C PRO E 102 -53.09 -26.19 -115.46
N CYS E 103 -52.52 -25.45 -114.51
CA CYS E 103 -53.26 -24.67 -113.52
C CYS E 103 -54.42 -23.92 -114.15
N VAL E 104 -55.64 -24.25 -113.71
CA VAL E 104 -56.86 -23.70 -114.29
C VAL E 104 -57.45 -22.71 -113.30
N GLN E 105 -57.83 -21.53 -113.80
CA GLN E 105 -58.39 -20.50 -112.94
C GLN E 105 -59.89 -20.72 -112.74
N GLU E 106 -60.66 -20.70 -113.82
CA GLU E 106 -62.10 -20.88 -113.75
C GLU E 106 -62.57 -21.67 -114.96
N ILE E 107 -63.73 -22.30 -114.81
CA ILE E 107 -64.35 -23.08 -115.87
C ILE E 107 -65.80 -22.63 -116.01
N GLY E 108 -66.36 -22.84 -117.20
CA GLY E 108 -67.72 -22.44 -117.46
C GLY E 108 -68.32 -23.23 -118.61
N GLN E 109 -69.64 -23.18 -118.70
CA GLN E 109 -70.37 -23.88 -119.74
C GLN E 109 -71.51 -23.00 -120.24
N ASP E 110 -71.90 -23.23 -121.49
CA ASP E 110 -72.97 -22.48 -122.13
C ASP E 110 -73.89 -23.45 -122.85
N GLY E 111 -75.14 -23.03 -123.02
CA GLY E 111 -76.13 -23.84 -123.71
C GLY E 111 -76.99 -24.65 -122.75
N GLY E 112 -77.76 -25.55 -123.34
CA GLY E 112 -78.66 -26.40 -122.60
C GLY E 112 -80.05 -25.82 -122.37
N GLU E 113 -80.30 -24.59 -122.80
CA GLU E 113 -81.61 -23.97 -122.63
C GLU E 113 -82.58 -24.53 -123.65
N GLN E 114 -83.55 -25.31 -123.18
CA GLN E 114 -84.52 -25.93 -124.08
C GLN E 114 -85.63 -24.93 -124.41
N GLN E 115 -85.73 -24.57 -125.69
CA GLN E 115 -86.81 -23.71 -126.13
C GLN E 115 -88.10 -24.51 -126.29
N TYR E 116 -89.22 -23.80 -126.30
CA TYR E 116 -90.53 -24.41 -126.37
C TYR E 116 -91.28 -23.87 -127.58
N TYR E 117 -91.98 -24.77 -128.28
CA TYR E 117 -92.78 -24.40 -129.43
C TYR E 117 -94.17 -24.01 -128.96
N THR E 118 -94.58 -22.77 -129.26
CA THR E 118 -95.85 -22.23 -128.80
C THR E 118 -96.87 -22.28 -129.93
N TYR E 119 -98.07 -22.78 -129.61
CA TYR E 119 -99.16 -22.87 -130.57
C TYR E 119 -100.42 -22.28 -129.94
N GLN E 120 -101.17 -21.54 -130.74
CA GLN E 120 -102.42 -20.94 -130.30
C GLN E 120 -103.56 -21.46 -131.18
N CYS E 121 -104.63 -21.92 -130.54
CA CYS E 121 -105.79 -22.46 -131.23
C CYS E 121 -107.04 -21.67 -130.86
N LEU E 122 -107.92 -21.47 -131.83
CA LEU E 122 -109.15 -20.74 -131.58
C LEU E 122 -110.11 -21.52 -130.69
N SER E 123 -109.99 -22.85 -130.67
CA SER E 123 -110.92 -23.67 -129.89
C SER E 123 -110.82 -23.38 -128.40
N ASP E 124 -109.59 -23.24 -127.90
CA ASP E 124 -109.36 -22.96 -126.48
C ASP E 124 -108.85 -21.54 -126.30
N ASP E 125 -108.92 -21.08 -125.05
CA ASP E 125 -108.48 -19.73 -124.69
C ASP E 125 -107.05 -19.70 -124.16
N LYS E 126 -106.73 -20.61 -123.24
CA LYS E 126 -105.40 -20.64 -122.65
C LYS E 126 -104.37 -21.06 -123.70
N GLU E 127 -103.25 -20.34 -123.72
CA GLU E 127 -102.18 -20.63 -124.67
C GLU E 127 -101.28 -21.72 -124.10
N GLN E 128 -100.94 -22.71 -124.94
CA GLN E 128 -100.15 -23.85 -124.51
C GLN E 128 -98.96 -24.02 -125.44
N GLN E 129 -97.84 -24.48 -124.87
CA GLN E 129 -96.62 -24.74 -125.61
C GLN E 129 -96.18 -26.18 -125.37
N ILE E 130 -95.25 -26.63 -126.20
CA ILE E 130 -94.70 -27.98 -126.08
C ILE E 130 -93.17 -27.91 -126.06
N PRO E 131 -92.49 -28.84 -125.41
CA PRO E 131 -91.03 -28.85 -125.44
C PRO E 131 -90.49 -29.24 -126.81
N THR E 132 -89.25 -28.82 -127.07
CA THR E 132 -88.58 -29.10 -128.34
C THR E 132 -87.16 -29.54 -128.04
N PHE E 133 -86.34 -29.59 -129.09
CA PHE E 133 -84.94 -29.98 -128.94
C PHE E 133 -84.18 -28.91 -128.16
N LYS E 134 -83.15 -29.35 -127.45
CA LYS E 134 -82.31 -28.47 -126.65
C LYS E 134 -81.25 -27.80 -127.52
N SER E 135 -80.70 -26.71 -127.00
CA SER E 135 -79.65 -25.98 -127.71
C SER E 135 -78.31 -26.71 -127.56
N ALA E 136 -77.35 -26.28 -128.38
CA ALA E 136 -76.02 -26.88 -128.34
C ALA E 136 -75.30 -26.52 -127.04
N ILE E 137 -74.29 -27.31 -126.71
CA ILE E 137 -73.53 -27.16 -125.47
C ILE E 137 -72.17 -26.58 -125.82
N SER E 138 -71.84 -25.44 -125.21
CA SER E 138 -70.56 -24.78 -125.39
C SER E 138 -69.84 -24.75 -124.04
N LEU E 139 -68.60 -25.22 -124.02
CA LEU E 139 -67.81 -25.31 -122.81
C LEU E 139 -66.51 -24.55 -122.97
N THR E 140 -66.13 -23.79 -121.95
CA THR E 140 -64.97 -22.91 -121.99
C THR E 140 -64.04 -23.22 -120.83
N TYR E 141 -62.73 -23.22 -121.10
CA TYR E 141 -61.70 -23.44 -120.11
C TYR E 141 -60.68 -22.30 -120.18
N THR E 142 -60.24 -21.83 -119.02
CA THR E 142 -59.21 -20.79 -118.91
C THR E 142 -58.17 -21.27 -117.90
N PHE E 143 -56.94 -21.47 -118.37
CA PHE E 143 -55.88 -22.05 -117.55
C PHE E 143 -54.64 -21.17 -117.59
N ALA E 144 -53.68 -21.48 -116.71
CA ALA E 144 -52.50 -20.65 -116.53
C ALA E 144 -51.66 -20.58 -117.81
N HIS E 145 -51.03 -19.43 -118.02
CA HIS E 145 -50.25 -19.20 -119.23
C HIS E 145 -48.76 -19.36 -118.95
N GLU E 146 -48.15 -20.37 -119.58
CA GLU E 146 -46.71 -20.60 -119.47
C GLU E 146 -46.30 -21.45 -120.68
N PHE E 147 -45.53 -20.84 -121.60
CA PHE E 147 -45.25 -21.47 -122.88
C PHE E 147 -44.46 -22.77 -122.74
N ASP E 148 -43.69 -22.92 -121.67
CA ASP E 148 -42.71 -24.01 -121.60
C ASP E 148 -43.36 -25.39 -121.55
N ASN E 149 -44.67 -25.46 -121.29
CA ASN E 149 -45.35 -26.74 -121.26
C ASN E 149 -45.43 -27.29 -122.69
N PRO E 150 -44.99 -28.52 -122.94
CA PRO E 150 -44.99 -29.06 -124.32
C PRO E 150 -46.37 -29.48 -124.82
N ILE E 151 -47.44 -29.03 -124.16
CA ILE E 151 -48.79 -29.43 -124.58
C ILE E 151 -49.37 -28.53 -125.67
N TYR E 152 -48.77 -27.35 -125.92
CA TYR E 152 -49.40 -26.41 -126.84
C TYR E 152 -49.32 -26.86 -128.29
N GLN E 153 -48.23 -27.54 -128.68
CA GLN E 153 -48.17 -28.10 -130.02
C GLN E 153 -49.23 -29.18 -130.21
N ILE E 154 -49.53 -29.94 -129.16
CA ILE E 154 -50.62 -30.91 -129.23
C ILE E 154 -51.94 -30.21 -129.49
N LEU E 155 -52.19 -29.09 -128.80
CA LEU E 155 -53.42 -28.35 -129.01
C LEU E 155 -53.48 -27.76 -130.42
N ARG E 156 -52.35 -27.25 -130.92
CA ARG E 156 -52.29 -26.74 -132.28
C ARG E 156 -52.62 -27.81 -133.30
N LYS E 157 -52.02 -29.00 -133.16
CA LYS E 157 -52.30 -30.05 -134.13
C LYS E 157 -53.72 -30.59 -133.99
N LEU E 158 -54.26 -30.62 -132.78
CA LEU E 158 -55.65 -31.03 -132.59
C LEU E 158 -56.61 -30.05 -133.24
N ASP E 159 -56.35 -28.74 -133.08
CA ASP E 159 -57.21 -27.74 -133.69
C ASP E 159 -57.10 -27.79 -135.22
N SER E 160 -55.88 -27.89 -135.74
CA SER E 160 -55.69 -27.93 -137.19
C SER E 160 -56.34 -29.17 -137.79
N SER E 161 -56.16 -30.33 -137.16
CA SER E 161 -56.75 -31.56 -137.68
C SER E 161 -58.27 -31.52 -137.60
N GLY E 162 -58.82 -31.03 -136.48
CA GLY E 162 -60.26 -31.02 -136.30
C GLY E 162 -60.87 -32.35 -135.95
N GLN E 163 -60.06 -33.37 -135.67
CA GLN E 163 -60.58 -34.69 -135.36
C GLN E 163 -61.23 -34.70 -133.98
N VAL E 164 -62.09 -35.68 -133.76
CA VAL E 164 -62.85 -35.76 -132.51
C VAL E 164 -61.91 -36.12 -131.37
N THR E 165 -61.96 -35.33 -130.30
CA THR E 165 -61.10 -35.51 -129.15
C THR E 165 -61.93 -35.55 -127.88
N ALA E 166 -61.52 -36.38 -126.93
CA ALA E 166 -62.20 -36.53 -125.66
C ALA E 166 -61.49 -35.74 -124.57
N VAL E 167 -62.21 -35.49 -123.48
CA VAL E 167 -61.69 -34.76 -122.33
C VAL E 167 -61.97 -35.60 -121.08
N ARG E 168 -60.94 -35.77 -120.25
CA ARG E 168 -61.05 -36.54 -119.03
C ARG E 168 -61.02 -35.62 -117.82
N MET E 169 -61.91 -35.83 -116.86
CA MET E 169 -61.94 -35.03 -115.65
C MET E 169 -62.43 -35.89 -114.50
N TYR E 170 -61.79 -35.72 -113.33
CA TYR E 170 -62.02 -36.56 -112.17
C TYR E 170 -62.24 -35.69 -110.94
N VAL E 171 -63.22 -36.08 -110.12
CA VAL E 171 -63.61 -35.33 -108.94
C VAL E 171 -63.27 -36.15 -107.71
N PRO E 172 -62.20 -35.80 -106.99
CA PRO E 172 -61.87 -36.55 -105.76
C PRO E 172 -62.98 -36.55 -104.73
N LYS E 173 -63.72 -35.45 -104.58
CA LYS E 173 -64.68 -35.33 -103.50
C LYS E 173 -65.84 -36.31 -103.64
N ALA E 174 -66.45 -36.36 -104.83
CA ALA E 174 -67.60 -37.21 -105.05
C ALA E 174 -67.23 -38.60 -105.54
N SER E 175 -65.96 -38.84 -105.84
CA SER E 175 -65.48 -40.14 -106.33
C SER E 175 -66.25 -40.58 -107.57
N GLU E 176 -66.55 -39.62 -108.44
CA GLU E 176 -67.18 -39.86 -109.72
C GLU E 176 -66.14 -39.77 -110.82
N MET E 177 -66.57 -39.90 -112.07
CA MET E 177 -65.61 -39.88 -113.18
C MET E 177 -66.38 -39.46 -114.42
N ARG E 178 -66.01 -38.34 -115.02
CA ARG E 178 -66.84 -37.65 -116.00
C ARG E 178 -66.20 -37.74 -117.38
N MET E 179 -66.90 -38.39 -118.31
CA MET E 179 -66.45 -38.57 -119.68
C MET E 179 -67.31 -37.78 -120.66
N TRP E 180 -66.67 -37.16 -121.64
CA TRP E 180 -67.36 -36.55 -122.77
C TRP E 180 -66.33 -36.34 -123.87
N ALA E 181 -66.83 -36.02 -125.07
CA ALA E 181 -65.98 -35.81 -126.24
C ALA E 181 -66.52 -34.65 -127.07
N GLY E 182 -65.63 -34.07 -127.86
CA GLY E 182 -66.02 -32.95 -128.70
C GLY E 182 -64.88 -32.51 -129.59
N ILE E 183 -65.02 -31.29 -130.11
CA ILE E 183 -64.01 -30.69 -130.98
C ILE E 183 -63.31 -29.57 -130.22
N LEU E 184 -61.98 -29.61 -130.19
CA LEU E 184 -61.20 -28.65 -129.42
C LEU E 184 -60.98 -27.38 -130.23
N SER E 185 -61.07 -26.24 -129.55
CA SER E 185 -60.76 -24.92 -130.14
C SER E 185 -59.90 -24.16 -129.14
N PHE E 186 -58.60 -24.08 -129.41
CA PHE E 186 -57.64 -23.47 -128.50
C PHE E 186 -57.27 -22.10 -129.03
N ASN E 187 -57.31 -21.10 -128.15
CA ASN E 187 -56.97 -19.73 -128.50
C ASN E 187 -55.66 -19.35 -127.82
N ASP E 188 -54.72 -18.83 -128.60
CA ASP E 188 -53.38 -18.54 -128.13
C ASP E 188 -53.10 -17.04 -128.11
N ILE E 189 -54.09 -16.25 -127.68
CA ILE E 189 -53.94 -14.81 -127.50
C ILE E 189 -54.01 -14.52 -126.01
N PRO E 190 -52.89 -14.30 -125.34
CA PRO E 190 -52.93 -14.05 -123.89
C PRO E 190 -53.67 -12.77 -123.55
N SER E 191 -54.37 -12.81 -122.42
CA SER E 191 -55.08 -11.65 -121.89
C SER E 191 -54.17 -10.98 -120.88
N THR E 192 -53.61 -9.83 -121.26
CA THR E 192 -52.62 -9.14 -120.45
C THR E 192 -53.25 -7.92 -119.78
N GLN E 193 -53.14 -7.84 -118.47
CA GLN E 193 -53.55 -6.68 -117.70
C GLN E 193 -52.58 -6.49 -116.54
N VAL E 194 -52.54 -5.27 -116.03
CA VAL E 194 -51.57 -4.88 -115.02
C VAL E 194 -51.96 -5.50 -113.68
N ASN E 195 -50.97 -6.06 -112.98
CA ASN E 195 -51.13 -6.56 -111.61
C ASN E 195 -52.18 -7.66 -111.53
N GLU E 196 -52.11 -8.64 -112.44
CA GLU E 196 -53.05 -9.75 -112.42
C GLU E 196 -52.48 -10.92 -113.21
N MET E 197 -53.07 -12.10 -113.00
CA MET E 197 -52.55 -13.34 -113.59
C MET E 197 -52.86 -13.40 -115.08
N GLU E 198 -51.82 -13.53 -115.90
CA GLU E 198 -52.01 -13.65 -117.34
C GLU E 198 -52.41 -15.08 -117.69
N THR E 199 -53.44 -15.21 -118.52
CA THR E 199 -54.01 -16.51 -118.84
C THR E 199 -54.56 -16.51 -120.26
N VAL E 200 -54.90 -17.70 -120.74
CA VAL E 200 -55.48 -17.89 -122.05
C VAL E 200 -56.77 -18.71 -121.91
N GLU E 201 -57.60 -18.67 -122.94
CA GLU E 201 -58.90 -19.31 -122.93
C GLU E 201 -58.93 -20.46 -123.92
N LEU E 202 -59.70 -21.49 -123.56
CA LEU E 202 -59.88 -22.66 -124.41
C LEU E 202 -61.38 -22.98 -124.51
N ALA E 203 -61.81 -23.39 -125.69
CA ALA E 203 -63.21 -23.71 -125.94
C ALA E 203 -63.32 -25.07 -126.62
N VAL E 204 -64.37 -25.80 -126.27
CA VAL E 204 -64.63 -27.13 -126.83
C VAL E 204 -66.10 -27.25 -127.17
N SER E 205 -66.41 -28.20 -128.04
CA SER E 205 -67.78 -28.53 -128.42
C SER E 205 -68.15 -29.90 -127.85
N LEU E 206 -69.35 -30.36 -128.19
CA LEU E 206 -69.84 -31.66 -127.76
C LEU E 206 -70.28 -32.47 -128.96
N LYS E 207 -69.92 -33.75 -128.96
CA LYS E 207 -70.34 -34.67 -130.02
C LYS E 207 -71.54 -35.52 -129.64
N GLY E 208 -71.64 -35.93 -128.38
CA GLY E 208 -72.78 -36.72 -127.95
C GLY E 208 -73.41 -36.17 -126.69
N ASP E 209 -73.61 -37.03 -125.69
CA ASP E 209 -74.19 -36.62 -124.42
C ASP E 209 -73.27 -37.02 -123.29
N PHE E 210 -73.47 -36.39 -122.14
CA PHE E 210 -72.60 -36.62 -120.98
C PHE E 210 -72.73 -38.06 -120.51
N THR E 211 -71.59 -38.70 -120.25
CA THR E 211 -71.53 -40.07 -119.76
C THR E 211 -70.83 -40.07 -118.40
N PHE E 212 -71.41 -40.79 -117.44
CA PHE E 212 -70.96 -40.75 -116.05
C PHE E 212 -70.69 -42.17 -115.55
N ILE E 213 -69.51 -42.36 -114.96
CA ILE E 213 -69.13 -43.64 -114.38
C ILE E 213 -68.50 -43.40 -113.02
N SER E 214 -68.40 -44.47 -112.24
CA SER E 214 -67.81 -44.40 -110.92
C SER E 214 -66.29 -44.48 -111.00
N SER E 215 -65.62 -43.70 -110.14
CA SER E 215 -64.16 -43.68 -110.15
C SER E 215 -63.58 -45.01 -109.68
N THR E 216 -64.22 -45.63 -108.68
CA THR E 216 -63.70 -46.89 -108.15
C THR E 216 -63.71 -47.99 -109.21
N LEU E 217 -64.77 -48.03 -110.02
CA LEU E 217 -64.84 -49.05 -111.07
C LEU E 217 -63.72 -48.87 -112.10
N ALA E 218 -63.40 -47.62 -112.43
CA ALA E 218 -62.36 -47.36 -113.42
C ALA E 218 -61.00 -47.87 -112.95
N SER E 219 -60.67 -47.64 -111.69
CA SER E 219 -59.39 -48.10 -111.15
C SER E 219 -59.52 -48.45 -109.67
N ILE F 4 23.32 40.38 3.92
CA ILE F 4 22.57 39.42 3.11
C ILE F 4 23.10 38.02 3.34
N MET F 5 22.19 37.04 3.40
CA MET F 5 22.59 35.66 3.58
C MET F 5 23.37 35.18 2.36
N ASN F 6 24.26 34.21 2.61
CA ASN F 6 25.23 33.81 1.59
C ASN F 6 24.52 33.29 0.34
N GLN F 7 25.02 33.70 -0.82
CA GLN F 7 24.36 33.39 -2.09
C GLN F 7 24.38 31.89 -2.38
N GLU F 8 25.52 31.23 -2.14
CA GLU F 8 25.60 29.80 -2.43
C GLU F 8 24.68 29.00 -1.53
N THR F 9 24.54 29.43 -0.26
CA THR F 9 23.60 28.76 0.63
C THR F 9 22.16 28.92 0.15
N LEU F 10 21.82 30.11 -0.35
CA LEU F 10 20.48 30.30 -0.91
C LEU F 10 20.25 29.43 -2.13
N ILE F 11 21.27 29.32 -3.01
CA ILE F 11 21.15 28.47 -4.18
C ILE F 11 20.94 27.03 -3.77
N ALA F 12 21.71 26.56 -2.78
CA ALA F 12 21.57 25.18 -2.31
C ALA F 12 20.20 24.95 -1.70
N ALA F 13 19.70 25.91 -0.92
CA ALA F 13 18.38 25.76 -0.31
C ALA F 13 17.29 25.68 -1.37
N VAL F 14 17.34 26.55 -2.37
CA VAL F 14 16.33 26.52 -3.42
C VAL F 14 16.40 25.21 -4.20
N GLU F 15 17.62 24.75 -4.50
CA GLU F 15 17.77 23.51 -5.27
C GLU F 15 17.28 22.31 -4.46
N GLN F 16 17.53 22.31 -3.14
CA GLN F 16 17.01 21.26 -2.28
C GLN F 16 15.49 21.29 -2.23
N MET F 17 14.90 22.49 -2.15
CA MET F 17 13.45 22.60 -2.22
C MET F 17 12.92 22.03 -3.52
N ARG F 18 13.62 22.30 -4.63
CA ARG F 18 13.20 21.77 -5.92
C ARG F 18 13.26 20.26 -5.96
N LYS F 19 14.33 19.65 -5.44
CA LYS F 19 14.42 18.20 -5.49
C LYS F 19 13.42 17.54 -4.55
N LEU F 20 13.12 18.15 -3.41
CA LEU F 20 12.22 17.52 -2.46
C LEU F 20 10.78 17.56 -2.97
N VAL F 21 10.39 18.65 -3.61
CA VAL F 21 9.09 18.78 -4.26
C VAL F 21 9.32 19.06 -5.73
N PRO F 22 9.23 18.04 -6.59
CA PRO F 22 9.52 18.25 -8.02
C PRO F 22 8.55 19.21 -8.71
N ALA F 23 7.36 19.42 -8.16
CA ALA F 23 6.39 20.30 -8.81
C ALA F 23 6.80 21.76 -8.78
N LEU F 24 7.82 22.13 -8.01
CA LEU F 24 8.28 23.51 -7.94
C LEU F 24 9.25 23.86 -9.06
N ARG F 25 9.58 22.92 -9.93
CA ARG F 25 10.51 23.19 -11.03
C ARG F 25 9.94 24.17 -12.05
N LYS F 26 8.62 24.34 -12.08
CA LYS F 26 7.98 25.24 -13.04
C LYS F 26 7.78 26.65 -12.51
N VAL F 27 8.21 26.93 -11.29
CA VAL F 27 8.02 28.23 -10.67
C VAL F 27 9.23 29.11 -10.94
N PRO F 28 9.05 30.38 -11.32
CA PRO F 28 10.20 31.26 -11.55
C PRO F 28 11.04 31.43 -10.30
N ASP F 29 12.34 31.66 -10.52
CA ASP F 29 13.29 31.63 -9.41
C ASP F 29 13.14 32.82 -8.48
N GLU F 30 12.66 33.96 -8.97
CA GLU F 30 12.58 35.14 -8.12
C GLU F 30 11.58 34.95 -6.98
N THR F 31 10.44 34.31 -7.25
CA THR F 31 9.46 34.07 -6.20
C THR F 31 10.01 33.12 -5.14
N LEU F 32 10.71 32.06 -5.56
CA LEU F 32 11.32 31.15 -4.61
C LEU F 32 12.39 31.85 -3.79
N TYR F 33 13.17 32.73 -4.43
CA TYR F 33 14.17 33.50 -3.69
C TYR F 33 13.51 34.38 -2.65
N ALA F 34 12.41 35.03 -3.01
CA ALA F 34 11.69 35.87 -2.05
C ALA F 34 11.17 35.05 -0.87
N TRP F 35 10.60 33.87 -1.16
CA TRP F 35 10.09 33.03 -0.09
C TRP F 35 11.21 32.55 0.83
N VAL F 36 12.36 32.18 0.26
CA VAL F 36 13.49 31.74 1.07
C VAL F 36 14.00 32.88 1.94
N GLU F 37 14.10 34.09 1.37
CA GLU F 37 14.56 35.23 2.15
C GLU F 37 13.58 35.55 3.27
N MET F 38 12.28 35.44 3.02
CA MET F 38 11.30 35.65 4.09
C MET F 38 11.43 34.59 5.17
N ALA F 39 11.62 33.33 4.78
CA ALA F 39 11.75 32.26 5.76
C ALA F 39 13.06 32.33 6.53
N GLU F 40 14.05 33.05 6.00
CA GLU F 40 15.32 33.19 6.71
C GLU F 40 15.16 33.93 8.02
N LEU F 41 14.13 34.77 8.14
CA LEU F 41 13.97 35.60 9.33
C LEU F 41 13.58 34.79 10.56
N PHE F 42 13.06 33.57 10.39
CA PHE F 42 12.61 32.75 11.50
C PHE F 42 13.60 31.67 11.90
N VAL F 43 14.33 31.11 10.93
CA VAL F 43 15.25 30.01 11.21
C VAL F 43 16.48 30.55 11.92
N CYS F 44 16.85 29.90 13.03
CA CYS F 44 18.01 30.30 13.80
C CYS F 44 19.25 29.55 13.32
N GLN F 45 20.39 30.24 13.34
CA GLN F 45 21.59 29.73 12.68
C GLN F 45 22.41 28.79 13.56
N LYS F 46 22.79 29.24 14.76
CA LYS F 46 23.72 28.49 15.59
C LYS F 46 23.10 27.25 16.24
N THR F 47 21.78 27.09 16.17
CA THR F 47 21.14 25.93 16.78
C THR F 47 21.57 24.64 16.10
N PHE F 48 21.52 24.61 14.77
CA PHE F 48 21.72 23.41 13.97
C PHE F 48 22.62 23.71 12.77
N LYS F 49 23.77 24.34 13.05
CA LYS F 49 24.65 24.85 12.01
C LYS F 49 25.05 23.78 10.99
N ASP F 50 25.11 22.51 11.41
CA ASP F 50 25.51 21.45 10.48
C ASP F 50 24.49 21.27 9.37
N ALA F 51 23.19 21.29 9.72
CA ALA F 51 22.11 21.00 8.78
C ALA F 51 21.23 22.23 8.55
N TYR F 52 21.86 23.39 8.35
CA TYR F 52 21.12 24.63 8.17
C TYR F 52 20.25 24.59 6.91
N VAL F 53 20.80 24.09 5.80
CA VAL F 53 20.12 24.16 4.51
C VAL F 53 18.85 23.31 4.54
N LYS F 54 18.94 22.09 5.07
CA LYS F 54 17.78 21.20 5.06
C LYS F 54 16.61 21.81 5.82
N ALA F 55 16.87 22.33 7.02
CA ALA F 55 15.78 22.86 7.82
C ALA F 55 15.27 24.20 7.31
N ILE F 56 16.14 25.04 6.74
CA ILE F 56 15.63 26.29 6.16
C ILE F 56 14.76 25.99 4.95
N ALA F 57 15.12 24.98 4.16
CA ALA F 57 14.26 24.56 3.06
C ALA F 57 12.94 24.01 3.57
N LEU F 58 12.99 23.21 4.65
CA LEU F 58 11.76 22.67 5.22
C LEU F 58 10.84 23.78 5.71
N TYR F 59 11.41 24.79 6.38
CA TYR F 59 10.58 25.88 6.90
C TYR F 59 10.00 26.72 5.78
N ALA F 60 10.79 26.96 4.72
CA ALA F 60 10.26 27.68 3.57
C ALA F 60 9.13 26.91 2.91
N LEU F 61 9.28 25.59 2.79
CA LEU F 61 8.20 24.77 2.23
C LEU F 61 6.95 24.83 3.10
N HIS F 62 7.12 24.80 4.42
CA HIS F 62 5.98 24.93 5.32
C HIS F 62 5.29 26.27 5.15
N LEU F 63 6.06 27.35 5.02
CA LEU F 63 5.48 28.66 4.80
C LEU F 63 4.72 28.73 3.48
N ALA F 64 5.26 28.12 2.42
CA ALA F 64 4.63 28.21 1.11
C ALA F 64 3.29 27.50 1.06
N PHE F 65 3.13 26.41 1.81
CA PHE F 65 1.93 25.58 1.74
C PHE F 65 1.11 25.63 3.03
N LEU F 66 1.19 26.74 3.76
CA LEU F 66 0.48 26.87 5.02
C LEU F 66 -1.03 26.77 4.81
N ASP F 67 -1.59 27.75 4.11
CA ASP F 67 -3.02 27.76 3.77
C ASP F 67 -3.22 28.20 2.33
N GLY F 68 -2.40 27.68 1.42
CA GLY F 68 -2.41 28.14 0.05
C GLY F 68 -1.92 29.57 -0.10
N ALA F 69 -0.85 29.93 0.61
CA ALA F 69 -0.32 31.28 0.50
C ALA F 69 0.27 31.52 -0.88
N LEU F 70 0.90 30.51 -1.47
CA LEU F 70 1.53 30.63 -2.77
C LEU F 70 0.54 30.20 -3.86
N LYS F 71 0.10 31.17 -4.67
CA LYS F 71 -0.81 30.95 -5.78
C LYS F 71 -0.05 31.21 -7.09
N GLY F 72 -0.75 31.09 -8.23
CA GLY F 72 -0.15 31.35 -9.51
C GLY F 72 -0.01 32.85 -9.79
N GLU F 73 0.73 33.15 -10.86
CA GLU F 73 0.96 34.54 -11.22
C GLU F 73 -0.34 35.22 -11.68
N ASP F 74 -1.16 34.49 -12.42
CA ASP F 74 -2.39 35.04 -12.98
C ASP F 74 -3.63 34.64 -12.19
N GLU F 75 -3.45 34.10 -10.99
CA GLU F 75 -4.59 33.73 -10.16
C GLU F 75 -5.40 34.98 -9.80
N ASP F 76 -6.72 34.89 -9.96
CA ASP F 76 -7.58 36.03 -9.69
C ASP F 76 -7.66 36.31 -8.20
N LEU F 77 -7.92 37.58 -7.87
CA LEU F 77 -8.13 37.97 -6.49
C LEU F 77 -9.47 37.41 -6.01
N GLU F 78 -9.77 37.63 -4.73
CA GLU F 78 -10.97 37.17 -4.03
C GLU F 78 -10.93 35.67 -3.78
N SER F 79 -9.95 34.96 -4.34
CA SER F 79 -9.72 33.56 -4.00
C SER F 79 -8.76 33.41 -2.82
N TYR F 80 -8.18 34.50 -2.33
CA TYR F 80 -7.33 34.45 -1.16
C TYR F 80 -8.11 34.45 0.15
N SER F 81 -9.40 34.77 0.09
CA SER F 81 -10.26 34.77 1.27
C SER F 81 -11.40 33.76 1.19
N ARG F 82 -11.71 33.25 -0.01
CA ARG F 82 -12.79 32.30 -0.21
C ARG F 82 -12.28 31.12 -1.01
N ARG F 83 -12.64 29.92 -0.59
CA ARG F 83 -12.25 28.70 -1.26
C ARG F 83 -13.44 28.10 -2.00
N VAL F 84 -13.14 27.29 -3.02
CA VAL F 84 -14.15 26.66 -3.85
C VAL F 84 -14.31 25.22 -3.39
N THR F 85 -15.48 24.90 -2.83
CA THR F 85 -15.73 23.55 -2.34
C THR F 85 -15.93 22.56 -3.48
N SER F 86 -16.72 22.95 -4.48
CA SER F 86 -17.03 22.05 -5.58
C SER F 86 -17.48 22.85 -6.79
N PHE F 87 -17.45 22.20 -7.95
CA PHE F 87 -17.97 22.78 -9.18
C PHE F 87 -18.38 21.64 -10.09
N SER F 88 -19.18 21.98 -11.10
CA SER F 88 -19.65 20.96 -12.03
C SER F 88 -20.19 21.63 -13.29
N LEU F 89 -19.84 21.08 -14.44
CA LEU F 89 -20.46 21.48 -15.68
C LEU F 89 -21.72 20.62 -15.90
N SER F 90 -22.53 20.97 -16.89
CA SER F 90 -23.85 20.39 -17.04
C SER F 90 -23.84 18.88 -17.14
N GLY F 91 -23.23 18.35 -18.21
CA GLY F 91 -23.18 16.92 -18.41
C GLY F 91 -21.81 16.46 -18.83
N GLU F 92 -20.77 17.12 -18.33
CA GLU F 92 -19.39 16.80 -18.71
C GLU F 92 -18.58 16.24 -17.56
N PHE F 93 -18.50 16.94 -16.43
CA PHE F 93 -17.74 16.46 -15.29
C PHE F 93 -18.19 17.18 -14.03
N SER F 94 -17.77 16.64 -12.88
CA SER F 94 -18.02 17.25 -11.59
C SER F 94 -16.89 16.87 -10.65
N GLN F 95 -16.69 17.69 -9.62
CA GLN F 95 -15.60 17.45 -8.68
C GLN F 95 -15.95 18.07 -7.33
N THR F 96 -15.43 17.46 -6.27
CA THR F 96 -15.62 17.94 -4.91
C THR F 96 -14.30 17.87 -4.17
N PHE F 97 -13.97 18.94 -3.46
CA PHE F 97 -12.70 19.06 -2.74
C PHE F 97 -12.95 18.98 -1.24
N GLY F 98 -11.86 19.09 -0.48
CA GLY F 98 -11.92 19.06 0.97
C GLY F 98 -10.56 19.34 1.55
N GLU F 99 -10.55 19.52 2.88
CA GLU F 99 -9.32 19.81 3.60
C GLU F 99 -8.58 18.52 3.90
N VAL F 100 -7.24 18.59 3.86
CA VAL F 100 -6.42 17.40 4.05
C VAL F 100 -6.55 16.87 5.46
N THR F 101 -6.15 17.68 6.44
CA THR F 101 -6.23 17.26 7.84
C THR F 101 -6.84 18.37 8.70
N LYS F 102 -7.06 18.08 9.98
CA LYS F 102 -7.69 19.04 10.89
C LYS F 102 -6.82 19.19 12.13
N ASN F 103 -6.48 20.43 12.46
CA ASN F 103 -5.62 20.70 13.61
C ASN F 103 -6.37 20.51 14.91
N GLN F 104 -5.61 20.26 15.98
CA GLN F 104 -6.18 20.06 17.30
C GLN F 104 -5.44 20.81 18.41
N SER F 105 -4.43 21.62 18.08
CA SER F 105 -3.66 22.33 19.08
C SER F 105 -3.56 23.83 18.86
N GLY F 106 -3.83 24.34 17.66
CA GLY F 106 -3.71 25.75 17.38
C GLY F 106 -2.29 26.27 17.47
N ASN F 107 -1.32 25.47 17.02
CA ASN F 107 0.08 25.88 17.04
C ASN F 107 0.53 26.45 15.70
N MET F 108 -0.22 26.18 14.62
CA MET F 108 0.05 26.66 13.27
C MET F 108 1.25 25.91 12.69
N MET F 109 1.96 25.17 13.54
CA MET F 109 3.12 24.41 13.11
C MET F 109 2.81 22.95 12.85
N LEU F 110 1.88 22.38 13.61
CA LEU F 110 1.37 21.03 13.32
C LEU F 110 0.16 21.10 12.40
N SER F 111 0.31 21.85 11.30
CA SER F 111 -0.73 22.00 10.31
C SER F 111 -0.36 21.48 8.94
N THR F 112 0.93 21.38 8.63
CA THR F 112 1.43 20.80 7.40
C THR F 112 2.51 19.78 7.74
N PRO F 113 2.69 18.76 6.89
CA PRO F 113 3.73 17.75 7.18
C PRO F 113 5.12 18.35 7.31
N TRP F 114 5.44 19.36 6.50
CA TRP F 114 6.77 19.97 6.57
C TRP F 114 6.99 20.64 7.91
N GLY F 115 5.97 21.32 8.44
CA GLY F 115 6.10 21.92 9.76
C GLY F 115 6.31 20.89 10.85
N LYS F 116 5.63 19.75 10.74
CA LYS F 116 5.82 18.68 11.72
C LYS F 116 7.23 18.10 11.62
N MET F 117 7.76 17.94 10.41
CA MET F 117 9.14 17.52 10.25
C MET F 117 10.09 18.52 10.89
N PHE F 118 9.83 19.82 10.69
CA PHE F 118 10.70 20.84 11.25
C PHE F 118 10.66 20.83 12.77
N GLU F 119 9.47 20.65 13.36
CA GLU F 119 9.39 20.54 14.82
C GLU F 119 10.11 19.31 15.35
N GLN F 120 10.00 18.18 14.65
CA GLN F 120 10.73 17.00 15.07
C GLN F 120 12.24 17.23 15.03
N LEU F 121 12.72 17.86 13.95
CA LEU F 121 14.14 18.15 13.84
C LEU F 121 14.60 19.11 14.92
N LYS F 122 13.81 20.15 15.19
CA LYS F 122 14.16 21.10 16.24
C LYS F 122 14.19 20.45 17.61
N ALA F 123 13.22 19.58 17.89
CA ALA F 123 13.21 18.88 19.18
C ALA F 123 14.41 17.97 19.33
N ARG F 124 14.79 17.27 18.26
CA ARG F 124 15.95 16.38 18.34
C ARG F 124 17.24 17.16 18.50
N ARG F 125 17.45 18.18 17.66
CA ARG F 125 18.75 18.84 17.60
C ARG F 125 19.00 19.68 18.85
N ARG F 126 18.04 20.52 19.23
CA ARG F 126 18.19 21.37 20.41
C ARG F 126 17.14 21.11 21.46
N GLY F 127 15.86 21.13 21.09
CA GLY F 127 14.79 20.95 22.04
C GLY F 127 13.74 22.03 21.94
N ARG F 128 12.55 21.76 22.47
CA ARG F 128 11.44 22.70 22.43
C ARG F 128 11.26 23.45 23.75
N PHE F 129 12.28 23.45 24.60
CA PHE F 129 12.22 23.99 25.95
C PHE F 129 12.75 25.41 26.00
N ALA F 130 12.40 26.11 27.10
CA ALA F 130 12.87 27.48 27.32
C ALA F 130 12.82 27.75 28.82
N LEU F 131 13.99 27.77 29.45
CA LEU F 131 14.13 28.10 30.87
C LEU F 131 14.95 29.36 31.01
N MET F 132 14.45 30.33 31.78
CA MET F 132 15.09 31.63 31.92
C MET F 132 15.12 32.06 33.38
N THR F 133 16.11 32.91 33.69
CA THR F 133 16.24 33.53 34.99
C THR F 133 16.75 34.96 34.80
N GLY F 134 16.56 35.79 35.83
CA GLY F 134 16.96 37.17 35.74
C GLY F 134 18.46 37.36 35.77
N LEU F 135 18.90 38.56 35.40
CA LEU F 135 20.32 38.90 35.34
C LEU F 135 20.68 39.81 36.52
N ARG F 136 21.41 39.26 37.48
CA ARG F 136 21.84 39.96 38.69
C ARG F 136 23.27 39.63 39.05
N ILE G 4 24.55 9.93 7.06
CA ILE G 4 25.19 8.93 6.22
C ILE G 4 26.70 8.99 6.39
N MET G 5 27.36 7.84 6.29
CA MET G 5 28.81 7.77 6.37
C MET G 5 29.47 7.15 5.15
N ASN G 6 28.77 6.30 4.42
CA ASN G 6 29.33 5.62 3.25
C ASN G 6 28.15 5.09 2.42
N GLN G 7 28.47 4.35 1.36
CA GLN G 7 27.48 4.10 0.31
C GLN G 7 26.67 2.82 0.49
N GLU G 8 27.28 1.71 0.91
CA GLU G 8 26.56 0.44 0.89
C GLU G 8 25.38 0.45 1.86
N THR G 9 25.46 1.24 2.92
CA THR G 9 24.30 1.39 3.79
C THR G 9 23.14 2.07 3.07
N LEU G 10 23.43 3.05 2.21
CA LEU G 10 22.39 3.69 1.42
C LEU G 10 21.75 2.69 0.47
N ILE G 11 22.58 1.87 -0.19
CA ILE G 11 22.07 0.85 -1.10
C ILE G 11 21.17 -0.12 -0.36
N ALA G 12 21.62 -0.58 0.82
CA ALA G 12 20.83 -1.52 1.60
C ALA G 12 19.52 -0.92 2.04
N ALA G 13 19.54 0.35 2.47
CA ALA G 13 18.30 1.01 2.89
C ALA G 13 17.32 1.12 1.74
N VAL G 14 17.79 1.55 0.56
CA VAL G 14 16.90 1.70 -0.58
C VAL G 14 16.35 0.34 -1.01
N GLU G 15 17.21 -0.69 -1.00
CA GLU G 15 16.74 -2.03 -1.35
C GLU G 15 15.69 -2.53 -0.37
N GLN G 16 15.88 -2.26 0.92
CA GLN G 16 14.89 -2.67 1.91
C GLN G 16 13.56 -1.95 1.71
N MET G 17 13.61 -0.64 1.42
CA MET G 17 12.38 0.08 1.14
C MET G 17 11.66 -0.49 -0.07
N ARG G 18 12.41 -0.80 -1.14
CA ARG G 18 11.78 -1.39 -2.32
C ARG G 18 11.25 -2.79 -2.03
N LYS G 19 11.91 -3.53 -1.14
CA LYS G 19 11.46 -4.87 -0.79
C LYS G 19 10.15 -4.82 -0.01
N LEU G 20 10.01 -3.86 0.90
CA LEU G 20 8.77 -3.74 1.66
C LEU G 20 7.62 -3.31 0.76
N VAL G 21 7.82 -2.30 -0.06
CA VAL G 21 6.80 -1.77 -0.95
C VAL G 21 7.27 -1.92 -2.38
N PRO G 22 6.76 -2.92 -3.11
CA PRO G 22 7.20 -3.11 -4.50
C PRO G 22 6.84 -1.96 -5.43
N ALA G 23 5.91 -1.09 -5.05
CA ALA G 23 5.51 0.01 -5.91
C ALA G 23 6.62 1.04 -6.11
N LEU G 24 7.66 1.02 -5.29
CA LEU G 24 8.78 1.95 -5.44
C LEU G 24 9.83 1.47 -6.43
N ARG G 25 9.65 0.29 -7.03
CA ARG G 25 10.56 -0.16 -8.07
C ARG G 25 10.51 0.71 -9.32
N LYS G 26 9.44 1.50 -9.47
CA LYS G 26 9.31 2.39 -10.62
C LYS G 26 9.70 3.83 -10.32
N VAL G 27 9.81 4.20 -9.05
CA VAL G 27 10.16 5.58 -8.67
C VAL G 27 11.60 5.85 -9.08
N PRO G 28 11.91 7.03 -9.59
CA PRO G 28 13.31 7.36 -9.89
C PRO G 28 14.20 7.22 -8.66
N ASP G 29 15.43 6.75 -8.89
CA ASP G 29 16.33 6.40 -7.80
C ASP G 29 16.76 7.63 -7.00
N GLU G 30 16.99 8.76 -7.68
CA GLU G 30 17.52 9.93 -7.01
C GLU G 30 16.55 10.47 -5.97
N THR G 31 15.25 10.43 -6.25
CA THR G 31 14.27 10.89 -5.27
C THR G 31 14.31 10.04 -4.00
N LEU G 32 14.42 8.71 -4.16
CA LEU G 32 14.54 7.85 -2.99
C LEU G 32 15.82 8.13 -2.23
N TYR G 33 16.92 8.36 -2.94
CA TYR G 33 18.17 8.75 -2.27
C TYR G 33 17.99 9.99 -1.44
N ALA G 34 17.37 11.03 -2.02
CA ALA G 34 17.17 12.27 -1.28
C ALA G 34 16.29 12.04 -0.06
N TRP G 35 15.21 11.29 -0.22
CA TRP G 35 14.29 11.05 0.89
C TRP G 35 14.99 10.30 2.03
N VAL G 36 15.77 9.26 1.69
CA VAL G 36 16.41 8.47 2.75
C VAL G 36 17.52 9.28 3.42
N GLU G 37 18.29 10.06 2.66
CA GLU G 37 19.36 10.83 3.29
C GLU G 37 18.82 12.02 4.08
N MET G 38 17.57 12.44 3.81
CA MET G 38 16.98 13.46 4.66
C MET G 38 16.28 12.86 5.87
N ALA G 39 15.79 11.63 5.76
CA ALA G 39 15.19 10.95 6.91
C ALA G 39 16.24 10.35 7.84
N GLU G 40 17.49 10.23 7.38
CA GLU G 40 18.55 9.74 8.24
C GLU G 40 18.84 10.70 9.39
N LEU G 41 18.44 11.97 9.27
CA LEU G 41 18.76 12.96 10.29
C LEU G 41 18.04 12.71 11.61
N PHE G 42 16.93 11.97 11.61
CA PHE G 42 16.13 11.78 12.80
C PHE G 42 16.42 10.50 13.55
N VAL G 43 17.10 9.55 12.93
CA VAL G 43 17.32 8.24 13.52
C VAL G 43 18.69 8.21 14.18
N CYS G 44 18.81 7.43 15.26
CA CYS G 44 20.06 7.29 15.99
C CYS G 44 20.73 5.97 15.64
N GLN G 45 22.01 6.04 15.25
CA GLN G 45 22.75 4.82 14.94
C GLN G 45 23.17 4.07 16.19
N LYS G 46 23.57 4.79 17.25
CA LYS G 46 24.02 4.14 18.46
C LYS G 46 22.91 3.40 19.20
N THR G 47 21.65 3.79 18.97
CA THR G 47 20.54 3.16 19.67
C THR G 47 20.28 1.75 19.16
N PHE G 48 20.10 1.61 17.85
CA PHE G 48 19.78 0.32 17.27
C PHE G 48 21.03 -0.54 17.10
N LYS G 49 22.00 -0.03 16.32
CA LYS G 49 23.36 -0.54 16.15
C LYS G 49 23.40 -1.99 15.64
N ASP G 50 22.24 -2.58 15.42
CA ASP G 50 22.15 -3.90 14.80
C ASP G 50 21.16 -3.95 13.65
N ALA G 51 20.04 -3.24 13.78
CA ALA G 51 19.01 -3.14 12.75
C ALA G 51 18.90 -1.70 12.26
N TYR G 52 20.05 -1.04 12.07
CA TYR G 52 20.06 0.35 11.68
C TYR G 52 19.38 0.56 10.33
N VAL G 53 19.67 -0.32 9.36
CA VAL G 53 19.09 -0.18 8.03
C VAL G 53 17.57 -0.33 8.07
N LYS G 54 17.08 -1.28 8.89
CA LYS G 54 15.64 -1.45 9.03
C LYS G 54 14.99 -0.21 9.61
N ALA G 55 15.62 0.40 10.63
CA ALA G 55 15.07 1.62 11.22
C ALA G 55 15.06 2.76 10.21
N ILE G 56 16.14 2.90 9.44
CA ILE G 56 16.19 3.96 8.43
C ILE G 56 15.09 3.75 7.39
N ALA G 57 14.91 2.50 6.94
CA ALA G 57 13.87 2.24 5.94
C ALA G 57 12.49 2.53 6.49
N LEU G 58 12.21 2.10 7.72
CA LEU G 58 10.89 2.36 8.31
C LEU G 58 10.64 3.85 8.48
N TYR G 59 11.64 4.59 8.97
CA TYR G 59 11.44 6.01 9.18
C TYR G 59 11.27 6.75 7.85
N ALA G 60 12.03 6.36 6.82
CA ALA G 60 11.87 6.99 5.52
C ALA G 60 10.50 6.71 4.94
N LEU G 61 10.02 5.47 5.06
CA LEU G 61 8.69 5.13 4.56
C LEU G 61 7.62 5.91 5.29
N HIS G 62 7.75 6.05 6.61
CA HIS G 62 6.78 6.81 7.38
C HIS G 62 6.82 8.29 7.01
N LEU G 63 8.03 8.83 6.79
CA LEU G 63 8.18 10.25 6.50
C LEU G 63 7.70 10.59 5.10
N ALA G 64 7.73 9.63 4.18
CA ALA G 64 7.29 9.87 2.81
C ALA G 64 5.79 9.71 2.62
N PHE G 65 5.04 9.41 3.69
CA PHE G 65 3.63 9.07 3.57
C PHE G 65 2.76 9.72 4.64
N LEU G 66 3.20 10.84 5.22
CA LEU G 66 2.39 11.48 6.27
C LEU G 66 1.05 11.94 5.74
N ASP G 67 1.05 12.93 4.86
CA ASP G 67 -0.16 13.45 4.24
C ASP G 67 -0.09 13.41 2.73
N GLY G 68 0.94 12.79 2.16
CA GLY G 68 1.19 12.84 0.75
C GLY G 68 2.28 13.83 0.42
N ALA G 69 3.50 13.34 0.22
CA ALA G 69 4.63 14.22 -0.07
C ALA G 69 5.36 13.73 -1.32
N LEU G 70 5.44 12.41 -1.48
CA LEU G 70 6.07 11.82 -2.67
C LEU G 70 5.01 11.66 -3.77
N LYS G 71 4.68 12.79 -4.37
CA LYS G 71 3.63 12.85 -5.39
C LYS G 71 4.18 12.80 -6.81
N GLY G 72 5.49 12.82 -7.00
CA GLY G 72 6.05 12.79 -8.33
C GLY G 72 5.95 14.14 -9.04
N GLU G 73 6.15 14.10 -10.34
CA GLU G 73 6.15 15.30 -11.18
C GLU G 73 4.78 15.45 -11.85
N ASP G 74 4.50 16.66 -12.31
CA ASP G 74 3.23 17.00 -12.97
C ASP G 74 2.05 16.72 -12.05
N GLU G 75 2.00 17.44 -10.93
CA GLU G 75 0.93 17.29 -9.96
C GLU G 75 0.42 18.63 -9.43
N ASP G 76 0.80 19.74 -10.06
CA ASP G 76 0.36 21.08 -9.66
C ASP G 76 0.79 21.42 -8.24
N LEU G 77 0.37 22.60 -7.76
CA LEU G 77 0.67 23.02 -6.40
C LEU G 77 -0.55 23.00 -5.49
N GLU G 78 -1.76 22.97 -6.03
CA GLU G 78 -2.96 22.92 -5.21
C GLU G 78 -3.14 21.56 -4.54
N SER G 79 -2.49 20.51 -5.06
CA SER G 79 -2.62 19.19 -4.46
C SER G 79 -1.94 19.11 -3.10
N TYR G 80 -1.06 20.07 -2.80
CA TYR G 80 -0.34 20.08 -1.53
C TYR G 80 -1.08 20.82 -0.43
N SER G 81 -2.23 21.42 -0.72
CA SER G 81 -2.99 22.16 0.27
C SER G 81 -4.41 21.65 0.45
N ARG G 82 -5.00 21.00 -0.56
CA ARG G 82 -6.34 20.45 -0.47
C ARG G 82 -6.37 19.06 -1.08
N ARG G 83 -7.35 18.28 -0.67
CA ARG G 83 -7.52 16.92 -1.16
C ARG G 83 -8.87 16.81 -1.90
N VAL G 84 -8.90 15.94 -2.90
CA VAL G 84 -10.09 15.69 -3.69
C VAL G 84 -10.84 14.49 -3.09
N THR G 85 -12.15 14.66 -2.89
CA THR G 85 -12.95 13.61 -2.28
C THR G 85 -13.89 12.91 -3.25
N SER G 86 -14.16 13.50 -4.41
CA SER G 86 -15.06 12.89 -5.38
C SER G 86 -14.73 13.39 -6.78
N PHE G 87 -15.01 12.55 -7.77
CA PHE G 87 -14.82 12.92 -9.17
C PHE G 87 -15.68 12.01 -10.03
N SER G 88 -16.44 12.61 -10.94
CA SER G 88 -17.28 11.87 -11.86
C SER G 88 -17.14 12.46 -13.26
N LEU G 89 -17.35 11.62 -14.26
CA LEU G 89 -17.21 12.00 -15.66
C LEU G 89 -18.55 11.77 -16.37
N SER G 90 -19.35 12.83 -16.49
CA SER G 90 -20.63 12.81 -17.19
C SER G 90 -21.50 11.72 -16.56
N GLY G 91 -22.09 10.82 -17.33
CA GLY G 91 -22.80 9.68 -16.78
C GLY G 91 -22.09 8.39 -17.14
N GLU G 92 -20.76 8.40 -17.12
CA GLU G 92 -19.95 7.24 -17.47
C GLU G 92 -19.45 6.49 -16.24
N PHE G 93 -18.85 7.20 -15.28
CA PHE G 93 -18.38 6.57 -14.06
C PHE G 93 -18.26 7.64 -12.98
N SER G 94 -18.07 7.18 -11.74
CA SER G 94 -17.88 8.07 -10.60
C SER G 94 -16.99 7.39 -9.60
N GLN G 95 -16.42 8.18 -8.69
CA GLN G 95 -15.48 7.66 -7.72
C GLN G 95 -15.43 8.60 -6.52
N THR G 96 -15.19 8.03 -5.34
CA THR G 96 -15.16 8.79 -4.10
C THR G 96 -14.00 8.30 -3.25
N PHE G 97 -13.25 9.24 -2.66
CA PHE G 97 -12.07 8.95 -1.87
C PHE G 97 -12.30 9.37 -0.42
N GLY G 98 -11.33 9.06 0.43
CA GLY G 98 -11.44 9.41 1.83
C GLY G 98 -10.14 9.14 2.55
N GLU G 99 -10.06 9.65 3.77
CA GLU G 99 -8.87 9.48 4.61
C GLU G 99 -8.78 8.05 5.11
N VAL G 100 -7.55 7.56 5.26
CA VAL G 100 -7.35 6.16 5.64
C VAL G 100 -7.21 5.98 7.15
N THR G 101 -6.63 6.95 7.86
CA THR G 101 -6.33 6.80 9.28
C THR G 101 -6.71 8.06 10.03
N LYS G 102 -7.25 7.87 11.24
CA LYS G 102 -7.54 8.97 12.16
C LYS G 102 -6.46 9.02 13.23
N ASN G 103 -5.98 10.22 13.52
CA ASN G 103 -4.83 10.43 14.40
C ASN G 103 -5.15 11.49 15.45
N GLN G 104 -6.26 11.29 16.15
CA GLN G 104 -6.67 12.24 17.19
C GLN G 104 -5.64 12.37 18.30
N SER G 105 -4.75 11.40 18.45
CA SER G 105 -3.72 11.49 19.49
C SER G 105 -2.79 12.67 19.24
N GLY G 106 -2.39 12.90 17.99
CA GLY G 106 -1.53 14.01 17.67
C GLY G 106 -0.06 13.80 17.93
N ASN G 107 0.41 12.55 17.97
CA ASN G 107 1.82 12.27 18.19
C ASN G 107 2.64 12.56 16.94
N MET G 108 2.02 12.48 15.76
CA MET G 108 2.63 12.63 14.43
C MET G 108 3.39 11.37 14.04
N MET G 109 3.53 10.43 14.97
CA MET G 109 4.12 9.13 14.63
C MET G 109 3.10 8.01 14.55
N LEU G 110 1.94 8.16 15.19
CA LEU G 110 0.84 7.23 15.00
C LEU G 110 -0.12 7.73 13.92
N SER G 111 0.43 8.06 12.75
CA SER G 111 -0.37 8.45 11.60
C SER G 111 -0.30 7.46 10.45
N THR G 112 0.77 6.67 10.37
CA THR G 112 0.96 5.64 9.37
C THR G 112 1.41 4.36 10.05
N PRO G 113 1.14 3.20 9.45
CA PRO G 113 1.61 1.95 10.06
C PRO G 113 3.11 1.89 10.25
N TRP G 114 3.87 2.49 9.33
CA TRP G 114 5.33 2.49 9.44
C TRP G 114 5.77 3.24 10.69
N GLY G 115 5.12 4.37 11.00
CA GLY G 115 5.44 5.09 12.21
C GLY G 115 5.17 4.28 13.47
N LYS G 116 4.04 3.57 13.50
CA LYS G 116 3.73 2.73 14.65
C LYS G 116 4.75 1.61 14.81
N MET G 117 5.13 0.97 13.70
CA MET G 117 6.15 -0.08 13.78
C MET G 117 7.49 0.49 14.26
N PHE G 118 7.85 1.68 13.79
CA PHE G 118 9.09 2.30 14.25
C PHE G 118 9.03 2.62 15.74
N GLU G 119 7.89 3.12 16.22
CA GLU G 119 7.74 3.38 17.65
C GLU G 119 7.87 2.10 18.46
N GLN G 120 7.25 1.01 18.00
CA GLN G 120 7.36 -0.26 18.72
C GLN G 120 8.79 -0.77 18.73
N LEU G 121 9.49 -0.65 17.59
CA LEU G 121 10.88 -1.09 17.54
C LEU G 121 11.76 -0.26 18.46
N LYS G 122 11.54 1.05 18.50
CA LYS G 122 12.30 1.90 19.41
C LYS G 122 12.02 1.57 20.86
N ALA G 123 10.76 1.31 21.20
CA ALA G 123 10.41 0.93 22.57
C ALA G 123 11.07 -0.38 22.96
N ARG G 124 11.09 -1.35 22.05
CA ARG G 124 11.74 -2.63 22.34
C ARG G 124 13.25 -2.46 22.48
N ARG G 125 13.86 -1.64 21.63
CA ARG G 125 15.32 -1.50 21.62
C ARG G 125 15.80 -0.67 22.81
N ARG G 126 15.35 0.58 22.90
CA ARG G 126 15.79 1.49 23.96
C ARG G 126 14.66 1.89 24.89
N GLY G 127 13.56 2.41 24.36
CA GLY G 127 12.46 2.86 25.19
C GLY G 127 11.96 4.24 24.80
N ARG G 128 10.75 4.57 25.23
CA ARG G 128 10.12 5.85 24.90
C ARG G 128 10.26 6.88 26.00
N PHE G 129 11.12 6.63 26.98
CA PHE G 129 11.28 7.52 28.13
C PHE G 129 12.49 8.42 27.96
N ALA G 130 12.51 9.49 28.77
CA ALA G 130 13.67 10.39 28.84
C ALA G 130 13.74 10.92 30.27
N LEU G 131 14.51 10.23 31.11
CA LEU G 131 14.69 10.59 32.50
C LEU G 131 16.10 11.12 32.69
N MET G 132 16.22 12.36 33.13
CA MET G 132 17.51 13.01 33.26
C MET G 132 17.54 13.85 34.52
N THR G 133 18.75 14.21 34.94
CA THR G 133 18.96 15.08 36.09
C THR G 133 20.07 16.07 35.76
N GLY G 134 20.08 17.18 36.49
CA GLY G 134 21.05 18.23 36.20
C GLY G 134 22.47 17.79 36.49
N LEU G 135 23.41 18.37 35.74
CA LEU G 135 24.82 18.07 35.93
C LEU G 135 25.36 18.82 37.13
N ARG G 136 26.22 18.14 37.89
CA ARG G 136 26.84 18.65 39.13
C ARG G 136 25.89 19.51 39.97
N MET H 1 -10.08 27.98 -14.25
CA MET H 1 -9.89 26.65 -13.68
C MET H 1 -8.84 25.88 -14.48
N ASN H 2 -8.12 24.99 -13.80
CA ASN H 2 -7.04 24.24 -14.42
C ASN H 2 -7.59 22.98 -15.09
N TYR H 3 -7.21 22.79 -16.37
CA TYR H 3 -7.64 21.62 -17.11
C TYR H 3 -6.64 20.47 -17.08
N SER H 4 -5.38 20.74 -16.73
CA SER H 4 -4.41 19.66 -16.59
C SER H 4 -4.79 18.72 -15.46
N GLN H 5 -5.26 19.26 -14.33
CA GLN H 5 -5.71 18.42 -13.23
C GLN H 5 -6.89 17.56 -13.65
N ILE H 6 -7.83 18.14 -14.40
CA ILE H 6 -8.96 17.37 -14.92
C ILE H 6 -8.46 16.26 -15.85
N GLU H 7 -7.45 16.57 -16.66
CA GLU H 7 -6.87 15.55 -17.55
C GLU H 7 -6.28 14.40 -16.75
N ARG H 8 -5.53 14.70 -15.69
CA ARG H 8 -4.95 13.64 -14.87
C ARG H 8 -6.05 12.81 -14.21
N MET H 9 -7.08 13.47 -13.68
CA MET H 9 -8.18 12.75 -13.04
C MET H 9 -8.88 11.84 -14.03
N ALA H 10 -9.15 12.35 -15.25
CA ALA H 10 -9.81 11.53 -16.25
C ALA H 10 -8.95 10.34 -16.67
N ARG H 11 -7.64 10.57 -16.82
CA ARG H 11 -6.75 9.47 -17.19
C ARG H 11 -6.73 8.39 -16.12
N LYS H 12 -6.63 8.77 -14.85
CA LYS H 12 -6.64 7.78 -13.78
C LYS H 12 -7.98 7.06 -13.71
N GLY H 13 -9.09 7.79 -13.89
CA GLY H 13 -10.39 7.16 -13.86
C GLY H 13 -10.57 6.15 -14.98
N VAL H 14 -10.10 6.49 -16.19
CA VAL H 14 -10.16 5.55 -17.30
C VAL H 14 -9.28 4.34 -17.02
N ALA H 15 -8.09 4.57 -16.48
CA ALA H 15 -7.20 3.46 -16.15
C ALA H 15 -7.73 2.59 -15.02
N PHE H 16 -8.67 3.10 -14.22
CA PHE H 16 -9.25 2.30 -13.15
C PHE H 16 -10.15 1.20 -13.71
N PHE H 17 -11.19 1.58 -14.44
CA PHE H 17 -12.16 0.63 -14.96
C PHE H 17 -11.72 0.05 -16.32
N THR H 18 -10.51 -0.48 -16.38
CA THR H 18 -10.00 -1.05 -17.62
C THR H 18 -9.34 -2.39 -17.33
N ASP H 19 -9.30 -3.23 -18.36
CA ASP H 19 -8.68 -4.55 -18.27
C ASP H 19 -7.53 -4.60 -19.25
N PRO H 20 -6.29 -4.79 -18.80
CA PRO H 20 -5.13 -4.79 -19.69
C PRO H 20 -4.88 -6.12 -20.40
N SER H 21 -5.97 -6.75 -20.85
CA SER H 21 -5.87 -7.97 -21.63
C SER H 21 -6.80 -8.00 -22.84
N ARG H 22 -7.61 -6.97 -23.05
CA ARG H 22 -8.47 -6.91 -24.22
C ARG H 22 -7.72 -6.26 -25.38
N PRO H 23 -7.47 -6.98 -26.48
CA PRO H 23 -6.77 -6.35 -27.61
C PRO H 23 -7.66 -5.34 -28.31
N MET H 24 -7.21 -4.09 -28.34
CA MET H 24 -7.93 -3.01 -29.00
C MET H 24 -6.98 -2.26 -29.93
N ASN H 25 -7.37 -2.13 -31.18
CA ASN H 25 -6.60 -1.41 -32.18
C ASN H 25 -7.41 -0.23 -32.72
N LEU H 26 -6.81 0.52 -33.63
CA LEU H 26 -7.46 1.69 -34.20
C LEU H 26 -6.97 1.88 -35.62
N ILE H 27 -7.89 2.18 -36.54
CA ILE H 27 -7.60 2.29 -37.96
C ILE H 27 -7.90 3.71 -38.41
N LYS H 28 -6.95 4.32 -39.13
CA LYS H 28 -7.07 5.68 -39.63
C LYS H 28 -6.84 5.73 -41.14
N GLN H 29 -7.53 4.85 -41.87
CA GLN H 29 -7.43 4.85 -43.33
C GLN H 29 -7.86 6.21 -43.88
N GLY H 30 -7.10 6.72 -44.84
CA GLY H 30 -7.38 8.03 -45.37
C GLY H 30 -6.53 8.32 -46.60
N GLU H 31 -6.65 9.56 -47.08
CA GLU H 31 -5.96 10.04 -48.27
C GLU H 31 -6.33 9.18 -49.49
N TYR H 32 -7.61 9.25 -49.84
CA TYR H 32 -8.11 8.59 -51.02
C TYR H 32 -7.97 9.53 -52.23
N GLY H 33 -8.59 9.18 -53.35
CA GLY H 33 -8.51 9.97 -54.55
C GLY H 33 -8.78 9.13 -55.77
N TYR H 34 -9.49 9.68 -56.75
CA TYR H 34 -9.87 8.89 -57.91
C TYR H 34 -8.87 9.08 -59.04
N ASP H 35 -8.82 8.08 -59.91
CA ASP H 35 -7.91 8.08 -61.05
C ASP H 35 -8.47 9.00 -62.14
N GLU H 36 -7.81 9.03 -63.30
CA GLU H 36 -8.31 9.80 -64.43
C GLU H 36 -9.57 9.19 -65.02
N ASN H 37 -9.92 7.96 -64.63
CA ASN H 37 -11.20 7.35 -64.99
C ASN H 37 -12.07 6.99 -63.80
N GLY H 38 -11.51 6.82 -62.60
CA GLY H 38 -12.30 6.54 -61.43
C GLY H 38 -12.00 5.22 -60.75
N PHE H 39 -10.76 4.75 -60.86
CA PHE H 39 -10.37 3.46 -60.29
C PHE H 39 -9.15 3.68 -59.38
N GLU H 40 -9.37 3.63 -58.07
CA GLU H 40 -8.27 3.75 -57.12
C GLU H 40 -8.81 3.42 -55.72
N ILE H 41 -7.91 2.94 -54.86
CA ILE H 41 -8.26 2.58 -53.49
C ILE H 41 -7.35 3.35 -52.54
N PRO H 42 -7.80 3.57 -51.31
CA PRO H 42 -6.96 4.26 -50.32
C PRO H 42 -5.89 3.34 -49.78
N PRO H 43 -4.62 3.64 -50.04
CA PRO H 43 -3.54 2.75 -49.58
C PRO H 43 -3.03 3.09 -48.18
N MET H 44 -3.93 3.14 -47.19
CA MET H 44 -3.55 3.43 -45.82
C MET H 44 -4.37 2.57 -44.87
N GLU H 45 -3.69 2.01 -43.86
CA GLU H 45 -4.37 1.29 -42.80
C GLU H 45 -4.13 1.97 -41.46
N GLN H 46 -2.86 2.16 -41.11
CA GLN H 46 -2.45 2.90 -39.90
C GLN H 46 -3.07 2.28 -38.64
N VAL H 47 -2.68 1.05 -38.37
CA VAL H 47 -3.17 0.32 -37.20
C VAL H 47 -2.29 0.68 -36.01
N ILE H 48 -2.92 1.18 -34.94
CA ILE H 48 -2.20 1.53 -33.72
C ILE H 48 -2.94 0.96 -32.52
N PRO H 49 -2.24 0.54 -31.47
CA PRO H 49 -2.93 0.00 -30.28
C PRO H 49 -3.58 1.10 -29.46
N ILE H 50 -4.53 0.68 -28.63
CA ILE H 50 -5.29 1.59 -27.78
C ILE H 50 -5.93 0.76 -26.67
N SER H 51 -6.27 1.42 -25.57
CA SER H 51 -6.95 0.76 -24.45
C SER H 51 -8.02 1.69 -23.91
N GLY H 52 -9.02 1.09 -23.27
CA GLY H 52 -10.11 1.88 -22.72
C GLY H 52 -11.14 0.99 -22.05
N ALA H 53 -12.32 1.57 -21.81
CA ALA H 53 -13.41 0.90 -21.15
C ALA H 53 -14.66 0.93 -22.04
N THR H 54 -15.52 -0.07 -21.87
CA THR H 54 -16.74 -0.20 -22.63
C THR H 54 -17.92 -0.40 -21.69
N ARG H 55 -19.11 -0.04 -22.16
CA ARG H 55 -20.32 -0.12 -21.35
C ARG H 55 -21.54 -0.15 -22.26
N ARG H 56 -22.67 -0.53 -21.67
CA ARG H 56 -23.99 -0.55 -22.29
C ARG H 56 -24.00 -1.34 -23.60
N PRO H 57 -23.94 -2.67 -23.54
CA PRO H 57 -24.14 -3.46 -24.77
C PRO H 57 -25.57 -3.35 -25.26
N ASN H 58 -25.73 -3.51 -26.58
CA ASN H 58 -27.04 -3.39 -27.20
C ASN H 58 -27.08 -4.31 -28.41
N ALA H 59 -28.28 -4.80 -28.73
CA ALA H 59 -28.47 -5.73 -29.82
C ALA H 59 -29.14 -5.06 -31.01
N ARG H 60 -28.87 -5.59 -32.20
CA ARG H 60 -29.39 -5.06 -33.45
C ARG H 60 -30.49 -5.95 -33.98
N GLU H 61 -31.64 -5.35 -34.27
CA GLU H 61 -32.78 -6.05 -34.86
C GLU H 61 -33.23 -5.29 -36.09
N ILE H 62 -33.28 -5.97 -37.23
CA ILE H 62 -33.59 -5.34 -38.51
C ILE H 62 -34.92 -5.84 -39.08
N ASP H 63 -35.01 -7.14 -39.39
CA ASP H 63 -36.20 -7.69 -40.04
C ASP H 63 -36.64 -9.02 -39.45
N GLY H 64 -36.03 -9.49 -38.37
CA GLY H 64 -36.28 -10.84 -37.90
C GLY H 64 -35.51 -11.90 -38.63
N GLU H 65 -34.44 -11.54 -39.34
CA GLU H 65 -33.68 -12.46 -40.17
C GLU H 65 -32.56 -13.16 -39.41
N THR H 66 -32.45 -12.93 -38.10
CA THR H 66 -31.45 -13.59 -37.25
C THR H 66 -30.03 -13.31 -37.74
N ILE H 67 -29.65 -12.04 -37.69
CA ILE H 67 -28.30 -11.65 -38.06
C ILE H 67 -27.37 -11.62 -36.86
N ARG H 68 -27.91 -11.41 -35.65
CA ARG H 68 -27.15 -11.52 -34.40
C ARG H 68 -25.95 -10.58 -34.39
N ALA H 69 -26.25 -9.28 -34.42
CA ALA H 69 -25.24 -8.23 -34.32
C ALA H 69 -25.41 -7.49 -33.00
N SER H 70 -24.38 -6.72 -32.65
CA SER H 70 -24.40 -5.98 -31.39
C SER H 70 -23.51 -4.76 -31.51
N ASP H 71 -23.75 -3.79 -30.63
CA ASP H 71 -22.97 -2.55 -30.59
C ASP H 71 -22.92 -2.03 -29.16
N ILE H 72 -21.86 -1.29 -28.85
CA ILE H 72 -21.57 -0.85 -27.49
C ILE H 72 -21.12 0.60 -27.52
N LEU H 73 -20.84 1.13 -26.32
CA LEU H 73 -20.27 2.45 -26.13
C LEU H 73 -18.95 2.31 -25.38
N GLY H 74 -18.08 3.31 -25.53
CA GLY H 74 -16.75 3.23 -24.96
C GLY H 74 -16.30 4.55 -24.39
N ILE H 75 -15.29 4.46 -23.51
CA ILE H 75 -14.61 5.62 -22.94
C ILE H 75 -13.11 5.44 -23.17
N PHE H 76 -12.46 6.49 -23.66
CA PHE H 76 -11.05 6.37 -24.03
C PHE H 76 -10.22 7.53 -23.50
N ASN H 77 -8.95 7.58 -23.90
CA ASN H 77 -8.01 8.58 -23.42
C ASN H 77 -7.85 9.70 -24.46
N ASN H 78 -7.04 10.69 -24.11
CA ASN H 78 -6.88 11.87 -24.96
C ASN H 78 -5.91 11.66 -26.13
N ASP H 79 -4.89 10.83 -25.96
CA ASP H 79 -3.94 10.58 -27.04
C ASP H 79 -4.59 9.73 -28.11
N HIS H 80 -4.04 9.82 -29.33
CA HIS H 80 -4.59 9.15 -30.51
C HIS H 80 -6.05 9.57 -30.72
N GLU H 81 -6.20 10.86 -31.07
CA GLU H 81 -7.52 11.47 -31.15
C GLU H 81 -8.44 10.69 -32.08
N ILE H 82 -9.69 10.55 -31.65
CA ILE H 82 -10.70 9.82 -32.40
C ILE H 82 -11.38 10.77 -33.37
N ASN H 83 -11.80 10.25 -34.52
CA ASN H 83 -12.51 11.05 -35.50
C ASN H 83 -13.89 10.47 -35.77
N GLU H 84 -14.60 11.04 -36.74
CA GLU H 84 -15.99 10.68 -36.98
C GLU H 84 -16.13 9.49 -37.93
N GLY H 85 -15.04 9.00 -38.49
CA GLY H 85 -15.12 7.88 -39.42
C GLY H 85 -14.05 6.82 -39.24
N ASP H 86 -13.58 6.64 -38.00
CA ASP H 86 -12.54 5.68 -37.71
C ASP H 86 -13.13 4.32 -37.35
N TYR H 87 -12.26 3.32 -37.32
CA TYR H 87 -12.63 1.96 -36.94
C TYR H 87 -11.95 1.58 -35.64
N ILE H 88 -12.64 0.79 -34.82
CA ILE H 88 -12.13 0.30 -33.55
C ILE H 88 -12.14 -1.22 -33.59
N GLU H 89 -11.00 -1.83 -33.25
CA GLU H 89 -10.83 -3.28 -33.30
C GLU H 89 -10.95 -3.83 -31.89
N ILE H 90 -12.19 -4.09 -31.46
CA ILE H 90 -12.46 -4.57 -30.11
C ILE H 90 -12.58 -6.09 -30.17
N ASP H 91 -11.60 -6.77 -29.59
CA ASP H 91 -11.59 -8.23 -29.45
C ASP H 91 -11.80 -8.90 -30.81
N GLY H 92 -11.06 -8.39 -31.80
CA GLY H 92 -11.13 -8.95 -33.13
C GLY H 92 -12.38 -8.59 -33.92
N ILE H 93 -13.19 -7.65 -33.44
CA ILE H 93 -14.43 -7.26 -34.09
C ILE H 93 -14.34 -5.77 -34.41
N ARG H 94 -14.70 -5.42 -35.65
CA ARG H 94 -14.61 -4.02 -36.09
C ARG H 94 -15.89 -3.27 -35.75
N HIS H 95 -15.72 -2.04 -35.28
CA HIS H 95 -16.82 -1.12 -35.04
C HIS H 95 -16.48 0.23 -35.65
N VAL H 96 -17.50 0.94 -36.10
CA VAL H 96 -17.33 2.24 -36.73
C VAL H 96 -17.76 3.32 -35.74
N VAL H 97 -16.94 4.37 -35.62
CA VAL H 97 -17.21 5.46 -34.69
C VAL H 97 -18.20 6.41 -35.32
N VAL H 98 -19.49 6.19 -35.05
CA VAL H 98 -20.52 7.06 -35.61
C VAL H 98 -20.44 8.45 -34.99
N ASP H 99 -20.28 8.52 -33.67
CA ASP H 99 -20.22 9.78 -32.94
C ASP H 99 -18.92 9.85 -32.14
N ALA H 100 -18.27 11.01 -32.17
CA ALA H 100 -17.05 11.17 -31.39
C ALA H 100 -17.36 11.51 -29.94
N ARG H 101 -18.19 12.54 -29.72
CA ARG H 101 -18.64 12.98 -28.40
C ARG H 101 -17.47 13.19 -27.44
N PRO H 102 -16.58 14.15 -27.69
CA PRO H 102 -15.54 14.44 -26.71
C PRO H 102 -16.13 15.07 -25.46
N VAL H 103 -15.54 14.75 -24.31
CA VAL H 103 -15.91 15.44 -23.08
C VAL H 103 -15.10 16.73 -23.00
N GLN H 104 -15.64 17.77 -23.62
CA GLN H 104 -14.87 18.96 -23.93
C GLN H 104 -15.52 20.21 -23.34
N ALA H 105 -14.70 21.01 -22.68
CA ALA H 105 -15.01 22.41 -22.39
C ALA H 105 -13.84 23.30 -22.79
N SER H 106 -12.84 22.74 -23.46
CA SER H 106 -11.62 23.44 -23.80
C SER H 106 -10.97 22.73 -24.98
N LEU H 107 -9.92 23.34 -25.53
CA LEU H 107 -9.17 22.73 -26.59
C LEU H 107 -8.41 21.51 -26.07
N GLU H 108 -8.04 20.61 -26.99
CA GLU H 108 -7.36 19.36 -26.66
C GLU H 108 -8.17 18.58 -25.63
N PRO H 109 -9.26 17.95 -26.05
CA PRO H 109 -10.20 17.36 -25.08
C PRO H 109 -9.53 16.33 -24.18
N VAL H 110 -9.99 16.30 -22.93
CA VAL H 110 -9.39 15.42 -21.93
C VAL H 110 -9.65 13.95 -22.24
N ALA H 111 -10.84 13.65 -22.78
CA ALA H 111 -11.20 12.27 -23.06
C ALA H 111 -12.29 12.25 -24.13
N TYR H 112 -12.54 11.05 -24.64
CA TYR H 112 -13.56 10.82 -25.67
C TYR H 112 -14.54 9.76 -25.19
N ARG H 113 -15.79 9.89 -25.63
CA ARG H 113 -16.85 8.91 -25.33
C ARG H 113 -17.53 8.53 -26.63
N PRO H 114 -16.86 7.76 -27.49
CA PRO H 114 -17.42 7.46 -28.81
C PRO H 114 -18.60 6.51 -28.72
N VAL H 115 -19.40 6.51 -29.79
CA VAL H 115 -20.52 5.58 -29.96
C VAL H 115 -20.17 4.67 -31.12
N LEU H 116 -20.14 3.36 -30.86
CA LEU H 116 -19.67 2.38 -31.82
C LEU H 116 -20.82 1.50 -32.27
N ARG H 117 -20.89 1.26 -33.58
CA ARG H 117 -21.83 0.32 -34.17
C ARG H 117 -21.06 -0.71 -34.97
N ARG H 118 -21.50 -1.96 -34.92
CA ARG H 118 -20.77 -3.03 -35.60
C ARG H 118 -20.78 -2.80 -37.10
N VAL H 119 -19.65 -3.09 -37.74
CA VAL H 119 -19.46 -2.86 -39.17
C VAL H 119 -20.31 -3.88 -39.93
N SER H 120 -20.50 -3.64 -41.22
CA SER H 120 -21.41 -4.42 -42.07
C SER H 120 -22.81 -4.24 -41.49
N VAL H 121 -23.58 -5.30 -41.29
CA VAL H 121 -24.90 -5.16 -40.68
C VAL H 121 -25.07 -6.15 -39.54
#